data_5C3I
#
_entry.id   5C3I
#
_cell.length_a   147.704
_cell.length_b   147.704
_cell.length_c   261.796
_cell.angle_alpha   90.000
_cell.angle_beta   90.000
_cell.angle_gamma   120.000
#
_symmetry.space_group_name_H-M   'P 31 2 1'
#
loop_
_entity.id
_entity.type
_entity.pdbx_description
1 polymer 'Histone chaperone ASF1A'
2 polymer 'Histone H3.1'
3 polymer 'Histone H4'
4 polymer 'DNA replication licensing factor MCM2,MCM2'
#
loop_
_entity_poly.entity_id
_entity_poly.type
_entity_poly.pdbx_seq_one_letter_code
_entity_poly.pdbx_strand_id
1 'polypeptide(L)'
;MGSHHHHHHSNDPMAKVQVNNVVVLDNPSPFYNPFQFEITFECIEDLSEDLEWKIIYVGSAESEEYDQVLDSVLVGPVPA
GRHMFVFQADAPNPGLIPDADAVGVTVVLITCTYRGQEFIRVGYYVNNEYTETELRENPPVKPDFSKLQRNILASNPRVT
RFHINWEDNTEKLEDAESSNPNLQSLLS
;
A,E,I,M,Q,U
2 'polypeptide(L)'
;MARTKQTARKSTGGKAPRKQLATKAARKSAPATGGVKKPHRYRPGTVALREIRRYQKSTELLIRKLPFQRLVREIAQDFK
TDLRFQSSAVMALQEACEAYLVGLFEDTNLCAIHAKRVTIMPKDIQLARRIRGERA
;
B,F,J,N,R,V
3 'polypeptide(L)'
;MSGRGKGGKGLGKGGAKRHRKVLRDNIQGITKPAIRRLARRGGVKRISGLIYEETRGVLKVFLENVIRDAVTYTEHAKRK
TVTAMDVVYALKRQGRTLYGFGG
;
C,G,K,O,S,W
4 'polypeptide(L)'
;SLEEEEDGEELIGDGMERDYRAIPELDAYEAEGLALDDEDVEELTASQREAAERAMRQRDREA(UNK)(UNK)(UNK)
(UNK)(UNK)(UNK)(UNK)(UNK)(UNK)(UNK)(UNK)(UNK)(UNK)(UNK)(UNK)(UNK)(UNK)(UNK)(UNK)
(UNK)(UNK)(UNK)(UNK)(UNK)(UNK)(UNK)(UNK)(UNK)(UNK)(UNK)
;
D,H,L,P,T,X
#
# COMPACT_ATOMS: atom_id res chain seq x y z
N ALA A 15 41.81 52.69 -23.99
CA ALA A 15 43.03 53.54 -23.80
C ALA A 15 43.86 53.64 -25.08
N LYS A 16 44.17 54.88 -25.48
CA LYS A 16 44.97 55.16 -26.67
C LYS A 16 46.46 55.17 -26.31
N VAL A 17 46.76 55.78 -25.17
CA VAL A 17 48.13 55.94 -24.72
C VAL A 17 48.37 55.00 -23.54
N GLN A 18 49.48 54.27 -23.61
CA GLN A 18 49.84 53.31 -22.58
C GLN A 18 51.29 53.50 -22.18
N VAL A 19 51.53 53.70 -20.88
CA VAL A 19 52.89 53.74 -20.35
C VAL A 19 53.39 52.31 -20.23
N ASN A 20 54.53 52.04 -20.86
CA ASN A 20 55.11 50.71 -20.87
C ASN A 20 56.13 50.52 -19.76
N ASN A 21 56.88 51.58 -19.47
CA ASN A 21 57.95 51.53 -18.49
C ASN A 21 58.40 52.92 -18.04
N VAL A 22 58.94 53.01 -16.83
CA VAL A 22 59.62 54.21 -16.34
C VAL A 22 60.94 53.77 -15.73
N VAL A 23 62.00 54.54 -16.01
CA VAL A 23 63.32 54.25 -15.47
C VAL A 23 63.77 55.38 -14.54
N VAL A 24 64.18 55.02 -13.33
CA VAL A 24 64.80 55.98 -12.42
C VAL A 24 66.29 55.98 -12.76
N LEU A 25 66.85 57.17 -13.02
CA LEU A 25 68.17 57.26 -13.65
C LEU A 25 69.37 57.41 -12.70
N ASP A 26 69.39 58.48 -11.90
CA ASP A 26 70.49 58.65 -10.94
C ASP A 26 70.04 58.31 -9.53
N ASN A 27 70.27 57.05 -9.13
CA ASN A 27 69.75 56.58 -7.86
C ASN A 27 70.64 55.55 -7.15
N PRO A 28 71.00 55.82 -5.88
CA PRO A 28 70.67 57.04 -5.13
C PRO A 28 71.51 58.25 -5.57
N SER A 29 71.16 59.41 -5.06
CA SER A 29 71.78 60.68 -5.46
C SER A 29 71.65 61.70 -4.33
N PRO A 30 72.50 62.74 -4.32
CA PRO A 30 72.30 63.90 -3.45
C PRO A 30 70.86 64.45 -3.51
N PHE A 31 70.39 65.04 -2.42
CA PHE A 31 69.04 65.62 -2.37
C PHE A 31 68.78 66.72 -3.40
N TYR A 32 69.81 67.51 -3.70
CA TYR A 32 69.67 68.66 -4.58
C TYR A 32 69.79 68.34 -6.07
N ASN A 33 70.20 67.12 -6.38
CA ASN A 33 70.22 66.63 -7.77
C ASN A 33 68.83 66.70 -8.42
N PRO A 34 68.78 66.83 -9.77
CA PRO A 34 67.48 66.80 -10.42
C PRO A 34 66.90 65.38 -10.48
N PHE A 35 65.56 65.28 -10.53
CA PHE A 35 64.87 64.00 -10.70
C PHE A 35 64.92 63.62 -12.18
N GLN A 36 65.35 62.39 -12.46
CA GLN A 36 65.44 61.93 -13.83
C GLN A 36 64.70 60.61 -14.04
N PHE A 37 63.69 60.66 -14.90
CA PHE A 37 62.95 59.47 -15.30
C PHE A 37 63.06 59.28 -16.80
N GLU A 38 62.97 58.04 -17.25
CA GLU A 38 62.96 57.76 -18.67
C GLU A 38 61.67 57.02 -19.01
N ILE A 39 60.68 57.80 -19.43
CA ILE A 39 59.33 57.29 -19.64
C ILE A 39 59.15 56.70 -21.05
N THR A 40 58.65 55.48 -21.11
CA THR A 40 58.35 54.81 -22.37
C THR A 40 56.85 54.59 -22.50
N PHE A 41 56.23 55.28 -23.44
CA PHE A 41 54.79 55.09 -23.69
C PHE A 41 54.50 54.68 -25.13
N GLU A 42 53.40 53.95 -25.31
CA GLU A 42 52.99 53.51 -26.62
C GLU A 42 51.67 54.19 -27.01
N CYS A 43 51.54 54.52 -28.29
CA CYS A 43 50.33 55.16 -28.78
C CYS A 43 49.74 54.33 -29.92
N ILE A 44 48.53 53.83 -29.70
CA ILE A 44 47.87 52.88 -30.61
C ILE A 44 47.60 53.50 -31.98
N GLU A 45 47.21 54.77 -31.99
CA GLU A 45 47.12 55.56 -33.22
C GLU A 45 47.43 57.04 -32.96
N ASP A 46 47.58 57.79 -34.04
CA ASP A 46 47.94 59.22 -34.01
C ASP A 46 47.07 60.07 -33.07
N LEU A 47 47.69 61.09 -32.48
CA LEU A 47 46.99 62.05 -31.63
C LEU A 47 47.25 63.48 -32.07
N SER A 48 46.18 64.24 -32.27
CA SER A 48 46.29 65.67 -32.54
C SER A 48 46.53 66.43 -31.24
N GLU A 49 45.88 65.98 -30.18
CA GLU A 49 45.95 66.63 -28.87
C GLU A 49 47.32 66.47 -28.20
N ASP A 50 47.52 67.19 -27.09
CA ASP A 50 48.73 67.08 -26.27
C ASP A 50 48.55 66.19 -25.05
N LEU A 51 49.63 65.53 -24.64
CA LEU A 51 49.69 64.84 -23.36
C LEU A 51 50.42 65.73 -22.36
N GLU A 52 50.08 65.62 -21.09
CA GLU A 52 50.75 66.42 -20.08
C GLU A 52 51.27 65.61 -18.92
N TRP A 53 52.59 65.67 -18.74
CA TRP A 53 53.28 64.98 -17.68
C TRP A 53 53.61 65.92 -16.56
N LYS A 54 53.51 65.44 -15.32
CA LYS A 54 53.87 66.20 -14.14
C LYS A 54 54.76 65.37 -13.24
N ILE A 55 55.71 66.01 -12.55
CA ILE A 55 56.42 65.36 -11.45
C ILE A 55 56.06 66.08 -10.15
N ILE A 56 55.43 65.35 -9.23
CA ILE A 56 54.99 65.90 -7.95
C ILE A 56 55.79 65.31 -6.79
N TYR A 57 56.27 66.16 -5.89
CA TYR A 57 56.92 65.73 -4.66
C TYR A 57 55.97 65.99 -3.49
N VAL A 58 55.63 64.94 -2.75
CA VAL A 58 54.77 65.10 -1.57
C VAL A 58 55.59 65.64 -0.39
N GLY A 59 55.42 66.92 -0.10
CA GLY A 59 56.17 67.58 0.95
C GLY A 59 55.80 67.07 2.33
N SER A 60 54.51 66.83 2.53
CA SER A 60 54.02 66.30 3.80
C SER A 60 52.89 65.31 3.63
N ALA A 61 52.96 64.22 4.38
CA ALA A 61 51.90 63.22 4.41
C ALA A 61 50.67 63.81 5.07
N GLU A 62 50.87 64.82 5.92
CA GLU A 62 49.80 65.42 6.69
C GLU A 62 48.82 66.22 5.83
N SER A 63 49.32 66.84 4.77
CA SER A 63 48.48 67.68 3.94
C SER A 63 48.87 67.68 2.47
N GLU A 64 47.85 67.76 1.62
CA GLU A 64 48.04 67.95 0.18
C GLU A 64 48.64 69.32 -0.13
N GLU A 65 48.45 70.28 0.78
CA GLU A 65 48.94 71.64 0.60
C GLU A 65 50.44 71.71 0.32
N TYR A 66 51.18 70.74 0.85
CA TYR A 66 52.64 70.76 0.79
C TYR A 66 53.22 69.97 -0.37
N ASP A 67 52.35 69.53 -1.28
CA ASP A 67 52.81 68.91 -2.52
C ASP A 67 53.48 69.97 -3.39
N GLN A 68 54.60 69.60 -3.99
CA GLN A 68 55.34 70.51 -4.86
C GLN A 68 55.44 69.94 -6.27
N VAL A 69 54.78 70.59 -7.21
CA VAL A 69 54.86 70.19 -8.61
C VAL A 69 56.19 70.70 -9.17
N LEU A 70 57.13 69.78 -9.32
CA LEU A 70 58.52 70.11 -9.65
C LEU A 70 58.69 70.55 -11.09
N ASP A 71 57.85 70.03 -11.97
CA ASP A 71 57.89 70.36 -13.39
C ASP A 71 56.63 69.87 -14.11
N SER A 72 56.18 70.64 -15.09
CA SER A 72 55.07 70.25 -15.92
C SER A 72 55.49 70.29 -17.37
N VAL A 73 55.43 69.14 -18.03
CA VAL A 73 55.91 68.99 -19.39
C VAL A 73 54.78 68.59 -20.33
N LEU A 74 54.84 69.12 -21.55
CA LEU A 74 53.82 68.93 -22.56
C LEU A 74 54.40 68.14 -23.73
N VAL A 75 53.66 67.15 -24.21
CA VAL A 75 54.10 66.30 -25.33
C VAL A 75 53.01 66.19 -26.40
N GLY A 76 53.34 66.55 -27.64
CA GLY A 76 52.39 66.44 -28.75
C GLY A 76 52.70 67.37 -29.92
N PRO A 77 52.17 67.04 -31.11
CA PRO A 77 51.34 65.87 -31.46
C PRO A 77 52.09 64.53 -31.41
N VAL A 78 51.33 63.44 -31.28
CA VAL A 78 51.88 62.10 -31.02
C VAL A 78 51.68 61.16 -32.20
N PRO A 79 52.78 60.67 -32.80
CA PRO A 79 52.68 59.60 -33.79
C PRO A 79 52.32 58.26 -33.15
N ALA A 80 51.87 57.31 -33.97
CA ALA A 80 51.59 55.95 -33.47
C ALA A 80 52.87 55.20 -33.15
N GLY A 81 52.84 54.38 -32.09
CA GLY A 81 53.98 53.54 -31.71
C GLY A 81 54.67 53.89 -30.40
N ARG A 82 55.85 53.33 -30.19
CA ARG A 82 56.63 53.55 -28.96
C ARG A 82 57.41 54.87 -28.97
N HIS A 83 57.24 55.63 -27.90
CA HIS A 83 58.00 56.88 -27.70
C HIS A 83 58.67 56.88 -26.36
N MET A 84 59.82 57.54 -26.26
CA MET A 84 60.66 57.43 -25.07
C MET A 84 61.47 58.70 -24.78
N PHE A 85 61.01 59.47 -23.79
CA PHE A 85 61.73 60.68 -23.40
C PHE A 85 62.21 60.65 -21.95
N VAL A 86 63.15 61.54 -21.63
CA VAL A 86 63.68 61.67 -20.26
C VAL A 86 63.11 62.93 -19.59
N PHE A 87 62.32 62.71 -18.54
CA PHE A 87 61.74 63.78 -17.75
C PHE A 87 62.76 64.21 -16.69
N GLN A 88 63.13 65.49 -16.72
CA GLN A 88 64.10 66.01 -15.77
C GLN A 88 63.53 67.21 -15.04
N ALA A 89 63.21 67.02 -13.76
CA ALA A 89 62.72 68.10 -12.91
C ALA A 89 63.75 68.44 -11.82
N ASP A 90 63.72 69.67 -11.32
CA ASP A 90 64.58 70.10 -10.22
C ASP A 90 64.13 69.49 -8.90
N ALA A 91 65.01 69.52 -7.90
CA ALA A 91 64.67 69.10 -6.54
C ALA A 91 63.60 70.03 -5.96
N PRO A 92 62.79 69.52 -5.01
CA PRO A 92 61.81 70.36 -4.34
C PRO A 92 62.48 71.45 -3.51
N ASN A 93 61.77 72.57 -3.33
CA ASN A 93 62.26 73.67 -2.50
C ASN A 93 62.15 73.29 -1.04
N PRO A 94 63.31 73.16 -0.35
CA PRO A 94 63.33 72.74 1.06
C PRO A 94 62.52 73.65 1.97
N GLY A 95 62.42 74.93 1.60
CA GLY A 95 61.63 75.90 2.36
C GLY A 95 60.17 75.54 2.53
N LEU A 96 59.62 74.83 1.55
CA LEU A 96 58.20 74.46 1.56
C LEU A 96 57.96 73.11 2.24
N ILE A 97 59.04 72.47 2.70
CA ILE A 97 58.97 71.17 3.37
C ILE A 97 58.95 71.34 4.89
N PRO A 98 57.95 70.75 5.58
CA PRO A 98 57.97 70.71 7.06
C PRO A 98 59.17 69.92 7.57
N ASP A 99 59.89 70.50 8.53
CA ASP A 99 61.03 69.82 9.17
C ASP A 99 60.65 68.43 9.64
N ALA A 100 59.45 68.33 10.22
CA ALA A 100 58.88 67.09 10.72
C ALA A 100 58.99 65.91 9.75
N ASP A 101 58.90 66.18 8.45
CA ASP A 101 58.80 65.12 7.44
C ASP A 101 60.01 65.03 6.49
N ALA A 102 60.93 65.99 6.61
CA ALA A 102 62.08 66.14 5.71
C ALA A 102 62.99 64.91 5.64
N VAL A 103 63.45 64.46 6.79
CA VAL A 103 64.32 63.28 6.88
C VAL A 103 63.47 62.04 7.11
N GLY A 104 63.49 61.12 6.16
CA GLY A 104 62.68 59.91 6.19
C GLY A 104 61.98 59.64 4.86
N VAL A 105 61.10 58.65 4.83
CA VAL A 105 60.46 58.24 3.60
C VAL A 105 59.26 59.13 3.22
N THR A 106 59.20 59.52 1.95
CA THR A 106 58.03 60.24 1.38
C THR A 106 57.72 59.78 -0.06
N VAL A 107 56.79 60.45 -0.73
CA VAL A 107 56.34 60.01 -2.06
C VAL A 107 56.61 60.99 -3.20
N VAL A 108 57.06 60.44 -4.34
CA VAL A 108 57.20 61.17 -5.60
C VAL A 108 56.26 60.59 -6.65
N LEU A 109 55.51 61.45 -7.32
CA LEU A 109 54.49 61.03 -8.27
C LEU A 109 54.78 61.53 -9.68
N ILE A 110 54.67 60.63 -10.66
CA ILE A 110 54.65 60.99 -12.07
C ILE A 110 53.23 60.77 -12.59
N THR A 111 52.54 61.84 -12.93
CA THR A 111 51.18 61.75 -13.47
C THR A 111 51.16 62.20 -14.92
N CYS A 112 50.22 61.65 -15.68
CA CYS A 112 49.97 62.10 -17.05
C CYS A 112 48.48 62.35 -17.25
N THR A 113 48.17 63.51 -17.80
CA THR A 113 46.79 63.89 -18.04
C THR A 113 46.53 64.01 -19.54
N TYR A 114 45.46 63.37 -20.00
CA TYR A 114 45.01 63.54 -21.37
C TYR A 114 43.69 64.28 -21.38
N ARG A 115 43.57 65.27 -22.26
CA ARG A 115 42.31 65.97 -22.50
C ARG A 115 41.73 66.48 -21.16
N GLY A 116 42.62 66.95 -20.28
CA GLY A 116 42.22 67.50 -18.99
C GLY A 116 42.08 66.52 -17.84
N GLN A 117 42.03 65.22 -18.18
CA GLN A 117 41.82 64.15 -17.20
C GLN A 117 43.11 63.41 -16.89
N GLU A 118 43.39 63.18 -15.61
CA GLU A 118 44.52 62.34 -15.20
C GLU A 118 44.16 60.88 -15.42
N PHE A 119 44.92 60.21 -16.27
CA PHE A 119 44.64 58.80 -16.58
C PHE A 119 45.62 57.80 -15.97
N ILE A 120 46.87 58.22 -15.79
CA ILE A 120 47.86 57.36 -15.13
C ILE A 120 48.63 58.10 -14.02
N ARG A 121 48.85 57.40 -12.92
CA ARG A 121 49.71 57.88 -11.86
C ARG A 121 50.70 56.80 -11.46
N VAL A 122 51.99 57.15 -11.48
CA VAL A 122 53.06 56.25 -11.05
C VAL A 122 53.77 56.85 -9.83
N GLY A 123 53.67 56.15 -8.70
CA GLY A 123 54.22 56.64 -7.45
C GLY A 123 55.41 55.85 -6.94
N TYR A 124 56.40 56.57 -6.43
CA TYR A 124 57.62 55.99 -5.89
C TYR A 124 57.81 56.40 -4.45
N TYR A 125 58.34 55.48 -3.65
CA TYR A 125 58.77 55.84 -2.30
C TYR A 125 60.18 56.41 -2.34
N VAL A 126 60.38 57.52 -1.65
CA VAL A 126 61.65 58.21 -1.63
C VAL A 126 62.18 58.33 -0.21
N ASN A 127 63.33 57.72 0.04
CA ASN A 127 63.97 57.75 1.36
C ASN A 127 64.98 58.88 1.46
N ASN A 128 64.87 59.68 2.52
CA ASN A 128 65.83 60.73 2.81
C ASN A 128 66.65 60.39 4.05
N GLU A 129 67.96 60.43 3.87
CA GLU A 129 68.87 59.66 4.67
C GLU A 129 70.21 60.34 4.69
N TYR A 130 70.75 60.54 5.89
CA TYR A 130 72.08 61.11 6.04
C TYR A 130 73.12 60.04 5.73
N THR A 131 74.08 60.38 4.88
CA THR A 131 75.11 59.44 4.41
C THR A 131 76.11 59.07 5.49
N GLU A 132 76.15 59.88 6.55
CA GLU A 132 77.12 59.74 7.63
C GLU A 132 76.50 59.07 8.85
N THR A 133 77.20 58.06 9.36
CA THR A 133 76.74 57.32 10.54
C THR A 133 76.51 58.24 11.73
N GLU A 134 77.43 59.20 11.92
CA GLU A 134 77.36 60.16 13.01
C GLU A 134 76.06 60.98 13.00
N LEU A 135 75.70 61.47 11.82
CA LEU A 135 74.48 62.26 11.64
C LEU A 135 73.22 61.42 11.72
N ARG A 136 73.34 60.13 11.38
CA ARG A 136 72.22 59.21 11.47
C ARG A 136 71.78 59.07 12.91
N GLU A 137 72.76 58.94 13.80
CA GLU A 137 72.51 58.80 15.22
C GLU A 137 72.11 60.13 15.87
N ASN A 138 72.84 61.20 15.54
CA ASN A 138 72.54 62.54 16.05
C ASN A 138 72.10 63.52 14.94
N PRO A 139 70.82 63.43 14.51
CA PRO A 139 70.34 64.29 13.43
C PRO A 139 70.20 65.75 13.88
N PRO A 140 70.46 66.71 12.97
CA PRO A 140 70.37 68.14 13.30
C PRO A 140 68.92 68.59 13.47
N VAL A 141 68.67 69.46 14.46
CA VAL A 141 67.31 69.93 14.78
C VAL A 141 66.58 70.45 13.53
N LYS A 142 67.22 71.38 12.82
CA LYS A 142 66.78 71.75 11.49
C LYS A 142 67.55 70.86 10.50
N PRO A 143 66.82 70.05 9.71
CA PRO A 143 67.45 69.14 8.74
C PRO A 143 68.45 69.86 7.82
N ASP A 144 69.56 69.18 7.54
CA ASP A 144 70.57 69.73 6.64
C ASP A 144 70.48 69.07 5.26
N PHE A 145 69.70 69.69 4.38
CA PHE A 145 69.39 69.16 3.06
C PHE A 145 70.62 68.98 2.18
N SER A 146 71.72 69.62 2.56
CA SER A 146 72.98 69.51 1.82
C SER A 146 73.67 68.17 2.07
N LYS A 147 73.39 67.56 3.22
CA LYS A 147 73.99 66.27 3.59
C LYS A 147 73.01 65.10 3.54
N LEU A 148 71.86 65.30 2.89
CA LEU A 148 70.84 64.27 2.73
C LEU A 148 70.94 63.59 1.38
N GLN A 149 70.94 62.26 1.40
CA GLN A 149 70.91 61.46 0.18
C GLN A 149 69.52 60.89 -0.04
N ARG A 150 69.02 60.98 -1.27
CA ARG A 150 67.71 60.44 -1.61
C ARG A 150 67.83 59.08 -2.27
N ASN A 151 67.06 58.11 -1.77
CA ASN A 151 67.02 56.77 -2.32
C ASN A 151 65.60 56.38 -2.76
N ILE A 152 65.34 56.57 -4.07
CA ILE A 152 64.06 56.25 -4.67
C ILE A 152 63.91 54.74 -4.79
N LEU A 153 62.80 54.23 -4.28
CA LEU A 153 62.54 52.80 -4.31
C LEU A 153 62.08 52.37 -5.72
N ALA A 154 63.07 52.23 -6.61
CA ALA A 154 62.82 51.92 -8.02
C ALA A 154 62.21 50.53 -8.23
N SER A 155 62.49 49.61 -7.32
CA SER A 155 62.05 48.22 -7.47
C SER A 155 60.54 48.05 -7.36
N ASN A 156 59.88 48.95 -6.62
CA ASN A 156 58.46 48.81 -6.33
C ASN A 156 57.63 50.05 -6.64
N PRO A 157 57.35 50.32 -7.92
CA PRO A 157 56.51 51.47 -8.26
C PRO A 157 55.02 51.14 -8.19
N ARG A 158 54.23 52.05 -7.63
CA ARG A 158 52.77 51.86 -7.63
C ARG A 158 52.14 52.56 -8.83
N VAL A 159 51.84 51.77 -9.85
CA VAL A 159 51.21 52.27 -11.07
C VAL A 159 49.70 52.20 -10.93
N THR A 160 49.04 53.34 -11.01
CA THR A 160 47.59 53.43 -10.88
C THR A 160 46.98 54.03 -12.14
N ARG A 161 46.12 53.27 -12.80
CA ARG A 161 45.43 53.72 -14.02
C ARG A 161 43.96 54.02 -13.74
N PHE A 162 43.44 55.09 -14.36
CA PHE A 162 42.04 55.49 -14.22
C PHE A 162 41.31 55.41 -15.56
N HIS A 163 40.00 55.16 -15.54
CA HIS A 163 39.20 55.17 -16.76
C HIS A 163 38.82 56.58 -17.14
N ILE A 164 39.32 57.04 -18.30
CA ILE A 164 39.05 58.39 -18.77
C ILE A 164 38.43 58.40 -20.17
N ASN A 165 37.55 59.35 -20.43
CA ASN A 165 36.92 59.50 -21.74
C ASN A 165 37.93 59.83 -22.83
N TRP A 166 38.12 58.90 -23.76
CA TRP A 166 38.98 59.13 -24.91
C TRP A 166 38.12 59.41 -26.11
N LEU B 49 42.29 27.68 -14.62
CA LEU B 49 42.84 27.89 -13.26
C LEU B 49 42.23 29.12 -12.57
N ARG B 50 41.43 29.89 -13.31
CA ARG B 50 40.69 31.00 -12.71
C ARG B 50 39.80 30.47 -11.59
N GLU B 51 39.36 29.22 -11.74
CA GLU B 51 38.63 28.51 -10.69
C GLU B 51 39.55 28.13 -9.54
N ILE B 52 40.85 28.04 -9.83
CA ILE B 52 41.88 27.84 -8.80
C ILE B 52 42.23 29.17 -8.13
N ARG B 53 42.09 30.27 -8.87
CA ARG B 53 42.26 31.63 -8.34
C ARG B 53 41.08 32.07 -7.46
N ARG B 54 39.86 31.83 -7.94
CA ARG B 54 38.65 32.16 -7.19
C ARG B 54 38.31 31.17 -6.07
N TYR B 55 39.05 30.08 -6.01
CA TYR B 55 39.05 29.21 -4.84
C TYR B 55 39.64 29.99 -3.65
N GLN B 56 40.66 30.79 -3.94
CA GLN B 56 41.34 31.57 -2.91
C GLN B 56 40.44 32.65 -2.29
N LYS B 57 39.68 33.36 -3.13
CA LYS B 57 38.66 34.31 -2.64
C LYS B 57 37.75 33.61 -1.64
N SER B 58 37.21 32.45 -2.04
CA SER B 58 36.32 31.67 -1.18
C SER B 58 36.95 31.32 0.17
N THR B 59 38.24 31.00 0.15
CA THR B 59 38.99 30.69 1.38
C THR B 59 39.64 31.93 2.02
N GLU B 60 39.24 33.12 1.58
CA GLU B 60 39.73 34.36 2.19
C GLU B 60 38.80 34.82 3.31
N LEU B 61 39.37 35.09 4.48
CA LEU B 61 38.62 35.71 5.56
C LEU B 61 39.31 36.99 5.99
N LEU B 62 38.69 38.12 5.69
CA LEU B 62 39.24 39.40 6.06
C LEU B 62 38.25 40.19 6.90
N ILE B 63 37.21 40.71 6.26
CA ILE B 63 36.10 41.31 6.99
C ILE B 63 34.92 40.35 6.92
N ARG B 64 34.27 40.14 8.06
CA ARG B 64 33.10 39.27 8.14
C ARG B 64 31.89 39.96 7.53
N LYS B 65 31.08 39.21 6.80
CA LYS B 65 30.08 39.79 5.90
C LYS B 65 29.00 40.63 6.61
N LEU B 66 28.37 40.05 7.62
CA LEU B 66 27.26 40.72 8.31
C LEU B 66 27.61 42.13 8.83
N PRO B 67 28.73 42.27 9.56
CA PRO B 67 29.08 43.63 9.99
C PRO B 67 29.37 44.58 8.81
N PHE B 68 29.95 44.05 7.73
CA PHE B 68 30.24 44.85 6.55
C PHE B 68 28.96 45.34 5.88
N GLN B 69 27.98 44.47 5.75
CA GLN B 69 26.70 44.82 5.15
C GLN B 69 26.04 45.99 5.90
N ARG B 70 26.04 45.92 7.23
CA ARG B 70 25.50 47.00 8.06
C ARG B 70 26.19 48.33 7.85
N LEU B 71 27.51 48.29 7.68
CA LEU B 71 28.29 49.47 7.38
C LEU B 71 27.91 50.05 6.02
N VAL B 72 27.72 49.17 5.05
CA VAL B 72 27.29 49.56 3.70
C VAL B 72 25.91 50.23 3.73
N ARG B 73 25.00 49.66 4.53
CA ARG B 73 23.66 50.24 4.68
C ARG B 73 23.72 51.61 5.34
N GLU B 74 24.46 51.71 6.45
CA GLU B 74 24.62 52.99 7.14
C GLU B 74 25.04 54.12 6.18
N ILE B 75 26.08 53.85 5.38
CA ILE B 75 26.60 54.84 4.44
C ILE B 75 25.63 55.11 3.29
N ALA B 76 24.89 54.08 2.88
CA ALA B 76 23.85 54.24 1.84
C ALA B 76 22.75 55.18 2.31
N GLN B 77 22.35 55.05 3.57
CA GLN B 77 21.38 55.93 4.20
C GLN B 77 21.73 57.41 4.00
N ASP B 78 22.98 57.77 4.30
CA ASP B 78 23.45 59.15 4.29
C ASP B 78 23.51 59.80 2.90
N PHE B 79 23.52 58.98 1.84
CA PHE B 79 23.52 59.50 0.47
C PHE B 79 22.14 59.50 -0.18
N LYS B 80 21.37 58.43 0.04
CA LYS B 80 20.02 58.30 -0.51
C LYS B 80 19.14 57.39 0.33
N THR B 81 18.00 57.93 0.73
CA THR B 81 17.02 57.19 1.52
C THR B 81 16.25 56.21 0.66
N ASP B 82 15.94 55.05 1.24
CA ASP B 82 15.09 54.02 0.61
C ASP B 82 15.68 53.32 -0.63
N LEU B 83 16.89 52.78 -0.48
CA LEU B 83 17.51 51.96 -1.53
C LEU B 83 17.69 50.53 -1.09
N ARG B 84 17.63 49.61 -2.05
CA ARG B 84 17.92 48.20 -1.78
C ARG B 84 19.18 47.79 -2.53
N PHE B 85 19.88 46.78 -2.00
CA PHE B 85 21.11 46.28 -2.59
C PHE B 85 20.95 44.87 -3.10
N GLN B 86 21.58 44.57 -4.23
CA GLN B 86 21.76 43.19 -4.65
C GLN B 86 22.89 42.62 -3.80
N SER B 87 22.75 41.36 -3.39
CA SER B 87 23.76 40.70 -2.57
C SER B 87 25.13 40.69 -3.25
N SER B 88 25.13 40.46 -4.56
CA SER B 88 26.37 40.42 -5.34
C SER B 88 27.00 41.80 -5.51
N ALA B 89 26.19 42.83 -5.29
CA ALA B 89 26.67 44.21 -5.26
C ALA B 89 27.37 44.52 -3.95
N VAL B 90 26.82 44.05 -2.84
CA VAL B 90 27.44 44.21 -1.53
C VAL B 90 28.77 43.45 -1.48
N MET B 91 28.82 42.29 -2.15
CA MET B 91 30.07 41.54 -2.17
C MET B 91 31.06 42.26 -3.05
N ALA B 92 30.60 42.75 -4.20
CA ALA B 92 31.47 43.53 -5.07
C ALA B 92 32.19 44.59 -4.23
N LEU B 93 31.43 45.33 -3.42
CA LEU B 93 31.98 46.36 -2.54
C LEU B 93 32.94 45.77 -1.51
N GLN B 94 32.62 44.59 -0.99
CA GLN B 94 33.43 43.97 0.06
C GLN B 94 34.78 43.54 -0.49
N GLU B 95 34.78 42.77 -1.57
CA GLU B 95 36.00 42.33 -2.22
C GLU B 95 36.87 43.52 -2.65
N ALA B 96 36.22 44.58 -3.11
CA ALA B 96 36.90 45.83 -3.43
C ALA B 96 37.53 46.48 -2.20
N CYS B 97 36.72 46.65 -1.15
CA CYS B 97 37.19 47.25 0.10
C CYS B 97 38.32 46.43 0.74
N GLU B 98 38.15 45.11 0.74
CA GLU B 98 39.16 44.22 1.29
C GLU B 98 40.44 44.25 0.45
N ALA B 99 40.30 44.22 -0.87
CA ALA B 99 41.43 44.35 -1.78
C ALA B 99 42.12 45.70 -1.61
N TYR B 100 41.33 46.76 -1.42
CA TYR B 100 41.84 48.12 -1.23
C TYR B 100 42.79 48.20 -0.03
N LEU B 101 42.31 47.77 1.13
CA LEU B 101 43.07 47.84 2.37
C LEU B 101 44.25 46.88 2.42
N VAL B 102 44.11 45.68 1.84
CA VAL B 102 45.21 44.72 1.74
C VAL B 102 46.40 45.34 1.01
N GLY B 103 46.14 45.89 -0.17
CA GLY B 103 47.17 46.55 -0.97
C GLY B 103 47.73 47.77 -0.27
N LEU B 104 46.86 48.48 0.46
CA LEU B 104 47.28 49.63 1.25
C LEU B 104 48.32 49.22 2.29
N PHE B 105 48.06 48.09 2.95
CA PHE B 105 48.99 47.53 3.95
C PHE B 105 50.28 47.01 3.32
N GLU B 106 50.20 46.57 2.06
CA GLU B 106 51.38 46.19 1.30
C GLU B 106 52.34 47.36 1.22
N ASP B 107 51.81 48.53 0.84
CA ASP B 107 52.60 49.76 0.75
C ASP B 107 53.08 50.21 2.13
N THR B 108 52.23 50.03 3.13
CA THR B 108 52.55 50.41 4.51
C THR B 108 53.74 49.58 5.00
N ASN B 109 53.68 48.27 4.79
CA ASN B 109 54.79 47.38 5.11
C ASN B 109 56.05 47.78 4.35
N LEU B 110 55.87 48.08 3.07
CA LEU B 110 56.98 48.48 2.20
C LEU B 110 57.61 49.80 2.64
N CYS B 111 56.76 50.71 3.13
CA CYS B 111 57.17 52.03 3.62
C CYS B 111 58.08 51.91 4.85
N ALA B 112 57.67 51.05 5.79
CA ALA B 112 58.47 50.77 6.97
C ALA B 112 59.77 50.04 6.64
N ILE B 113 59.71 49.05 5.74
CA ILE B 113 60.90 48.30 5.32
C ILE B 113 61.99 49.22 4.81
N HIS B 114 61.60 50.12 3.90
CA HIS B 114 62.50 51.04 3.22
C HIS B 114 63.01 52.11 4.15
N ALA B 115 62.29 52.34 5.23
CA ALA B 115 62.70 53.29 6.26
C ALA B 115 63.41 52.59 7.44
N LYS B 116 63.70 51.30 7.28
CA LYS B 116 64.26 50.45 8.36
C LYS B 116 63.50 50.53 9.69
N ARG B 117 62.21 50.18 9.66
CA ARG B 117 61.39 50.03 10.85
C ARG B 117 60.61 48.73 10.75
N VAL B 118 60.25 48.16 11.90
CA VAL B 118 59.42 46.94 11.92
C VAL B 118 57.99 47.25 12.37
N THR B 119 57.78 48.44 12.90
CA THR B 119 56.47 48.89 13.35
C THR B 119 55.92 49.94 12.41
N ILE B 120 54.76 49.66 11.84
CA ILE B 120 54.09 50.61 10.96
C ILE B 120 53.31 51.65 11.77
N MET B 121 53.05 52.81 11.16
CA MET B 121 52.49 53.97 11.86
C MET B 121 51.28 54.52 11.10
N PRO B 122 50.51 55.44 11.72
CA PRO B 122 49.41 56.07 10.99
C PRO B 122 49.90 56.88 9.80
N LYS B 123 51.08 57.48 9.90
CA LYS B 123 51.62 58.28 8.80
C LYS B 123 52.03 57.42 7.60
N ASP B 124 52.41 56.16 7.86
CA ASP B 124 52.80 55.23 6.79
C ASP B 124 51.59 54.86 5.94
N ILE B 125 50.42 54.77 6.58
CA ILE B 125 49.16 54.52 5.88
C ILE B 125 48.77 55.71 5.01
N GLN B 126 48.90 56.91 5.57
CA GLN B 126 48.57 58.16 4.86
C GLN B 126 49.50 58.39 3.66
N LEU B 127 50.75 57.95 3.78
CA LEU B 127 51.72 57.95 2.68
C LEU B 127 51.39 56.90 1.63
N ALA B 128 50.88 55.75 2.10
CA ALA B 128 50.38 54.69 1.21
C ALA B 128 49.18 55.17 0.40
N ARG B 129 48.45 56.15 0.93
CA ARG B 129 47.29 56.72 0.26
C ARG B 129 47.71 57.67 -0.86
N ARG B 130 48.89 58.27 -0.71
CA ARG B 130 49.36 59.23 -1.70
C ARG B 130 49.95 58.52 -2.92
N ILE B 131 50.68 57.43 -2.67
CA ILE B 131 51.34 56.66 -3.72
C ILE B 131 50.36 55.92 -4.64
N ARG B 132 49.15 55.69 -4.13
CA ARG B 132 48.06 55.13 -4.93
C ARG B 132 47.33 56.24 -5.65
N GLY B 133 47.74 57.49 -5.38
CA GLY B 133 47.21 58.64 -6.08
C GLY B 133 45.87 59.14 -5.63
N GLU B 134 45.80 59.58 -4.38
CA GLU B 134 44.61 60.24 -3.84
C GLU B 134 45.04 61.17 -2.71
N ARG B 135 44.07 61.64 -1.93
CA ARG B 135 44.32 62.54 -0.80
C ARG B 135 44.45 61.79 0.54
N ASP C 25 28.95 54.78 14.16
CA ASP C 25 28.98 53.59 15.08
C ASP C 25 29.32 52.28 14.35
N ASN C 26 28.61 52.01 13.26
CA ASN C 26 28.79 50.79 12.45
C ASN C 26 30.20 50.57 11.94
N ILE C 27 31.00 51.63 12.02
CA ILE C 27 32.39 51.60 11.59
C ILE C 27 33.24 50.70 12.50
N GLN C 28 32.87 50.63 13.77
CA GLN C 28 33.49 49.69 14.70
C GLN C 28 33.26 48.26 14.23
N GLY C 29 32.33 48.09 13.28
CA GLY C 29 32.12 46.82 12.57
C GLY C 29 33.39 46.29 11.92
N ILE C 30 34.24 47.19 11.46
CA ILE C 30 35.60 46.83 11.06
C ILE C 30 36.41 46.78 12.35
N THR C 31 36.50 45.57 12.88
CA THR C 31 37.04 45.31 14.21
C THR C 31 38.57 45.22 14.21
N LYS C 32 39.15 45.15 15.41
CA LYS C 32 40.59 44.93 15.57
C LYS C 32 41.07 43.64 14.89
N PRO C 33 40.35 42.51 15.08
CA PRO C 33 40.73 41.28 14.37
C PRO C 33 40.64 41.44 12.86
N ALA C 34 39.62 42.16 12.40
CA ALA C 34 39.43 42.40 10.96
C ALA C 34 40.65 43.10 10.38
N ILE C 35 41.05 44.19 11.02
CA ILE C 35 42.22 44.98 10.62
C ILE C 35 43.50 44.14 10.68
N ARG C 36 43.65 43.32 11.73
CA ARG C 36 44.79 42.42 11.85
C ARG C 36 44.93 41.46 10.68
N ARG C 37 43.84 40.76 10.35
CA ARG C 37 43.81 39.82 9.22
C ARG C 37 44.20 40.54 7.93
N LEU C 38 43.60 41.72 7.73
CA LEU C 38 43.89 42.55 6.58
C LEU C 38 45.38 42.87 6.52
N ALA C 39 45.91 43.41 7.61
CA ALA C 39 47.32 43.77 7.70
C ALA C 39 48.27 42.58 7.57
N ARG C 40 47.86 41.43 8.10
CA ARG C 40 48.62 40.20 7.97
C ARG C 40 48.75 39.81 6.50
N ARG C 41 47.63 39.81 5.78
CA ARG C 41 47.63 39.57 4.34
C ARG C 41 48.45 40.65 3.63
N GLY C 42 48.52 41.84 4.21
CA GLY C 42 49.32 42.94 3.67
C GLY C 42 50.82 42.71 3.78
N GLY C 43 51.22 41.85 4.72
CA GLY C 43 52.63 41.55 4.94
C GLY C 43 53.19 42.22 6.19
N VAL C 44 52.32 42.89 6.93
CA VAL C 44 52.68 43.60 8.16
C VAL C 44 53.16 42.62 9.25
N LYS C 45 54.10 43.07 10.09
CA LYS C 45 54.63 42.27 11.19
C LYS C 45 54.29 42.85 12.56
N ARG C 46 54.47 44.16 12.73
CA ARG C 46 54.05 44.85 13.93
C ARG C 46 53.16 46.03 13.57
N ILE C 47 52.24 46.36 14.45
CA ILE C 47 51.39 47.53 14.25
C ILE C 47 51.43 48.43 15.48
N SER C 48 51.31 49.73 15.26
CA SER C 48 51.09 50.67 16.35
C SER C 48 49.65 50.56 16.82
N GLY C 49 49.40 50.97 18.06
CA GLY C 49 48.03 50.98 18.60
C GLY C 49 47.11 51.86 17.76
N LEU C 50 47.68 52.89 17.16
CA LEU C 50 46.92 53.90 16.44
C LEU C 50 46.47 53.46 15.05
N ILE C 51 46.98 52.30 14.61
CA ILE C 51 46.62 51.72 13.31
C ILE C 51 45.13 51.42 13.22
N TYR C 52 44.57 50.89 14.30
CA TYR C 52 43.17 50.48 14.34
C TYR C 52 42.20 51.61 14.00
N GLU C 53 42.36 52.74 14.68
CA GLU C 53 41.48 53.88 14.46
C GLU C 53 41.71 54.50 13.08
N GLU C 54 42.99 54.62 12.72
CA GLU C 54 43.40 55.17 11.43
C GLU C 54 42.79 54.39 10.27
N THR C 55 42.85 53.07 10.34
CA THR C 55 42.37 52.18 9.28
C THR C 55 40.87 52.34 9.02
N ARG C 56 40.09 52.49 10.09
CA ARG C 56 38.66 52.78 9.97
C ARG C 56 38.41 54.08 9.21
N GLY C 57 39.11 55.14 9.60
CA GLY C 57 39.01 56.43 8.93
C GLY C 57 39.16 56.33 7.42
N VAL C 58 40.19 55.61 7.00
CA VAL C 58 40.51 55.40 5.58
C VAL C 58 39.42 54.64 4.83
N LEU C 59 38.87 53.60 5.47
CA LEU C 59 37.83 52.80 4.84
C LEU C 59 36.56 53.62 4.61
N LYS C 60 36.17 54.42 5.60
CA LYS C 60 34.96 55.24 5.45
C LYS C 60 35.10 56.20 4.27
N VAL C 61 36.28 56.81 4.12
CA VAL C 61 36.61 57.62 2.95
C VAL C 61 36.36 56.82 1.67
N PHE C 62 36.99 55.66 1.58
CA PHE C 62 36.91 54.84 0.38
C PHE C 62 35.49 54.39 0.10
N LEU C 63 34.78 53.96 1.16
CA LEU C 63 33.42 53.45 1.03
C LEU C 63 32.40 54.52 0.69
N GLU C 64 32.53 55.69 1.30
CA GLU C 64 31.65 56.83 1.00
C GLU C 64 31.75 57.20 -0.48
N ASN C 65 32.97 57.21 -1.02
CA ASN C 65 33.18 57.59 -2.41
C ASN C 65 32.56 56.60 -3.40
N VAL C 66 32.87 55.32 -3.24
CA VAL C 66 32.34 54.28 -4.12
C VAL C 66 30.80 54.22 -4.04
N ILE C 67 30.27 54.23 -2.81
CA ILE C 67 28.82 54.18 -2.60
C ILE C 67 28.10 55.39 -3.21
N ARG C 68 28.61 56.58 -2.93
CA ARG C 68 28.05 57.79 -3.54
C ARG C 68 27.97 57.66 -5.06
N ASP C 69 29.12 57.39 -5.70
CA ASP C 69 29.16 57.21 -7.15
C ASP C 69 28.13 56.21 -7.65
N ALA C 70 28.10 55.02 -7.04
CA ALA C 70 27.19 53.95 -7.43
C ALA C 70 25.72 54.32 -7.23
N VAL C 71 25.42 55.11 -6.21
CA VAL C 71 24.06 55.60 -5.95
C VAL C 71 23.56 56.52 -7.07
N THR C 72 24.44 57.41 -7.53
CA THR C 72 24.16 58.29 -8.65
C THR C 72 23.82 57.49 -9.91
N TYR C 73 24.55 56.40 -10.15
CA TYR C 73 24.26 55.46 -11.24
C TYR C 73 22.83 54.89 -11.14
N THR C 74 22.46 54.45 -9.94
CA THR C 74 21.14 53.89 -9.67
C THR C 74 20.06 54.95 -9.82
N GLU C 75 20.34 56.18 -9.39
CA GLU C 75 19.41 57.31 -9.52
C GLU C 75 19.14 57.67 -10.98
N HIS C 76 20.19 57.64 -11.79
CA HIS C 76 20.06 57.94 -13.21
C HIS C 76 19.44 56.80 -13.99
N ALA C 77 19.51 55.59 -13.44
CA ALA C 77 18.86 54.43 -14.05
C ALA C 77 17.36 54.36 -13.70
N LYS C 78 16.90 55.32 -12.91
CA LYS C 78 15.53 55.37 -12.35
C LYS C 78 15.14 54.08 -11.62
N ARG C 79 16.07 53.56 -10.80
CA ARG C 79 15.86 52.34 -10.04
C ARG C 79 15.97 52.60 -8.53
N LYS C 80 15.64 51.59 -7.73
CA LYS C 80 15.88 51.63 -6.28
C LYS C 80 16.75 50.45 -5.84
N THR C 81 17.22 49.68 -6.82
CA THR C 81 18.08 48.53 -6.61
C THR C 81 19.48 48.84 -7.13
N VAL C 82 20.47 48.84 -6.22
CA VAL C 82 21.87 48.98 -6.60
C VAL C 82 22.32 47.63 -7.15
N THR C 83 22.74 47.61 -8.41
CA THR C 83 23.13 46.35 -9.05
C THR C 83 24.63 46.11 -8.93
N ALA C 84 25.04 44.88 -9.25
CA ALA C 84 26.45 44.52 -9.30
C ALA C 84 27.19 45.41 -10.29
N MET C 85 26.53 45.76 -11.40
CA MET C 85 27.09 46.67 -12.39
C MET C 85 27.28 48.09 -11.89
N ASP C 86 26.33 48.59 -11.10
CA ASP C 86 26.38 49.93 -10.56
C ASP C 86 27.67 50.13 -9.78
N VAL C 87 28.05 49.12 -9.00
CA VAL C 87 29.29 49.15 -8.22
C VAL C 87 30.54 49.01 -9.11
N VAL C 88 30.51 48.05 -10.03
CA VAL C 88 31.63 47.80 -10.94
C VAL C 88 32.05 49.07 -11.69
N TYR C 89 31.07 49.87 -12.11
CA TYR C 89 31.32 51.16 -12.76
C TYR C 89 31.95 52.15 -11.78
N ALA C 90 31.27 52.34 -10.66
CA ALA C 90 31.74 53.21 -9.60
C ALA C 90 33.19 52.91 -9.18
N LEU C 91 33.62 51.65 -9.35
CA LEU C 91 34.98 51.23 -8.98
C LEU C 91 36.02 51.49 -10.06
N LYS C 92 35.57 51.60 -11.31
CA LYS C 92 36.43 51.93 -12.45
C LYS C 92 36.91 53.36 -12.31
N ARG C 93 36.13 54.12 -11.55
CA ARG C 93 36.38 55.52 -11.28
C ARG C 93 37.50 55.69 -10.25
N GLN C 94 37.66 54.69 -9.39
CA GLN C 94 38.69 54.73 -8.35
C GLN C 94 40.08 54.30 -8.84
N GLY C 95 40.14 53.61 -9.98
CA GLY C 95 41.41 53.27 -10.62
C GLY C 95 42.04 51.97 -10.13
N ARG C 96 42.86 51.36 -10.99
CA ARG C 96 43.55 50.11 -10.66
C ARG C 96 45.02 50.31 -10.33
N THR C 97 45.39 49.95 -9.10
CA THR C 97 46.78 50.01 -8.67
C THR C 97 47.40 48.62 -8.66
N LEU C 98 48.56 48.50 -9.30
CA LEU C 98 49.40 47.31 -9.13
C LEU C 98 50.88 47.65 -9.29
N TYR C 99 51.75 46.71 -8.91
CA TYR C 99 53.20 46.89 -9.02
C TYR C 99 53.70 46.68 -10.45
N GLY C 100 54.47 47.65 -10.95
CA GLY C 100 54.98 47.60 -12.31
C GLY C 100 53.92 47.85 -13.36
N PHE C 101 54.38 48.04 -14.60
CA PHE C 101 53.49 48.31 -15.72
C PHE C 101 53.24 47.00 -16.47
N GLY C 102 52.04 46.45 -16.33
CA GLY C 102 51.71 45.13 -16.91
C GLY C 102 51.12 44.15 -15.91
N ASP D 7 56.45 51.07 19.36
CA ASP D 7 56.23 50.02 20.40
C ASP D 7 54.74 49.71 20.58
N GLY D 8 54.26 48.71 19.86
CA GLY D 8 52.86 48.28 19.93
C GLY D 8 52.71 46.77 19.91
N GLU D 9 51.91 46.28 18.97
CA GLU D 9 51.55 44.86 18.89
C GLU D 9 52.38 44.08 17.87
N GLU D 10 52.64 42.82 18.19
CA GLU D 10 53.20 41.86 17.25
C GLU D 10 52.03 41.16 16.55
N LEU D 11 52.30 40.59 15.37
CA LEU D 11 51.22 40.02 14.55
C LEU D 11 51.51 38.58 14.12
N ILE D 12 52.73 38.12 14.36
CA ILE D 12 53.14 36.76 14.07
C ILE D 12 53.45 36.06 15.40
N GLY D 13 52.93 34.84 15.55
CA GLY D 13 53.12 34.06 16.77
C GLY D 13 51.84 33.41 17.26
N ASP D 14 51.91 32.77 18.42
CA ASP D 14 50.75 32.10 19.01
C ASP D 14 49.60 33.08 19.20
N GLY D 15 48.40 32.64 18.81
CA GLY D 15 47.21 33.49 18.85
C GLY D 15 46.83 34.02 17.48
N MET D 16 47.64 33.70 16.48
CA MET D 16 47.34 34.01 15.09
C MET D 16 46.03 33.37 14.67
N GLU D 17 45.98 32.05 14.79
CA GLU D 17 44.87 31.25 14.28
C GLU D 17 43.60 31.45 15.10
N ARG D 18 43.74 32.18 16.21
CA ARG D 18 42.61 32.53 17.05
C ARG D 18 41.71 33.55 16.34
N ASP D 19 42.30 34.40 15.50
CA ASP D 19 41.54 35.40 14.75
C ASP D 19 40.75 34.82 13.58
N TYR D 20 41.15 33.64 13.12
CA TYR D 20 40.75 33.13 11.81
C TYR D 20 39.65 32.05 11.81
N ARG D 21 39.09 31.74 12.97
CA ARG D 21 38.06 30.69 13.06
C ARG D 21 36.70 31.18 12.58
N ALA D 22 35.89 30.26 12.06
CA ALA D 22 34.61 30.61 11.46
C ALA D 22 33.53 30.96 12.47
N ILE D 23 32.80 32.03 12.21
CA ILE D 23 31.60 32.37 12.97
C ILE D 23 30.41 32.36 12.01
N PRO D 24 29.81 31.18 11.78
CA PRO D 24 28.71 31.01 10.81
C PRO D 24 27.54 31.99 10.96
N GLU D 25 27.44 32.64 12.12
CA GLU D 25 26.35 33.59 12.37
C GLU D 25 26.67 35.01 11.91
N LEU D 26 27.90 35.21 11.42
CA LEU D 26 28.35 36.48 10.85
C LEU D 26 28.91 36.29 9.43
N ASP D 27 29.27 35.05 9.10
CA ASP D 27 29.94 34.70 7.84
C ASP D 27 29.00 34.64 6.62
N ALA D 28 27.82 35.25 6.75
CA ALA D 28 26.83 35.26 5.67
C ALA D 28 26.04 36.56 5.70
N TYR D 29 25.59 37.01 4.53
CA TYR D 29 24.89 38.28 4.41
C TYR D 29 23.48 38.23 4.99
N GLU D 30 23.07 39.35 5.58
CA GLU D 30 21.73 39.51 6.18
C GLU D 30 20.65 39.56 5.10
N ALA D 31 19.45 39.13 5.46
CA ALA D 31 18.30 39.19 4.56
C ALA D 31 17.81 40.63 4.40
N GLU D 32 17.64 41.32 5.52
CA GLU D 32 17.15 42.69 5.56
C GLU D 32 17.99 43.63 4.71
N GLY D 33 17.35 44.64 4.13
CA GLY D 33 18.04 45.68 3.37
C GLY D 33 18.51 45.29 1.99
N LEU D 34 18.41 44.00 1.66
CA LEU D 34 18.78 43.52 0.32
C LEU D 34 17.61 43.53 -0.67
N ALA D 35 17.84 42.98 -1.86
CA ALA D 35 16.83 42.91 -2.91
C ALA D 35 15.74 41.92 -2.54
N LEU D 36 14.48 42.32 -2.74
CA LEU D 36 13.31 41.54 -2.35
C LEU D 36 13.18 40.20 -3.07
N ASP D 37 13.62 40.16 -4.32
CA ASP D 37 13.60 38.94 -5.13
C ASP D 37 14.70 38.95 -6.19
N ASP D 38 14.54 38.15 -7.24
CA ASP D 38 15.59 38.02 -8.26
C ASP D 38 15.19 38.64 -9.60
N GLU D 39 14.25 39.58 -9.55
CA GLU D 39 13.69 40.24 -10.73
C GLU D 39 14.75 40.85 -11.65
N ASP D 40 14.48 40.81 -12.95
CA ASP D 40 15.33 41.43 -13.96
C ASP D 40 15.46 42.93 -13.75
N VAL D 41 16.66 43.36 -13.40
CA VAL D 41 16.97 44.79 -13.29
C VAL D 41 17.64 45.26 -14.57
N GLU D 42 17.32 46.48 -14.98
CA GLU D 42 17.79 47.02 -16.26
C GLU D 42 19.17 47.64 -16.15
N GLU D 43 19.99 47.36 -17.16
CA GLU D 43 21.33 47.93 -17.27
C GLU D 43 21.27 49.42 -17.52
N LEU D 44 22.33 50.14 -17.13
CA LEU D 44 22.46 51.55 -17.47
C LEU D 44 22.52 51.71 -18.99
N THR D 45 21.72 52.64 -19.52
CA THR D 45 21.77 52.98 -20.95
C THR D 45 23.04 53.80 -21.20
N ALA D 46 23.41 53.97 -22.46
CA ALA D 46 24.61 54.73 -22.80
C ALA D 46 24.51 56.17 -22.29
N SER D 47 23.35 56.79 -22.50
CA SER D 47 23.10 58.17 -22.09
C SER D 47 22.89 58.33 -20.59
N GLN D 48 22.42 57.27 -19.94
CA GLN D 48 22.28 57.24 -18.49
C GLN D 48 23.63 57.24 -17.79
N ARG D 49 24.60 56.54 -18.36
CA ARG D 49 25.97 56.54 -17.86
C ARG D 49 26.54 57.95 -17.92
N GLU D 50 26.55 58.51 -19.13
CA GLU D 50 27.03 59.86 -19.37
C GLU D 50 26.32 60.89 -18.49
N ALA D 51 24.99 60.88 -18.52
CA ALA D 51 24.17 61.77 -17.70
C ALA D 51 24.58 61.76 -16.23
N ALA D 52 24.94 60.58 -15.73
CA ALA D 52 25.40 60.43 -14.36
C ALA D 52 26.84 60.89 -14.19
N GLU D 53 27.70 60.49 -15.12
CA GLU D 53 29.13 60.82 -15.06
C GLU D 53 29.41 62.32 -15.10
N ARG D 54 28.61 63.05 -15.89
CA ARG D 54 28.67 64.51 -15.93
C ARG D 54 28.23 65.13 -14.61
N ALA D 55 27.22 64.55 -13.99
CA ALA D 55 26.71 65.02 -12.70
C ALA D 55 27.73 64.87 -11.57
N MET D 56 28.51 63.78 -11.61
CA MET D 56 29.55 63.52 -10.60
C MET D 56 30.77 64.42 -10.75
N ARG D 57 31.09 64.79 -11.99
CA ARG D 57 32.19 65.72 -12.28
C ARG D 57 31.93 67.11 -11.72
N GLN D 58 30.68 67.57 -11.78
CA GLN D 58 30.25 68.86 -11.24
C GLN D 58 30.61 69.01 -9.76
N ARG D 59 30.00 68.17 -8.92
CA ARG D 59 30.32 68.11 -7.50
C ARG D 59 31.80 67.80 -7.27
N ASP D 60 32.38 66.99 -8.14
CA ASP D 60 33.81 66.66 -8.07
C ASP D 60 34.70 67.88 -8.29
N ARG D 61 34.09 68.98 -8.77
CA ARG D 61 34.76 70.29 -8.86
C ARG D 61 34.30 71.19 -7.71
N GLU D 62 32.99 71.37 -7.57
CA GLU D 62 32.42 72.14 -6.46
C GLU D 62 32.48 71.34 -5.16
N UNK D 71 52.94 81.81 -16.18
CA UNK D 71 53.95 80.72 -16.01
C UNK D 71 54.28 80.07 -17.34
N UNK D 72 55.57 80.00 -17.65
CA UNK D 72 56.05 79.37 -18.89
C UNK D 72 56.32 77.90 -18.69
N UNK D 73 55.58 77.05 -19.39
CA UNK D 73 55.74 75.59 -19.22
C UNK D 73 56.38 74.90 -20.41
N UNK D 74 57.52 74.26 -20.14
CA UNK D 74 58.34 73.57 -21.15
C UNK D 74 57.56 72.52 -21.91
N UNK D 75 57.74 72.47 -23.22
CA UNK D 75 57.09 71.45 -24.06
C UNK D 75 58.06 70.75 -24.99
N UNK D 76 58.24 69.44 -24.82
CA UNK D 76 58.98 68.63 -25.80
C UNK D 76 57.98 68.17 -26.83
N UNK D 77 58.12 68.64 -28.07
CA UNK D 77 57.14 68.35 -29.13
C UNK D 77 57.80 67.60 -30.25
N ALA E 15 44.18 18.98 44.56
CA ALA E 15 43.54 18.42 45.78
C ALA E 15 44.56 17.71 46.67
N LYS E 16 44.38 17.81 47.98
CA LYS E 16 45.30 17.18 48.93
C LYS E 16 44.91 15.75 49.27
N VAL E 17 43.60 15.48 49.30
CA VAL E 17 43.07 14.14 49.57
C VAL E 17 42.27 13.64 48.37
N GLN E 18 42.64 12.45 47.90
CA GLN E 18 41.93 11.82 46.78
C GLN E 18 41.60 10.38 47.11
N VAL E 19 40.33 10.03 46.95
CA VAL E 19 39.88 8.68 47.25
C VAL E 19 40.23 7.76 46.08
N ASN E 20 40.93 6.67 46.39
CA ASN E 20 41.42 5.74 45.37
C ASN E 20 40.40 4.68 44.99
N ASN E 21 39.69 4.17 45.99
CA ASN E 21 38.73 3.10 45.81
C ASN E 21 37.83 2.93 47.02
N VAL E 22 36.61 2.45 46.79
CA VAL E 22 35.72 2.05 47.87
C VAL E 22 35.20 0.64 47.59
N VAL E 23 35.22 -0.22 48.61
CA VAL E 23 34.69 -1.56 48.52
C VAL E 23 33.47 -1.71 49.42
N VAL E 24 32.37 -2.18 48.85
CA VAL E 24 31.18 -2.50 49.62
C VAL E 24 31.33 -3.91 50.17
N LEU E 25 31.28 -4.05 51.49
CA LEU E 25 31.72 -5.29 52.15
C LEU E 25 30.64 -6.38 52.32
N ASP E 26 29.46 -5.99 52.82
CA ASP E 26 28.37 -6.94 53.01
C ASP E 26 27.26 -6.71 51.98
N ASN E 27 27.40 -7.37 50.83
CA ASN E 27 26.50 -7.11 49.71
C ASN E 27 26.20 -8.31 48.84
N PRO E 28 24.90 -8.65 48.69
CA PRO E 28 23.75 -7.98 49.33
C PRO E 28 23.62 -8.34 50.81
N SER E 29 22.77 -7.61 51.54
CA SER E 29 22.57 -7.84 52.98
C SER E 29 21.11 -7.59 53.42
N PRO E 30 20.71 -8.12 54.59
CA PRO E 30 19.48 -7.68 55.24
C PRO E 30 19.45 -6.16 55.41
N PHE E 31 18.25 -5.58 55.35
CA PHE E 31 18.07 -4.14 55.43
C PHE E 31 18.61 -3.57 56.74
N TYR E 32 18.46 -4.32 57.82
CA TYR E 32 18.83 -3.85 59.14
C TYR E 32 20.32 -3.97 59.50
N ASN E 33 21.10 -4.63 58.63
CA ASN E 33 22.56 -4.69 58.80
C ASN E 33 23.18 -3.30 58.66
N PRO E 34 24.35 -3.07 59.29
CA PRO E 34 25.04 -1.79 59.10
C PRO E 34 25.66 -1.66 57.70
N PHE E 35 25.89 -0.42 57.25
CA PHE E 35 26.55 -0.17 55.96
C PHE E 35 28.06 -0.28 56.10
N GLN E 36 28.65 -1.24 55.40
CA GLN E 36 30.09 -1.51 55.53
C GLN E 36 30.89 -1.15 54.26
N PHE E 37 31.71 -0.10 54.39
CA PHE E 37 32.57 0.37 53.29
C PHE E 37 34.06 0.30 53.64
N GLU E 38 34.87 -0.04 52.65
CA GLU E 38 36.33 -0.06 52.77
C GLU E 38 36.92 1.07 51.94
N ILE E 39 37.27 2.16 52.61
CA ILE E 39 37.72 3.38 51.92
C ILE E 39 39.24 3.48 51.91
N THR E 40 39.81 3.58 50.71
CA THR E 40 41.24 3.85 50.55
C THR E 40 41.42 5.26 49.98
N PHE E 41 41.99 6.15 50.79
CA PHE E 41 42.29 7.50 50.33
C PHE E 41 43.79 7.81 50.41
N GLU E 42 44.25 8.66 49.50
CA GLU E 42 45.65 9.06 49.45
C GLU E 42 45.83 10.53 49.81
N CYS E 43 46.73 10.78 50.75
CA CYS E 43 47.05 12.12 51.21
C CYS E 43 48.46 12.50 50.78
N ILE E 44 48.55 13.50 49.90
CA ILE E 44 49.83 13.95 49.35
C ILE E 44 50.69 14.62 50.42
N GLU E 45 50.03 15.39 51.29
CA GLU E 45 50.71 16.14 52.34
C GLU E 45 49.93 16.14 53.64
N ASP E 46 50.67 16.22 54.75
CA ASP E 46 50.08 16.21 56.10
C ASP E 46 49.00 17.27 56.28
N LEU E 47 47.96 16.92 57.04
CA LEU E 47 46.86 17.83 57.29
C LEU E 47 46.68 18.07 58.78
N SER E 48 46.43 19.34 59.13
CA SER E 48 46.32 19.78 60.51
C SER E 48 44.87 19.73 61.03
N GLU E 49 43.94 20.10 60.15
CA GLU E 49 42.52 20.01 60.44
C GLU E 49 42.06 18.58 60.15
N ASP E 50 40.79 18.28 60.48
CA ASP E 50 40.27 16.93 60.31
C ASP E 50 39.33 16.80 59.12
N LEU E 51 39.43 15.65 58.45
CA LEU E 51 38.49 15.24 57.41
C LEU E 51 37.25 14.64 58.08
N GLU E 52 36.07 15.08 57.65
CA GLU E 52 34.82 14.55 58.20
C GLU E 52 34.04 13.74 57.17
N TRP E 53 33.90 12.45 57.46
CA TRP E 53 33.19 11.54 56.58
C TRP E 53 31.76 11.38 57.03
N LYS E 54 30.84 11.43 56.08
CA LYS E 54 29.42 11.19 56.33
C LYS E 54 28.91 10.05 55.44
N ILE E 55 27.96 9.28 55.95
CA ILE E 55 27.18 8.36 55.13
C ILE E 55 25.73 8.81 55.16
N ILE E 56 25.20 9.15 53.99
CA ILE E 56 23.84 9.67 53.89
C ILE E 56 22.94 8.73 53.09
N TYR E 57 21.84 8.32 53.71
CA TYR E 57 20.83 7.49 53.05
C TYR E 57 19.70 8.40 52.59
N VAL E 58 19.44 8.38 51.27
CA VAL E 58 18.36 9.15 50.69
C VAL E 58 17.04 8.40 50.89
N GLY E 59 16.23 8.89 51.81
CA GLY E 59 14.99 8.22 52.21
C GLY E 59 13.92 8.35 51.15
N SER E 60 13.85 9.54 50.54
CA SER E 60 12.89 9.82 49.49
C SER E 60 13.55 10.58 48.34
N ALA E 61 13.18 10.21 47.13
CA ALA E 61 13.67 10.86 45.92
C ALA E 61 13.09 12.26 45.76
N GLU E 62 11.90 12.47 46.31
CA GLU E 62 11.15 13.72 46.12
C GLU E 62 11.69 14.90 46.92
N SER E 63 12.51 14.64 47.92
CA SER E 63 13.01 15.70 48.79
C SER E 63 14.30 15.36 49.51
N GLU E 64 15.07 16.41 49.79
CA GLU E 64 16.26 16.30 50.61
C GLU E 64 15.93 16.02 52.06
N GLU E 65 14.76 16.47 52.51
CA GLU E 65 14.38 16.42 53.92
C GLU E 65 14.32 15.01 54.52
N TYR E 66 14.20 14.00 53.66
CA TYR E 66 14.10 12.63 54.15
C TYR E 66 15.43 11.87 54.06
N ASP E 67 16.50 12.62 53.81
CA ASP E 67 17.84 12.07 53.85
C ASP E 67 18.28 11.90 55.29
N GLN E 68 18.90 10.76 55.57
CA GLN E 68 19.31 10.43 56.94
C GLN E 68 20.82 10.33 57.04
N VAL E 69 21.40 11.15 57.90
CA VAL E 69 22.82 11.02 58.21
C VAL E 69 22.99 9.79 59.09
N LEU E 70 23.45 8.70 58.51
CA LEU E 70 23.59 7.43 59.24
C LEU E 70 24.75 7.47 60.22
N ASP E 71 25.75 8.28 59.91
CA ASP E 71 26.93 8.45 60.75
C ASP E 71 27.74 9.64 60.28
N SER E 72 28.39 10.30 61.23
CA SER E 72 29.40 11.29 60.93
C SER E 72 30.66 10.91 61.67
N VAL E 73 31.70 10.51 60.93
CA VAL E 73 32.97 10.09 61.50
C VAL E 73 34.07 11.11 61.17
N LEU E 74 34.75 11.58 62.21
CA LEU E 74 35.80 12.56 62.07
C LEU E 74 37.16 11.85 62.06
N VAL E 75 37.98 12.16 61.05
CA VAL E 75 39.29 11.52 60.89
C VAL E 75 40.41 12.57 60.73
N GLY E 76 41.39 12.50 61.63
CA GLY E 76 42.54 13.41 61.66
C GLY E 76 43.33 13.29 62.96
N PRO E 77 44.57 13.83 62.98
CA PRO E 77 45.29 14.45 61.86
C PRO E 77 45.74 13.41 60.82
N VAL E 78 46.04 13.87 59.62
CA VAL E 78 46.29 12.98 58.48
C VAL E 78 47.77 12.90 58.10
N PRO E 79 48.40 11.73 58.33
CA PRO E 79 49.74 11.46 57.81
C PRO E 79 49.75 11.32 56.28
N ALA E 80 50.85 11.70 55.65
CA ALA E 80 51.00 11.54 54.20
C ALA E 80 50.98 10.05 53.82
N GLY E 81 50.44 9.75 52.65
CA GLY E 81 50.39 8.38 52.14
C GLY E 81 49.00 7.76 52.07
N ARG E 82 48.95 6.49 51.65
CA ARG E 82 47.68 5.75 51.57
C ARG E 82 47.21 5.27 52.93
N HIS E 83 45.94 5.58 53.24
CA HIS E 83 45.29 5.12 54.46
C HIS E 83 44.01 4.41 54.13
N MET E 84 43.81 3.24 54.71
CA MET E 84 42.60 2.45 54.49
C MET E 84 41.84 2.22 55.80
N PHE E 85 40.63 2.77 55.89
CA PHE E 85 39.77 2.54 57.05
C PHE E 85 38.39 1.99 56.67
N VAL E 86 37.68 1.47 57.67
CA VAL E 86 36.37 0.86 57.48
C VAL E 86 35.27 1.74 58.06
N PHE E 87 34.32 2.13 57.22
CA PHE E 87 33.17 2.91 57.65
C PHE E 87 31.98 1.98 57.85
N GLN E 88 31.39 2.02 59.04
CA GLN E 88 30.30 1.13 59.40
C GLN E 88 29.23 1.89 60.16
N ALA E 89 28.22 2.36 59.44
CA ALA E 89 27.14 3.15 60.03
C ALA E 89 25.88 2.32 60.23
N ASP E 90 24.96 2.84 61.05
CA ASP E 90 23.64 2.25 61.25
C ASP E 90 22.83 2.20 59.97
N ALA E 91 21.98 1.19 59.84
CA ALA E 91 20.94 1.18 58.82
C ALA E 91 19.93 2.28 59.16
N PRO E 92 19.28 2.87 58.14
CA PRO E 92 18.42 4.03 58.38
C PRO E 92 17.15 3.69 59.15
N ASN E 93 16.59 4.69 59.83
CA ASN E 93 15.36 4.52 60.57
C ASN E 93 14.17 4.44 59.61
N PRO E 94 13.57 3.24 59.48
CA PRO E 94 12.47 3.02 58.55
C PRO E 94 11.22 3.83 58.89
N GLY E 95 11.20 4.42 60.09
CA GLY E 95 10.10 5.28 60.53
C GLY E 95 10.14 6.66 59.90
N LEU E 96 11.27 6.99 59.28
CA LEU E 96 11.44 8.27 58.58
C LEU E 96 11.33 8.14 57.06
N ILE E 97 11.37 6.92 56.56
CA ILE E 97 11.25 6.65 55.12
C ILE E 97 9.77 6.51 54.73
N PRO E 98 9.28 7.38 53.80
CA PRO E 98 7.90 7.27 53.32
C PRO E 98 7.65 5.96 52.59
N ASP E 99 6.47 5.37 52.84
CA ASP E 99 6.10 4.07 52.28
C ASP E 99 6.28 4.04 50.76
N ALA E 100 5.88 5.14 50.12
CA ALA E 100 5.96 5.27 48.67
C ALA E 100 7.34 5.00 48.09
N ASP E 101 8.38 5.23 48.88
CA ASP E 101 9.77 5.16 48.41
C ASP E 101 10.60 4.09 49.11
N ALA E 102 9.95 3.30 49.97
CA ALA E 102 10.63 2.33 50.83
C ALA E 102 11.13 1.08 50.10
N VAL E 103 10.21 0.37 49.46
CA VAL E 103 10.56 -0.82 48.67
C VAL E 103 10.84 -0.42 47.23
N GLY E 104 12.12 -0.43 46.88
CA GLY E 104 12.57 -0.05 45.54
C GLY E 104 13.96 0.56 45.57
N VAL E 105 14.43 1.00 44.41
CA VAL E 105 15.75 1.60 44.29
C VAL E 105 15.81 3.01 44.89
N THR E 106 16.90 3.27 45.61
CA THR E 106 17.24 4.60 46.08
C THR E 106 18.76 4.72 46.12
N VAL E 107 19.29 5.80 46.69
CA VAL E 107 20.73 6.01 46.66
C VAL E 107 21.35 6.23 48.04
N VAL E 108 22.58 5.76 48.20
CA VAL E 108 23.39 6.07 49.39
C VAL E 108 24.63 6.87 48.99
N LEU E 109 24.96 7.88 49.80
CA LEU E 109 26.09 8.76 49.55
C LEU E 109 27.16 8.66 50.64
N ILE E 110 28.42 8.50 50.23
CA ILE E 110 29.57 8.65 51.11
C ILE E 110 30.23 9.97 50.77
N THR E 111 30.14 10.94 51.68
CA THR E 111 30.74 12.25 51.44
C THR E 111 31.87 12.52 52.41
N CYS E 112 32.74 13.46 52.02
CA CYS E 112 33.80 13.91 52.90
C CYS E 112 33.95 15.42 52.81
N THR E 113 34.12 16.04 53.98
CA THR E 113 34.28 17.49 54.07
C THR E 113 35.60 17.82 54.74
N TYR E 114 36.29 18.85 54.24
CA TYR E 114 37.51 19.37 54.84
C TYR E 114 37.38 20.87 55.12
N ARG E 115 37.61 21.27 56.36
CA ARG E 115 37.42 22.65 56.82
C ARG E 115 36.01 23.16 56.53
N GLY E 116 35.02 22.30 56.80
CA GLY E 116 33.60 22.59 56.58
C GLY E 116 33.22 22.72 55.11
N GLN E 117 33.94 22.01 54.24
CA GLN E 117 33.74 22.07 52.79
C GLN E 117 33.75 20.70 52.14
N GLU E 118 32.63 20.33 51.51
CA GLU E 118 32.50 19.07 50.81
C GLU E 118 33.27 19.10 49.48
N PHE E 119 34.24 18.20 49.36
CA PHE E 119 35.10 18.13 48.17
C PHE E 119 34.85 16.88 47.35
N ILE E 120 34.21 15.88 47.96
CA ILE E 120 33.91 14.62 47.29
C ILE E 120 32.56 14.05 47.77
N ARG E 121 31.79 13.51 46.83
CA ARG E 121 30.54 12.83 47.12
C ARG E 121 30.43 11.56 46.26
N VAL E 122 30.44 10.41 46.92
CA VAL E 122 30.41 9.11 46.24
C VAL E 122 29.02 8.47 46.37
N GLY E 123 28.37 8.22 45.24
CA GLY E 123 27.00 7.67 45.23
C GLY E 123 26.86 6.25 44.70
N TYR E 124 26.04 5.46 45.38
CA TYR E 124 25.75 4.08 45.00
C TYR E 124 24.25 3.83 44.89
N TYR E 125 23.82 3.13 43.85
CA TYR E 125 22.42 2.74 43.72
C TYR E 125 22.09 1.58 44.67
N VAL E 126 21.00 1.71 45.41
CA VAL E 126 20.60 0.69 46.40
C VAL E 126 19.16 0.24 46.18
N ASN E 127 18.99 -1.04 45.87
CA ASN E 127 17.67 -1.62 45.69
C ASN E 127 17.19 -2.37 46.95
N ASN E 128 15.94 -2.16 47.32
CA ASN E 128 15.31 -2.89 48.40
C ASN E 128 14.20 -3.78 47.86
N GLU E 129 14.29 -5.07 48.13
CA GLU E 129 13.35 -6.05 47.58
C GLU E 129 13.06 -7.17 48.57
N TYR E 130 11.84 -7.71 48.51
CA TYR E 130 11.47 -8.86 49.32
C TYR E 130 12.15 -10.11 48.76
N THR E 131 12.61 -10.98 49.66
CA THR E 131 13.34 -12.18 49.25
C THR E 131 12.42 -13.33 48.85
N GLU E 132 11.14 -13.20 49.22
CA GLU E 132 10.13 -14.23 48.97
C GLU E 132 9.25 -13.84 47.80
N THR E 133 9.12 -14.73 46.82
CA THR E 133 8.32 -14.48 45.61
C THR E 133 6.85 -14.22 45.93
N GLU E 134 6.37 -14.77 47.05
CA GLU E 134 5.00 -14.50 47.51
C GLU E 134 4.82 -13.03 47.88
N LEU E 135 5.78 -12.48 48.62
CA LEU E 135 5.76 -11.07 49.02
C LEU E 135 6.09 -10.13 47.87
N ARG E 136 6.90 -10.59 46.92
CA ARG E 136 7.19 -9.84 45.70
C ARG E 136 5.94 -9.70 44.85
N GLU E 137 5.16 -10.77 44.77
CA GLU E 137 3.89 -10.77 44.04
C GLU E 137 2.88 -9.82 44.70
N ASN E 138 2.73 -9.95 46.02
CA ASN E 138 1.78 -9.12 46.77
C ASN E 138 2.46 -8.39 47.94
N PRO E 139 3.08 -7.23 47.65
CA PRO E 139 3.76 -6.46 48.69
C PRO E 139 2.76 -5.84 49.68
N PRO E 140 3.02 -6.00 50.99
CA PRO E 140 2.15 -5.42 52.03
C PRO E 140 2.00 -3.91 51.88
N VAL E 141 0.80 -3.39 52.17
CA VAL E 141 0.50 -1.95 52.08
C VAL E 141 1.47 -1.13 52.93
N LYS E 142 1.80 -1.64 54.12
CA LYS E 142 2.88 -1.09 54.92
C LYS E 142 4.11 -1.97 54.74
N PRO E 143 5.20 -1.37 54.20
CA PRO E 143 6.46 -2.09 53.94
C PRO E 143 6.99 -2.84 55.16
N ASP E 144 7.27 -4.13 54.98
CA ASP E 144 7.85 -4.96 56.04
C ASP E 144 9.36 -5.03 55.90
N PHE E 145 10.04 -4.13 56.62
CA PHE E 145 11.49 -3.94 56.49
C PHE E 145 12.30 -5.14 56.97
N SER E 146 11.70 -5.94 57.84
CA SER E 146 12.35 -7.14 58.38
C SER E 146 12.55 -8.23 57.32
N LYS E 147 11.79 -8.16 56.23
CA LYS E 147 11.90 -9.15 55.15
C LYS E 147 12.51 -8.57 53.86
N LEU E 148 13.05 -7.35 53.99
CA LEU E 148 13.70 -6.67 52.87
C LEU E 148 15.19 -6.98 52.82
N GLN E 149 15.67 -7.26 51.62
CA GLN E 149 17.10 -7.40 51.38
C GLN E 149 17.60 -6.24 50.53
N ARG E 150 18.65 -5.58 51.00
CA ARG E 150 19.21 -4.43 50.29
C ARG E 150 20.37 -4.85 49.37
N ASN E 151 20.24 -4.52 48.08
CA ASN E 151 21.29 -4.74 47.09
C ASN E 151 21.92 -3.42 46.64
N ILE E 152 23.14 -3.18 47.11
CA ILE E 152 23.90 -1.99 46.72
C ILE E 152 24.65 -2.26 45.42
N LEU E 153 24.40 -1.45 44.40
CA LEU E 153 25.06 -1.57 43.11
C LEU E 153 26.50 -1.08 43.21
N ALA E 154 27.37 -1.95 43.72
CA ALA E 154 28.78 -1.63 43.99
C ALA E 154 29.60 -1.47 42.72
N SER E 155 29.10 -2.07 41.63
CA SER E 155 29.76 -2.03 40.34
C SER E 155 29.72 -0.67 39.64
N ASN E 156 28.82 0.22 40.07
CA ASN E 156 28.66 1.53 39.42
C ASN E 156 28.77 2.75 40.34
N PRO E 157 29.96 2.97 40.94
CA PRO E 157 30.09 4.14 41.81
C PRO E 157 30.12 5.43 41.01
N ARG E 158 29.47 6.48 41.53
CA ARG E 158 29.49 7.77 40.86
C ARG E 158 30.19 8.81 41.72
N VAL E 159 31.44 9.11 41.36
CA VAL E 159 32.25 10.03 42.15
C VAL E 159 32.19 11.46 41.60
N THR E 160 31.69 12.36 42.43
CA THR E 160 31.58 13.78 42.10
C THR E 160 32.54 14.59 42.97
N ARG E 161 33.44 15.31 42.30
CA ARG E 161 34.47 16.11 42.98
C ARG E 161 34.15 17.59 42.90
N PHE E 162 34.38 18.32 43.99
CA PHE E 162 34.02 19.74 44.06
C PHE E 162 35.21 20.63 44.36
N HIS E 163 35.28 21.75 43.63
CA HIS E 163 36.34 22.76 43.78
C HIS E 163 36.19 23.49 45.08
N ILE E 164 37.03 23.15 46.06
CA ILE E 164 37.01 23.82 47.36
C ILE E 164 38.33 24.50 47.69
N ASN E 165 38.29 25.43 48.66
CA ASN E 165 39.49 26.08 49.16
C ASN E 165 40.39 25.04 49.82
N TRP E 166 41.50 24.73 49.16
CA TRP E 166 42.42 23.70 49.64
C TRP E 166 43.50 24.24 50.51
N GLU E 167 43.50 23.80 51.77
CA GLU E 167 44.50 24.21 52.75
C GLU E 167 44.79 23.05 53.70
N ALA F 48 21.67 15.52 -15.37
CA ALA F 48 22.01 15.82 -13.95
C ALA F 48 20.84 15.59 -12.99
N LEU F 49 21.06 14.74 -11.99
CA LEU F 49 20.04 14.39 -10.99
C LEU F 49 19.61 15.62 -10.18
N ARG F 50 18.31 15.89 -10.16
CA ARG F 50 17.77 17.06 -9.47
C ARG F 50 17.18 16.73 -8.09
N GLU F 51 17.38 17.62 -7.13
CA GLU F 51 16.79 17.46 -5.80
C GLU F 51 15.50 18.26 -5.66
N ILE F 52 14.41 17.56 -5.37
CA ILE F 52 13.10 18.18 -5.21
C ILE F 52 12.81 18.38 -3.73
N ARG F 53 12.90 17.29 -2.97
CA ARG F 53 12.60 17.30 -1.55
C ARG F 53 13.63 16.42 -0.86
N ARG F 54 14.64 17.03 -0.24
CA ARG F 54 15.62 16.25 0.49
C ARG F 54 15.19 15.91 1.91
N TYR F 55 15.38 14.65 2.26
CA TYR F 55 15.28 14.19 3.63
C TYR F 55 16.70 14.13 4.17
N GLN F 56 16.86 14.43 5.47
CA GLN F 56 18.19 14.42 6.08
C GLN F 56 18.11 13.94 7.53
N LYS F 57 18.79 12.82 7.78
CA LYS F 57 18.78 12.21 9.10
C LYS F 57 20.06 12.62 9.81
N SER F 58 19.97 13.70 10.57
CA SER F 58 21.08 14.17 11.41
C SER F 58 21.05 13.43 12.75
N THR F 59 21.74 12.29 12.82
CA THR F 59 21.67 11.40 13.98
C THR F 59 22.28 12.03 15.23
N GLU F 60 23.35 12.78 15.03
CA GLU F 60 23.99 13.52 16.11
C GLU F 60 23.27 14.86 16.31
N LEU F 61 22.05 14.79 16.85
CA LEU F 61 21.23 15.98 17.08
C LEU F 61 20.35 15.80 18.29
N LEU F 62 20.44 16.72 19.25
CA LEU F 62 19.71 16.58 20.52
C LEU F 62 18.68 17.69 20.73
N ILE F 63 19.15 18.91 21.00
CA ILE F 63 18.27 20.07 21.12
C ILE F 63 18.48 20.99 19.93
N ARG F 64 17.38 21.48 19.37
CA ARG F 64 17.43 22.38 18.21
C ARG F 64 17.89 23.76 18.62
N LYS F 65 18.73 24.36 17.77
CA LYS F 65 19.50 25.53 18.14
C LYS F 65 18.67 26.80 18.35
N LEU F 66 17.91 27.20 17.34
CA LEU F 66 17.08 28.41 17.44
C LEU F 66 16.20 28.45 18.71
N PRO F 67 15.44 27.36 18.99
CA PRO F 67 14.67 27.32 20.24
C PRO F 67 15.55 27.47 21.49
N PHE F 68 16.70 26.81 21.50
CA PHE F 68 17.62 26.89 22.64
C PHE F 68 18.18 28.30 22.83
N GLN F 69 18.54 28.97 21.74
CA GLN F 69 19.09 30.33 21.81
C GLN F 69 18.09 31.27 22.47
N ARG F 70 16.83 31.16 22.08
CA ARG F 70 15.76 31.98 22.62
C ARG F 70 15.57 31.77 24.11
N LEU F 71 15.65 30.51 24.54
CA LEU F 71 15.54 30.15 25.94
C LEU F 71 16.66 30.76 26.77
N VAL F 72 17.88 30.71 26.25
CA VAL F 72 19.05 31.31 26.90
C VAL F 72 18.86 32.83 27.06
N ARG F 73 18.46 33.49 25.97
CA ARG F 73 18.18 34.93 25.99
C ARG F 73 17.12 35.27 27.05
N GLU F 74 16.06 34.47 27.09
CA GLU F 74 14.94 34.69 28.03
C GLU F 74 15.35 34.51 29.49
N ILE F 75 16.15 33.48 29.77
CA ILE F 75 16.67 33.26 31.11
C ILE F 75 17.60 34.41 31.51
N ALA F 76 18.53 34.76 30.61
CA ALA F 76 19.45 35.86 30.86
C ALA F 76 18.74 37.21 30.91
N GLN F 77 17.57 37.28 30.26
CA GLN F 77 16.72 38.47 30.27
C GLN F 77 16.33 38.88 31.69
N ASP F 78 16.01 37.88 32.51
CA ASP F 78 15.58 38.08 33.90
C ASP F 78 16.72 38.40 34.84
N PHE F 79 17.96 38.26 34.37
CA PHE F 79 19.13 38.59 35.18
C PHE F 79 19.69 39.97 34.87
N LYS F 80 19.81 40.30 33.58
CA LYS F 80 20.20 41.65 33.15
C LYS F 80 19.79 41.91 31.69
N THR F 81 18.94 42.91 31.49
CA THR F 81 18.50 43.29 30.15
C THR F 81 19.65 43.94 29.38
N ASP F 82 19.47 44.05 28.05
CA ASP F 82 20.48 44.60 27.13
C ASP F 82 21.82 43.85 27.27
N LEU F 83 21.80 42.55 26.93
CA LEU F 83 22.93 41.67 27.18
C LEU F 83 23.18 40.79 25.97
N ARG F 84 24.34 40.95 25.36
CA ARG F 84 24.64 40.24 24.12
C ARG F 84 25.49 39.00 24.34
N PHE F 85 25.23 37.97 23.53
CA PHE F 85 25.96 36.71 23.61
C PHE F 85 26.82 36.47 22.39
N GLN F 86 28.02 35.93 22.61
CA GLN F 86 28.81 35.41 21.52
C GLN F 86 28.17 34.10 21.10
N SER F 87 28.18 33.82 19.81
CA SER F 87 27.65 32.55 19.31
C SER F 87 28.42 31.38 19.91
N SER F 88 29.72 31.58 20.12
CA SER F 88 30.58 30.57 20.76
C SER F 88 30.15 30.29 22.21
N ALA F 89 29.54 31.29 22.85
CA ALA F 89 29.03 31.15 24.21
C ALA F 89 27.75 30.32 24.25
N VAL F 90 26.81 30.63 23.37
CA VAL F 90 25.55 29.89 23.27
C VAL F 90 25.80 28.42 22.93
N MET F 91 26.81 28.15 22.09
CA MET F 91 27.16 26.77 21.76
C MET F 91 27.78 26.06 22.95
N ALA F 92 28.57 26.79 23.72
CA ALA F 92 29.15 26.27 24.94
C ALA F 92 28.05 25.89 25.93
N LEU F 93 27.03 26.76 26.04
CA LEU F 93 25.88 26.53 26.92
C LEU F 93 25.02 25.34 26.49
N GLN F 94 24.80 25.19 25.18
CA GLN F 94 24.01 24.08 24.65
C GLN F 94 24.69 22.74 24.88
N GLU F 95 25.95 22.64 24.48
CA GLU F 95 26.72 21.41 24.66
C GLU F 95 26.81 21.01 26.13
N ALA F 96 26.82 22.00 27.01
CA ALA F 96 26.77 21.78 28.46
C ALA F 96 25.43 21.17 28.88
N CYS F 97 24.34 21.80 28.43
CA CYS F 97 22.98 21.34 28.74
C CYS F 97 22.68 19.99 28.12
N GLU F 98 23.18 19.77 26.92
CA GLU F 98 23.00 18.51 26.22
C GLU F 98 23.79 17.39 26.91
N ALA F 99 25.05 17.65 27.22
CA ALA F 99 25.88 16.69 27.94
C ALA F 99 25.27 16.34 29.30
N TYR F 100 24.84 17.38 30.01
CA TYR F 100 24.23 17.23 31.33
C TYR F 100 23.05 16.26 31.33
N LEU F 101 22.08 16.50 30.46
CA LEU F 101 20.87 15.67 30.39
C LEU F 101 21.13 14.29 29.80
N VAL F 102 22.10 14.16 28.90
CA VAL F 102 22.43 12.87 28.31
C VAL F 102 22.99 11.91 29.38
N GLY F 103 23.94 12.41 30.15
CA GLY F 103 24.50 11.66 31.27
C GLY F 103 23.47 11.37 32.35
N LEU F 104 22.59 12.35 32.56
CA LEU F 104 21.50 12.21 33.52
C LEU F 104 20.59 11.05 33.12
N PHE F 105 20.22 11.00 31.85
CA PHE F 105 19.37 9.91 31.34
C PHE F 105 20.07 8.56 31.43
N GLU F 106 21.38 8.56 31.22
CA GLU F 106 22.16 7.33 31.37
C GLU F 106 21.95 6.73 32.75
N ASP F 107 22.10 7.55 33.78
CA ASP F 107 21.88 7.12 35.16
C ASP F 107 20.40 6.87 35.47
N THR F 108 19.52 7.64 34.83
CA THR F 108 18.07 7.44 34.96
C THR F 108 17.67 6.06 34.44
N ASN F 109 18.26 5.66 33.32
CA ASN F 109 18.06 4.34 32.75
C ASN F 109 18.60 3.25 33.66
N LEU F 110 19.81 3.45 34.17
CA LEU F 110 20.44 2.54 35.13
C LEU F 110 19.59 2.34 36.39
N CYS F 111 19.07 3.45 36.91
CA CYS F 111 18.17 3.45 38.07
C CYS F 111 16.98 2.51 37.88
N ALA F 112 16.35 2.58 36.71
CA ALA F 112 15.22 1.72 36.37
C ALA F 112 15.65 0.28 36.23
N ILE F 113 16.81 0.04 35.63
CA ILE F 113 17.35 -1.32 35.43
C ILE F 113 17.58 -2.03 36.76
N HIS F 114 18.16 -1.31 37.73
CA HIS F 114 18.48 -1.86 39.03
C HIS F 114 17.26 -2.13 39.86
N ALA F 115 16.17 -1.42 39.57
CA ALA F 115 14.88 -1.71 40.20
C ALA F 115 14.10 -2.74 39.37
N LYS F 116 14.79 -3.32 38.38
CA LYS F 116 14.18 -4.29 37.46
C LYS F 116 12.92 -3.77 36.76
N ARG F 117 13.04 -2.56 36.21
CA ARG F 117 11.93 -1.91 35.49
C ARG F 117 12.38 -1.47 34.10
N VAL F 118 11.48 -1.58 33.13
CA VAL F 118 11.80 -1.21 31.75
C VAL F 118 11.37 0.23 31.40
N THR F 119 10.53 0.80 32.25
CA THR F 119 10.02 2.15 32.02
C THR F 119 10.49 3.13 33.09
N ILE F 120 11.19 4.18 32.65
CA ILE F 120 11.72 5.21 33.56
C ILE F 120 10.62 6.12 34.08
N MET F 121 10.74 6.51 35.34
CA MET F 121 9.75 7.32 36.03
C MET F 121 10.35 8.67 36.46
N PRO F 122 9.49 9.68 36.74
CA PRO F 122 9.98 10.97 37.25
C PRO F 122 10.86 10.84 38.49
N LYS F 123 10.66 9.78 39.28
CA LYS F 123 11.50 9.53 40.45
C LYS F 123 12.91 9.09 40.07
N ASP F 124 13.04 8.36 38.96
CA ASP F 124 14.36 7.90 38.47
C ASP F 124 15.25 9.07 38.06
N ILE F 125 14.63 10.09 37.46
CA ILE F 125 15.31 11.32 37.05
C ILE F 125 15.91 12.03 38.26
N GLN F 126 15.11 12.20 39.31
CA GLN F 126 15.52 12.92 40.52
C GLN F 126 16.50 12.10 41.36
N LEU F 127 16.40 10.78 41.26
CA LEU F 127 17.37 9.88 41.91
C LEU F 127 18.74 9.96 41.23
N ALA F 128 18.72 10.02 39.91
CA ALA F 128 19.93 10.19 39.12
C ALA F 128 20.63 11.49 39.50
N ARG F 129 19.84 12.53 39.74
CA ARG F 129 20.36 13.81 40.23
C ARG F 129 21.09 13.67 41.57
N ARG F 130 20.60 12.76 42.41
CA ARG F 130 21.14 12.60 43.77
C ARG F 130 22.46 11.82 43.79
N ILE F 131 22.56 10.81 42.92
CA ILE F 131 23.80 10.05 42.79
C ILE F 131 24.85 10.85 42.00
N ARG F 132 24.37 11.68 41.06
CA ARG F 132 25.22 12.58 40.28
C ARG F 132 25.85 13.69 41.16
N GLY F 133 25.26 13.92 42.33
CA GLY F 133 25.92 14.69 43.39
C GLY F 133 25.48 16.11 43.66
N GLU F 134 24.29 16.48 43.23
CA GLU F 134 23.82 17.84 43.46
C GLU F 134 22.33 17.90 43.74
N ARG F 135 21.96 18.64 44.79
CA ARG F 135 20.57 18.69 45.24
C ARG F 135 19.90 20.05 45.03
N ASP G 25 6.49 30.05 29.51
CA ASP G 25 6.67 31.03 28.40
C ASP G 25 7.38 30.41 27.19
N ASN G 26 8.70 30.34 27.26
CA ASN G 26 9.53 29.95 26.13
C ASN G 26 10.39 28.69 26.42
N ILE G 27 10.22 28.14 27.63
CA ILE G 27 10.82 26.86 27.99
C ILE G 27 10.18 25.75 27.17
N GLN G 28 9.02 26.07 26.59
CA GLN G 28 8.33 25.22 25.62
C GLN G 28 9.23 24.95 24.40
N GLY G 29 10.28 25.76 24.29
CA GLY G 29 11.32 25.60 23.29
C GLY G 29 11.87 24.19 23.18
N ILE G 30 12.33 23.62 24.29
CA ILE G 30 12.77 22.23 24.30
C ILE G 30 11.55 21.31 24.30
N THR G 31 11.44 20.51 23.25
CA THR G 31 10.19 19.83 22.91
C THR G 31 10.15 18.36 23.29
N LYS G 32 8.99 17.73 23.06
CA LYS G 32 8.80 16.31 23.31
C LYS G 32 9.69 15.41 22.44
N PRO G 33 9.85 15.75 21.13
CA PRO G 33 10.86 15.02 20.35
C PRO G 33 12.28 15.22 20.89
N ALA G 34 12.58 16.43 21.37
CA ALA G 34 13.91 16.76 21.86
C ALA G 34 14.28 15.92 23.07
N ILE G 35 13.35 15.83 24.03
CA ILE G 35 13.53 15.00 25.22
C ILE G 35 13.71 13.53 24.82
N ARG G 36 12.93 13.06 23.83
CA ARG G 36 13.07 11.71 23.31
C ARG G 36 14.46 11.45 22.74
N ARG G 37 14.96 12.41 21.95
CA ARG G 37 16.29 12.32 21.34
C ARG G 37 17.37 12.22 22.42
N LEU G 38 17.27 13.08 23.43
CA LEU G 38 18.13 13.05 24.60
C LEU G 38 18.05 11.72 25.34
N ALA G 39 16.83 11.26 25.59
CA ALA G 39 16.62 10.00 26.28
C ALA G 39 17.24 8.83 25.51
N ARG G 40 16.99 8.78 24.21
CA ARG G 40 17.52 7.72 23.35
C ARG G 40 19.04 7.68 23.39
N ARG G 41 19.65 8.86 23.44
CA ARG G 41 21.10 9.00 23.55
C ARG G 41 21.58 8.44 24.88
N GLY G 42 20.75 8.56 25.91
CA GLY G 42 21.05 7.97 27.22
C GLY G 42 20.92 6.46 27.23
N GLY G 43 20.29 5.91 26.19
CA GLY G 43 20.07 4.47 26.08
C GLY G 43 18.69 4.01 26.53
N VAL G 44 17.85 4.97 26.90
CA VAL G 44 16.50 4.69 27.40
C VAL G 44 15.64 4.00 26.33
N LYS G 45 14.90 2.98 26.74
CA LYS G 45 14.03 2.22 25.86
C LYS G 45 12.56 2.62 25.95
N ARG G 46 12.13 2.99 27.16
CA ARG G 46 10.72 3.32 27.41
C ARG G 46 10.59 4.48 28.39
N ILE G 47 9.60 5.34 28.17
CA ILE G 47 9.42 6.51 29.04
C ILE G 47 7.98 6.72 29.49
N SER G 48 7.82 7.15 30.73
CA SER G 48 6.54 7.59 31.26
C SER G 48 6.16 8.92 30.61
N GLY G 49 4.85 9.16 30.48
CA GLY G 49 4.35 10.41 29.93
C GLY G 49 4.66 11.63 30.78
N LEU G 50 4.91 11.41 32.06
CA LEU G 50 5.24 12.50 32.97
C LEU G 50 6.69 12.96 32.85
N ILE G 51 7.54 12.13 32.24
CA ILE G 51 8.97 12.44 32.03
C ILE G 51 9.19 13.79 31.34
N TYR G 52 8.30 14.12 30.41
CA TYR G 52 8.41 15.35 29.63
C TYR G 52 8.47 16.62 30.50
N GLU G 53 7.47 16.79 31.36
CA GLU G 53 7.37 17.95 32.24
C GLU G 53 8.51 17.98 33.27
N GLU G 54 8.91 16.80 33.74
CA GLU G 54 10.01 16.67 34.68
C GLU G 54 11.32 17.15 34.05
N THR G 55 11.58 16.72 32.82
CA THR G 55 12.84 17.03 32.13
C THR G 55 13.00 18.53 31.87
N ARG G 56 11.90 19.19 31.47
CA ARG G 56 11.90 20.64 31.27
C ARG G 56 12.26 21.39 32.56
N GLY G 57 11.80 20.86 33.68
CA GLY G 57 12.12 21.41 35.00
C GLY G 57 13.59 21.27 35.33
N VAL G 58 14.14 20.08 35.11
CA VAL G 58 15.55 19.76 35.43
C VAL G 58 16.51 20.63 34.63
N LEU G 59 16.25 20.76 33.33
CA LEU G 59 17.07 21.58 32.44
C LEU G 59 17.08 23.06 32.86
N LYS G 60 15.90 23.59 33.21
CA LYS G 60 15.77 25.01 33.55
C LYS G 60 16.53 25.36 34.83
N VAL G 61 16.59 24.42 35.77
CA VAL G 61 17.42 24.58 36.97
C VAL G 61 18.87 24.76 36.56
N PHE G 62 19.35 23.82 35.74
CA PHE G 62 20.73 23.80 35.26
C PHE G 62 21.10 25.09 34.53
N LEU G 63 20.23 25.54 33.63
CA LEU G 63 20.47 26.75 32.86
C LEU G 63 20.47 28.01 33.70
N GLU G 64 19.47 28.17 34.58
CA GLU G 64 19.39 29.33 35.45
C GLU G 64 20.68 29.49 36.24
N ASN G 65 21.14 28.40 36.83
CA ASN G 65 22.39 28.37 37.59
C ASN G 65 23.62 28.76 36.75
N VAL G 66 23.75 28.15 35.57
CA VAL G 66 24.91 28.38 34.71
C VAL G 66 24.91 29.79 34.12
N ILE G 67 23.74 30.25 33.68
CA ILE G 67 23.60 31.60 33.12
C ILE G 67 23.80 32.67 34.19
N ARG G 68 23.23 32.45 35.38
CA ARG G 68 23.40 33.37 36.51
C ARG G 68 24.89 33.59 36.79
N ASP G 69 25.66 32.51 36.76
CA ASP G 69 27.10 32.55 36.98
C ASP G 69 27.83 33.29 35.86
N ALA G 70 27.50 32.97 34.61
CA ALA G 70 28.13 33.59 33.44
C ALA G 70 27.87 35.09 33.36
N VAL G 71 26.67 35.53 33.75
CA VAL G 71 26.34 36.96 33.80
C VAL G 71 27.17 37.68 34.86
N THR G 72 27.34 37.02 36.01
CA THR G 72 28.18 37.56 37.09
C THR G 72 29.59 37.83 36.60
N TYR G 73 30.20 36.85 35.92
CA TYR G 73 31.51 37.02 35.31
C TYR G 73 31.54 38.21 34.36
N THR G 74 30.47 38.35 33.58
CA THR G 74 30.33 39.43 32.61
C THR G 74 30.31 40.80 33.30
N GLU G 75 29.53 40.92 34.37
CA GLU G 75 29.40 42.18 35.12
C GLU G 75 30.70 42.58 35.82
N HIS G 76 31.39 41.60 36.39
CA HIS G 76 32.65 41.83 37.10
C HIS G 76 33.81 42.13 36.17
N ALA G 77 33.66 41.76 34.90
CA ALA G 77 34.62 42.11 33.86
C ALA G 77 34.28 43.45 33.22
N LYS G 78 33.21 44.09 33.70
CA LYS G 78 32.67 45.33 33.13
C LYS G 78 32.40 45.23 31.62
N ARG G 79 31.76 44.14 31.22
CA ARG G 79 31.40 43.89 29.83
C ARG G 79 29.89 43.73 29.67
N LYS G 80 29.41 43.87 28.44
CA LYS G 80 28.02 43.60 28.15
C LYS G 80 27.86 42.34 27.30
N THR G 81 29.00 41.78 26.90
CA THR G 81 29.03 40.61 26.02
C THR G 81 29.43 39.35 26.79
N VAL G 82 28.52 38.38 26.84
CA VAL G 82 28.79 37.10 27.47
C VAL G 82 29.67 36.28 26.53
N THR G 83 30.82 35.84 27.04
CA THR G 83 31.79 35.12 26.23
C THR G 83 31.80 33.63 26.56
N ALA G 84 32.42 32.85 25.70
CA ALA G 84 32.60 31.41 25.92
C ALA G 84 33.35 31.11 27.21
N MET G 85 34.35 31.94 27.52
CA MET G 85 35.12 31.81 28.78
C MET G 85 34.24 31.97 30.01
N ASP G 86 33.33 32.93 29.96
CA ASP G 86 32.36 33.16 31.04
C ASP G 86 31.57 31.88 31.34
N VAL G 87 31.26 31.12 30.29
CA VAL G 87 30.57 29.85 30.44
C VAL G 87 31.52 28.75 30.92
N VAL G 88 32.74 28.71 30.38
CA VAL G 88 33.74 27.68 30.72
C VAL G 88 34.04 27.67 32.22
N TYR G 89 34.20 28.85 32.81
CA TYR G 89 34.47 28.99 34.25
C TYR G 89 33.25 28.61 35.10
N ALA G 90 32.08 29.10 34.70
CA ALA G 90 30.81 28.81 35.37
C ALA G 90 30.46 27.31 35.38
N LEU G 91 31.02 26.57 34.44
CA LEU G 91 30.78 25.13 34.32
C LEU G 91 31.75 24.30 35.18
N LYS G 92 32.95 24.82 35.40
CA LYS G 92 33.94 24.15 36.26
C LYS G 92 33.52 24.29 37.71
N ARG G 93 32.53 25.16 37.93
CA ARG G 93 31.97 25.44 39.25
C ARG G 93 30.89 24.43 39.65
N GLN G 94 30.37 23.68 38.68
CA GLN G 94 29.32 22.69 38.91
C GLN G 94 29.88 21.37 39.47
N GLY G 95 31.14 21.10 39.17
CA GLY G 95 31.81 19.88 39.61
C GLY G 95 31.64 18.75 38.62
N ARG G 96 32.73 18.00 38.41
CA ARG G 96 32.72 16.87 37.48
C ARG G 96 32.25 15.58 38.14
N THR G 97 31.29 14.93 37.50
CA THR G 97 30.84 13.61 37.91
C THR G 97 31.40 12.61 36.93
N LEU G 98 32.05 11.57 37.44
CA LEU G 98 32.66 10.57 36.56
C LEU G 98 32.34 9.15 37.04
N TYR G 99 32.57 8.18 36.15
CA TYR G 99 32.26 6.78 36.43
C TYR G 99 33.45 6.05 37.03
N GLY G 100 33.26 5.47 38.22
CA GLY G 100 34.30 4.70 38.90
C GLY G 100 35.43 5.53 39.49
N PHE G 101 36.50 4.85 39.90
CA PHE G 101 37.65 5.50 40.50
C PHE G 101 38.87 5.45 39.57
N ASP H 7 1.23 1.99 29.78
CA ASP H 7 1.07 3.34 30.39
C ASP H 7 2.26 4.27 30.08
N GLY H 8 3.29 3.70 29.45
CA GLY H 8 4.46 4.46 29.02
C GLY H 8 4.54 4.53 27.51
N GLU H 9 5.52 5.27 27.00
CA GLU H 9 5.71 5.42 25.55
C GLU H 9 6.92 4.61 25.08
N GLU H 10 6.86 4.17 23.83
CA GLU H 10 7.92 3.36 23.24
C GLU H 10 8.90 4.25 22.46
N LEU H 11 10.18 3.94 22.57
CA LEU H 11 11.21 4.83 22.05
C LEU H 11 12.10 4.19 21.00
N ILE H 12 11.83 2.92 20.70
CA ILE H 12 12.47 2.21 19.59
C ILE H 12 11.37 1.68 18.68
N GLY H 13 11.55 1.86 17.37
CA GLY H 13 10.62 1.35 16.36
C GLY H 13 10.28 2.36 15.28
N ASP H 14 9.14 2.14 14.62
CA ASP H 14 8.63 3.06 13.61
C ASP H 14 8.35 4.43 14.25
N GLY H 15 8.84 5.48 13.62
CA GLY H 15 8.68 6.83 14.14
C GLY H 15 9.98 7.45 14.62
N MET H 16 10.99 6.61 14.85
CA MET H 16 12.34 7.07 15.20
C MET H 16 12.92 7.97 14.12
N GLU H 17 12.73 7.56 12.87
CA GLU H 17 13.19 8.29 11.69
C GLU H 17 12.69 9.74 11.70
N ARG H 18 11.43 9.91 12.10
CA ARG H 18 10.72 11.18 12.06
C ARG H 18 11.25 12.19 13.09
N ASP H 19 11.82 11.69 14.19
CA ASP H 19 12.40 12.54 15.23
C ASP H 19 13.75 13.14 14.86
N TYR H 20 14.41 12.58 13.85
CA TYR H 20 15.77 13.00 13.49
C TYR H 20 15.90 13.69 12.12
N ARG H 21 14.77 14.17 11.59
CA ARG H 21 14.78 14.94 10.36
C ARG H 21 15.36 16.33 10.59
N ALA H 22 16.21 16.78 9.68
CA ALA H 22 16.80 18.10 9.74
C ALA H 22 15.78 19.17 9.40
N ILE H 23 15.81 20.27 10.13
CA ILE H 23 15.01 21.44 9.82
C ILE H 23 15.98 22.63 9.86
N PRO H 24 16.58 22.99 8.72
CA PRO H 24 17.61 24.04 8.62
C PRO H 24 17.17 25.40 9.18
N GLU H 25 15.87 25.67 9.13
CA GLU H 25 15.30 26.92 9.63
C GLU H 25 15.25 26.97 11.16
N LEU H 26 15.56 25.83 11.79
CA LEU H 26 15.60 25.70 13.24
C LEU H 26 16.98 25.26 13.74
N ASP H 27 17.76 24.63 12.85
CA ASP H 27 19.08 24.10 13.18
C ASP H 27 20.20 25.13 13.09
N ALA H 28 19.83 26.41 13.09
CA ALA H 28 20.77 27.52 13.01
C ALA H 28 20.45 28.63 14.01
N TYR H 29 21.51 29.24 14.56
CA TYR H 29 21.35 30.34 15.50
C TYR H 29 20.88 31.63 14.83
N GLU H 30 19.86 32.26 15.41
CA GLU H 30 19.38 33.56 14.95
C GLU H 30 20.44 34.63 15.20
N ALA H 31 20.53 35.59 14.28
CA ALA H 31 21.51 36.67 14.37
C ALA H 31 21.20 37.61 15.52
N GLU H 32 19.91 37.84 15.77
CA GLU H 32 19.46 38.73 16.84
C GLU H 32 19.90 38.22 18.22
N GLY H 33 20.29 39.14 19.09
CA GLY H 33 20.73 38.80 20.44
C GLY H 33 22.21 38.45 20.56
N LEU H 34 22.84 38.11 19.44
CA LEU H 34 24.27 37.80 19.42
C LEU H 34 25.10 39.07 19.30
N ALA H 35 26.42 38.94 19.49
CA ALA H 35 27.35 40.05 19.32
C ALA H 35 27.26 40.61 17.90
N LEU H 36 27.29 41.93 17.78
CA LEU H 36 27.08 42.60 16.49
C LEU H 36 28.27 42.48 15.53
N ASP H 37 29.45 42.21 16.07
CA ASP H 37 30.67 41.98 15.27
C ASP H 37 31.59 40.94 15.91
N ASP H 38 32.83 40.86 15.44
CA ASP H 38 33.78 39.87 15.96
C ASP H 38 34.90 40.50 16.79
N GLU H 39 34.61 41.66 17.38
CA GLU H 39 35.60 42.48 18.07
C GLU H 39 36.36 41.71 19.17
N ASP H 40 37.55 42.19 19.49
CA ASP H 40 38.31 41.67 20.62
C ASP H 40 37.53 41.83 21.92
N VAL H 41 37.49 40.76 22.71
CA VAL H 41 36.83 40.80 24.00
C VAL H 41 37.88 40.67 25.10
N GLU H 42 37.78 41.53 26.12
CA GLU H 42 38.71 41.51 27.24
C GLU H 42 38.35 40.42 28.25
N GLU H 43 39.22 39.43 28.36
CA GLU H 43 38.99 38.32 29.27
C GLU H 43 39.32 38.70 30.72
N LEU H 44 38.60 38.10 31.67
CA LEU H 44 38.72 38.45 33.09
C LEU H 44 40.13 38.31 33.62
N THR H 45 40.54 39.24 34.46
CA THR H 45 41.85 39.20 35.10
C THR H 45 41.83 38.24 36.29
N ALA H 46 42.97 38.13 37.00
CA ALA H 46 43.04 37.33 38.22
C ALA H 46 42.12 37.90 39.31
N SER H 47 42.09 39.22 39.40
CA SER H 47 41.27 39.94 40.37
C SER H 47 39.78 39.84 40.07
N GLN H 48 39.42 39.96 38.80
CA GLN H 48 38.02 39.91 38.36
C GLN H 48 37.39 38.53 38.54
N ARG H 49 38.20 37.49 38.33
CA ARG H 49 37.80 36.09 38.55
C ARG H 49 37.47 35.84 40.01
N GLU H 50 38.35 36.33 40.88
CA GLU H 50 38.21 36.18 42.32
C GLU H 50 37.03 37.01 42.81
N ALA H 51 36.98 38.29 42.44
CA ALA H 51 35.90 39.19 42.86
C ALA H 51 34.52 38.64 42.50
N ALA H 52 34.45 37.93 41.37
CA ALA H 52 33.20 37.30 40.92
C ALA H 52 32.83 36.07 41.77
N GLU H 53 33.78 35.14 41.91
CA GLU H 53 33.58 33.92 42.70
C GLU H 53 33.35 34.17 44.19
N ARG H 54 33.97 35.22 44.72
CA ARG H 54 33.73 35.63 46.10
C ARG H 54 32.33 36.26 46.24
N ALA H 55 31.90 36.98 45.20
CA ALA H 55 30.55 37.58 45.19
C ALA H 55 29.44 36.53 45.05
N MET H 56 29.70 35.49 44.26
CA MET H 56 28.70 34.43 44.02
C MET H 56 28.45 33.55 45.25
N ARG H 57 29.50 33.33 46.03
CA ARG H 57 29.40 32.64 47.32
C ARG H 57 28.51 33.42 48.30
N GLN H 58 28.49 34.74 48.14
CA GLN H 58 27.60 35.61 48.92
C GLN H 58 26.16 35.14 48.77
N ARG H 59 25.80 34.68 47.57
CA ARG H 59 24.46 34.16 47.34
C ARG H 59 24.39 32.63 47.50
N ASP H 60 25.46 31.94 47.08
CA ASP H 60 25.54 30.48 47.20
C ASP H 60 25.22 29.97 48.60
N ARG H 61 25.84 30.59 49.61
CA ARG H 61 25.56 30.27 51.00
C ARG H 61 24.26 30.94 51.45
N GLU H 62 24.04 32.17 51.00
CA GLU H 62 22.87 32.94 51.39
C GLU H 62 21.80 32.89 50.32
N ALA I 15 -11.63 7.88 -3.07
CA ALA I 15 -12.15 7.63 -4.44
C ALA I 15 -12.88 6.29 -4.51
N LYS I 16 -14.21 6.35 -4.56
CA LYS I 16 -15.03 5.13 -4.60
C LYS I 16 -15.09 4.53 -6.00
N VAL I 17 -15.19 5.38 -7.01
CA VAL I 17 -15.10 4.95 -8.41
C VAL I 17 -13.77 5.44 -8.98
N GLN I 18 -13.04 4.53 -9.61
CA GLN I 18 -11.73 4.84 -10.17
C GLN I 18 -11.59 4.33 -11.59
N VAL I 19 -11.40 5.27 -12.52
CA VAL I 19 -11.19 4.93 -13.93
C VAL I 19 -9.78 4.37 -14.14
N ASN I 20 -9.75 3.12 -14.59
CA ASN I 20 -8.50 2.39 -14.82
C ASN I 20 -7.85 2.73 -16.16
N ASN I 21 -8.69 2.99 -17.17
CA ASN I 21 -8.22 3.21 -18.53
C ASN I 21 -9.26 3.85 -19.43
N VAL I 22 -8.79 4.50 -20.49
CA VAL I 22 -9.64 4.95 -21.59
C VAL I 22 -8.88 4.67 -22.88
N VAL I 23 -9.55 4.08 -23.86
CA VAL I 23 -8.92 3.73 -25.14
C VAL I 23 -9.58 4.47 -26.30
N VAL I 24 -8.78 5.09 -27.17
CA VAL I 24 -9.31 5.84 -28.31
C VAL I 24 -9.37 4.93 -29.56
N LEU I 25 -10.57 4.75 -30.10
CA LEU I 25 -10.84 3.64 -31.05
C LEU I 25 -10.57 3.90 -32.53
N ASP I 26 -11.22 4.91 -33.13
CA ASP I 26 -10.95 5.26 -34.54
C ASP I 26 -10.09 6.53 -34.66
N ASN I 27 -8.77 6.33 -34.65
CA ASN I 27 -7.83 7.43 -34.55
C ASN I 27 -6.51 7.10 -35.25
N PRO I 28 -6.04 8.01 -36.13
CA PRO I 28 -6.75 9.23 -36.53
C PRO I 28 -7.93 8.91 -37.44
N SER I 29 -8.80 9.89 -37.66
CA SER I 29 -10.00 9.69 -38.45
C SER I 29 -10.39 10.98 -39.17
N PRO I 30 -11.31 10.89 -40.16
CA PRO I 30 -12.01 12.08 -40.65
C PRO I 30 -12.60 12.93 -39.52
N PHE I 31 -12.67 14.24 -39.71
CA PHE I 31 -13.18 15.16 -38.67
C PHE I 31 -14.60 14.83 -38.26
N TYR I 32 -15.44 14.46 -39.23
CA TYR I 32 -16.85 14.23 -38.99
C TYR I 32 -17.18 12.89 -38.32
N ASN I 33 -16.19 12.00 -38.24
CA ASN I 33 -16.35 10.70 -37.56
C ASN I 33 -16.78 10.85 -36.11
N PRO I 34 -17.68 9.95 -35.67
CA PRO I 34 -18.09 9.97 -34.27
C PRO I 34 -16.96 9.54 -33.34
N PHE I 35 -16.93 10.14 -32.15
CA PHE I 35 -15.91 9.84 -31.14
C PHE I 35 -16.11 8.45 -30.56
N GLN I 36 -15.04 7.67 -30.57
CA GLN I 36 -15.10 6.32 -30.04
C GLN I 36 -14.08 6.12 -28.93
N PHE I 37 -14.60 5.94 -27.71
CA PHE I 37 -13.79 5.69 -26.53
C PHE I 37 -14.21 4.37 -25.88
N GLU I 38 -13.26 3.69 -25.26
CA GLU I 38 -13.54 2.48 -24.50
C GLU I 38 -13.07 2.72 -23.06
N ILE I 39 -14.03 2.84 -22.16
CA ILE I 39 -13.75 3.23 -20.78
C ILE I 39 -13.83 2.03 -19.82
N THR I 40 -12.78 1.86 -19.03
CA THR I 40 -12.71 0.82 -18.01
C THR I 40 -12.64 1.48 -16.64
N PHE I 41 -13.68 1.31 -15.82
CA PHE I 41 -13.67 1.86 -14.46
C PHE I 41 -13.88 0.77 -13.41
N GLU I 42 -13.53 1.09 -12.16
CA GLU I 42 -13.59 0.13 -11.08
C GLU I 42 -14.43 0.65 -9.92
N CYS I 43 -15.25 -0.22 -9.35
CA CYS I 43 -16.16 0.15 -8.28
C CYS I 43 -15.92 -0.69 -7.04
N ILE I 44 -15.63 -0.02 -5.93
CA ILE I 44 -15.32 -0.67 -4.65
C ILE I 44 -16.57 -1.30 -4.01
N GLU I 45 -17.73 -0.68 -4.24
CA GLU I 45 -19.00 -1.20 -3.75
C GLU I 45 -20.15 -0.77 -4.68
N ASP I 46 -21.31 -1.39 -4.51
CA ASP I 46 -22.50 -1.04 -5.30
C ASP I 46 -22.85 0.45 -5.22
N LEU I 47 -23.37 0.99 -6.31
CA LEU I 47 -23.67 2.42 -6.37
C LEU I 47 -25.14 2.79 -6.26
N SER I 48 -25.43 3.64 -5.28
CA SER I 48 -26.78 4.11 -4.98
C SER I 48 -27.33 5.03 -6.07
N GLU I 49 -26.50 5.97 -6.51
CA GLU I 49 -26.88 6.91 -7.57
C GLU I 49 -26.30 6.52 -8.93
N ASP I 50 -26.61 7.30 -9.96
CA ASP I 50 -26.11 7.08 -11.31
C ASP I 50 -24.80 7.81 -11.58
N LEU I 51 -23.97 7.24 -12.45
CA LEU I 51 -22.80 7.92 -12.95
C LEU I 51 -23.16 8.61 -14.28
N GLU I 52 -22.82 9.89 -14.38
CA GLU I 52 -23.08 10.64 -15.60
C GLU I 52 -21.77 10.95 -16.31
N TRP I 53 -21.63 10.40 -17.52
CA TRP I 53 -20.45 10.63 -18.35
C TRP I 53 -20.75 11.66 -19.40
N LYS I 54 -19.96 12.72 -19.44
CA LYS I 54 -20.11 13.75 -20.48
C LYS I 54 -18.93 13.72 -21.45
N ILE I 55 -19.24 13.85 -22.74
CA ILE I 55 -18.20 14.08 -23.76
C ILE I 55 -18.33 15.52 -24.27
N ILE I 56 -17.30 16.32 -24.02
CA ILE I 56 -17.32 17.76 -24.32
C ILE I 56 -16.17 18.17 -25.24
N TYR I 57 -16.51 18.85 -26.32
CA TYR I 57 -15.55 19.39 -27.28
C TYR I 57 -15.42 20.89 -27.03
N VAL I 58 -14.23 21.31 -26.62
CA VAL I 58 -13.97 22.73 -26.36
C VAL I 58 -13.72 23.43 -27.70
N GLY I 59 -14.74 24.15 -28.17
CA GLY I 59 -14.69 24.86 -29.44
C GLY I 59 -13.63 25.94 -29.43
N SER I 60 -13.54 26.68 -28.32
CA SER I 60 -12.54 27.73 -28.15
C SER I 60 -12.03 27.85 -26.72
N ALA I 61 -10.73 28.14 -26.59
CA ALA I 61 -10.12 28.34 -25.29
C ALA I 61 -10.54 29.66 -24.68
N GLU I 62 -11.09 30.54 -25.52
CA GLU I 62 -11.45 31.91 -25.13
C GLU I 62 -12.73 32.00 -24.31
N SER I 63 -13.71 31.14 -24.60
CA SER I 63 -14.95 31.12 -23.83
C SER I 63 -15.55 29.72 -23.66
N GLU I 64 -16.20 29.52 -22.51
CA GLU I 64 -16.95 28.30 -22.24
C GLU I 64 -18.17 28.21 -23.14
N GLU I 65 -18.62 29.38 -23.62
CA GLU I 65 -19.73 29.43 -24.57
C GLU I 65 -19.57 28.47 -25.75
N TYR I 66 -18.33 28.26 -26.18
CA TYR I 66 -18.08 27.52 -27.42
C TYR I 66 -17.86 26.01 -27.23
N ASP I 67 -17.94 25.56 -25.98
CA ASP I 67 -17.85 24.14 -25.67
C ASP I 67 -19.15 23.44 -26.07
N GLN I 68 -19.01 22.32 -26.78
CA GLN I 68 -20.16 21.55 -27.23
C GLN I 68 -20.24 20.20 -26.53
N VAL I 69 -21.30 20.00 -25.75
CA VAL I 69 -21.58 18.70 -25.11
C VAL I 69 -22.08 17.75 -26.19
N LEU I 70 -21.19 16.91 -26.70
CA LEU I 70 -21.48 16.06 -27.85
C LEU I 70 -22.38 14.89 -27.50
N ASP I 71 -22.33 14.48 -26.23
CA ASP I 71 -23.19 13.43 -25.69
C ASP I 71 -23.15 13.40 -24.17
N SER I 72 -24.18 12.81 -23.58
CA SER I 72 -24.23 12.59 -22.13
C SER I 72 -24.96 11.29 -21.83
N VAL I 73 -24.32 10.42 -21.06
CA VAL I 73 -24.86 9.10 -20.76
C VAL I 73 -24.99 8.89 -19.26
N LEU I 74 -26.09 8.26 -18.86
CA LEU I 74 -26.36 7.96 -17.46
C LEU I 74 -26.24 6.45 -17.23
N VAL I 75 -25.35 6.06 -16.31
CA VAL I 75 -25.07 4.65 -16.02
C VAL I 75 -25.45 4.28 -14.57
N GLY I 76 -26.19 3.19 -14.42
CA GLY I 76 -26.65 2.72 -13.12
C GLY I 76 -27.79 1.73 -13.23
N PRO I 77 -28.01 0.91 -12.18
CA PRO I 77 -27.15 0.82 -11.00
C PRO I 77 -25.87 0.06 -11.31
N VAL I 78 -24.81 0.37 -10.57
CA VAL I 78 -23.47 -0.15 -10.84
C VAL I 78 -23.08 -1.29 -9.87
N PRO I 79 -22.87 -2.51 -10.42
CA PRO I 79 -22.31 -3.60 -9.62
C PRO I 79 -20.87 -3.28 -9.21
N ALA I 80 -20.43 -3.84 -8.09
CA ALA I 80 -19.04 -3.69 -7.68
C ALA I 80 -18.12 -4.46 -8.63
N GLY I 81 -16.94 -3.91 -8.88
CA GLY I 81 -15.95 -4.55 -9.76
C GLY I 81 -15.59 -3.77 -11.02
N ARG I 82 -14.82 -4.43 -11.88
CA ARG I 82 -14.30 -3.82 -13.11
C ARG I 82 -15.32 -3.86 -14.24
N HIS I 83 -15.74 -2.69 -14.68
CA HIS I 83 -16.70 -2.57 -15.77
C HIS I 83 -16.08 -1.90 -16.96
N MET I 84 -16.61 -2.20 -18.14
CA MET I 84 -16.03 -1.75 -19.41
C MET I 84 -17.15 -1.45 -20.41
N PHE I 85 -17.16 -0.23 -20.95
CA PHE I 85 -18.16 0.15 -21.95
C PHE I 85 -17.59 1.04 -23.05
N VAL I 86 -18.29 1.10 -24.19
CA VAL I 86 -17.85 1.90 -25.34
C VAL I 86 -18.74 3.15 -25.51
N PHE I 87 -18.12 4.32 -25.34
CA PHE I 87 -18.82 5.60 -25.48
C PHE I 87 -18.62 6.16 -26.89
N GLN I 88 -19.73 6.56 -27.52
CA GLN I 88 -19.70 7.05 -28.88
C GLN I 88 -20.59 8.28 -29.07
N ALA I 89 -19.96 9.45 -29.17
CA ALA I 89 -20.66 10.70 -29.41
C ALA I 89 -20.41 11.19 -30.83
N ASP I 90 -21.36 11.95 -31.38
CA ASP I 90 -21.22 12.54 -32.72
C ASP I 90 -20.21 13.67 -32.74
N ALA I 91 -19.68 13.97 -33.92
CA ALA I 91 -18.72 15.06 -34.11
C ALA I 91 -19.36 16.41 -33.82
N PRO I 92 -18.57 17.39 -33.35
CA PRO I 92 -19.10 18.72 -33.01
C PRO I 92 -19.63 19.45 -34.23
N ASN I 93 -20.51 20.42 -34.00
CA ASN I 93 -21.04 21.24 -35.08
C ASN I 93 -20.01 22.25 -35.54
N PRO I 94 -19.52 22.12 -36.79
CA PRO I 94 -18.49 23.03 -37.30
C PRO I 94 -18.97 24.47 -37.35
N GLY I 95 -20.29 24.66 -37.44
CA GLY I 95 -20.91 25.98 -37.43
C GLY I 95 -20.69 26.77 -36.15
N LEU I 96 -20.54 26.06 -35.04
CA LEU I 96 -20.35 26.70 -33.74
C LEU I 96 -18.88 26.90 -33.35
N ILE I 97 -17.96 26.40 -34.18
CA ILE I 97 -16.52 26.45 -33.88
C ILE I 97 -15.86 27.72 -34.46
N PRO I 98 -15.37 28.62 -33.58
CA PRO I 98 -14.66 29.81 -34.07
C PRO I 98 -13.54 29.45 -35.03
N ASP I 99 -13.59 30.05 -36.22
CA ASP I 99 -12.69 29.71 -37.31
C ASP I 99 -11.23 29.62 -36.90
N ALA I 100 -10.81 30.55 -36.05
CA ALA I 100 -9.41 30.65 -35.61
C ALA I 100 -8.90 29.33 -35.03
N ASP I 101 -9.76 28.62 -34.30
CA ASP I 101 -9.37 27.44 -33.55
C ASP I 101 -9.62 26.13 -34.29
N ALA I 102 -10.44 26.20 -35.34
CA ALA I 102 -10.87 25.01 -36.08
C ALA I 102 -9.73 24.14 -36.58
N VAL I 103 -8.83 24.72 -37.37
CA VAL I 103 -7.63 24.01 -37.82
C VAL I 103 -6.51 24.21 -36.81
N GLY I 104 -6.01 23.11 -36.25
CA GLY I 104 -4.98 23.17 -35.22
C GLY I 104 -5.43 22.53 -33.92
N VAL I 105 -4.67 22.78 -32.85
CA VAL I 105 -4.86 22.05 -31.60
C VAL I 105 -5.99 22.59 -30.72
N THR I 106 -6.83 21.66 -30.27
CA THR I 106 -7.94 21.93 -29.34
C THR I 106 -8.09 20.75 -28.36
N VAL I 107 -9.14 20.75 -27.53
CA VAL I 107 -9.35 19.64 -26.58
C VAL I 107 -10.74 18.99 -26.62
N VAL I 108 -10.77 17.69 -26.34
CA VAL I 108 -11.98 16.96 -26.00
C VAL I 108 -11.86 16.51 -24.56
N LEU I 109 -12.95 16.63 -23.81
CA LEU I 109 -12.98 16.18 -22.43
C LEU I 109 -13.94 15.01 -22.27
N ILE I 110 -13.56 14.07 -21.42
CA ILE I 110 -14.47 13.05 -20.91
C ILE I 110 -14.53 13.26 -19.40
N THR I 111 -15.71 13.68 -18.93
CA THR I 111 -15.90 13.94 -17.51
C THR I 111 -16.99 13.02 -16.95
N CYS I 112 -16.78 12.56 -15.72
CA CYS I 112 -17.77 11.80 -15.00
C CYS I 112 -18.13 12.42 -13.66
N THR I 113 -19.43 12.49 -13.40
CA THR I 113 -19.97 13.10 -12.19
C THR I 113 -20.76 12.06 -11.38
N TYR I 114 -20.69 12.18 -10.07
CA TYR I 114 -21.52 11.37 -9.16
C TYR I 114 -22.27 12.33 -8.24
N ARG I 115 -23.60 12.18 -8.23
CA ARG I 115 -24.49 13.11 -7.52
C ARG I 115 -24.25 14.55 -8.00
N GLY I 116 -23.99 14.70 -9.29
CA GLY I 116 -23.68 15.99 -9.90
C GLY I 116 -22.37 16.61 -9.45
N GLN I 117 -21.43 15.77 -9.05
CA GLN I 117 -20.10 16.22 -8.65
C GLN I 117 -19.04 15.50 -9.47
N GLU I 118 -18.23 16.25 -10.19
CA GLU I 118 -17.19 15.69 -11.02
C GLU I 118 -16.01 15.21 -10.19
N PHE I 119 -15.70 13.93 -10.31
CA PHE I 119 -14.59 13.32 -9.58
C PHE I 119 -13.40 13.03 -10.49
N ILE I 120 -13.67 12.86 -11.79
CA ILE I 120 -12.61 12.62 -12.77
C ILE I 120 -12.86 13.37 -14.08
N ARG I 121 -11.78 13.93 -14.63
CA ARG I 121 -11.78 14.55 -15.93
C ARG I 121 -10.63 13.96 -16.74
N VAL I 122 -10.95 13.36 -17.89
CA VAL I 122 -9.92 12.88 -18.80
C VAL I 122 -9.99 13.74 -20.06
N GLY I 123 -8.93 14.52 -20.29
CA GLY I 123 -8.86 15.39 -21.45
C GLY I 123 -7.82 14.94 -22.46
N TYR I 124 -8.11 15.18 -23.73
CA TYR I 124 -7.21 14.84 -24.82
C TYR I 124 -6.99 16.05 -25.71
N TYR I 125 -5.75 16.30 -26.08
CA TYR I 125 -5.47 17.33 -27.07
C TYR I 125 -5.80 16.79 -28.45
N VAL I 126 -6.47 17.61 -29.26
CA VAL I 126 -6.96 17.19 -30.57
C VAL I 126 -6.37 18.05 -31.68
N ASN I 127 -5.65 17.40 -32.59
CA ASN I 127 -5.01 18.07 -33.71
C ASN I 127 -5.81 17.92 -34.99
N ASN I 128 -6.34 19.04 -35.47
CA ASN I 128 -7.07 19.07 -36.73
C ASN I 128 -6.17 19.65 -37.82
N GLU I 129 -5.96 18.86 -38.87
CA GLU I 129 -5.01 19.21 -39.92
C GLU I 129 -5.41 18.57 -41.24
N TYR I 130 -5.14 19.28 -42.34
CA TYR I 130 -5.42 18.77 -43.68
C TYR I 130 -4.35 17.77 -44.10
N THR I 131 -4.79 16.65 -44.68
CA THR I 131 -3.89 15.54 -45.02
C THR I 131 -3.23 15.69 -46.38
N GLU I 132 -3.44 16.83 -47.03
CA GLU I 132 -2.86 17.11 -48.35
C GLU I 132 -1.78 18.18 -48.22
N THR I 133 -0.65 17.98 -48.89
CA THR I 133 0.47 18.94 -48.83
C THR I 133 0.03 20.33 -49.29
N GLU I 134 -0.65 20.36 -50.44
CA GLU I 134 -1.10 21.61 -51.04
C GLU I 134 -1.99 22.41 -50.11
N LEU I 135 -2.86 21.72 -49.37
CA LEU I 135 -3.74 22.38 -48.40
C LEU I 135 -3.01 22.83 -47.14
N ARG I 136 -1.91 22.14 -46.81
CA ARG I 136 -1.08 22.56 -45.68
C ARG I 136 -0.24 23.77 -46.04
N GLU I 137 0.30 23.79 -47.27
CA GLU I 137 1.06 24.94 -47.80
C GLU I 137 0.22 26.21 -47.82
N ASN I 138 -1.03 26.08 -48.27
CA ASN I 138 -1.98 27.18 -48.32
C ASN I 138 -3.38 26.74 -47.88
N PRO I 139 -3.67 26.87 -46.57
CA PRO I 139 -5.01 26.58 -46.07
C PRO I 139 -6.01 27.66 -46.49
N PRO I 140 -7.29 27.30 -46.65
CA PRO I 140 -8.33 28.26 -47.03
C PRO I 140 -8.73 29.19 -45.88
N VAL I 141 -9.25 30.37 -46.24
CA VAL I 141 -9.68 31.38 -45.25
C VAL I 141 -10.82 30.85 -44.35
N LYS I 142 -11.82 30.24 -44.97
CA LYS I 142 -12.83 29.48 -44.22
C LYS I 142 -12.37 28.03 -44.18
N PRO I 143 -12.31 27.45 -42.97
CA PRO I 143 -11.87 26.06 -42.80
C PRO I 143 -12.76 25.08 -43.58
N ASP I 144 -12.13 24.13 -44.26
CA ASP I 144 -12.85 23.06 -44.95
C ASP I 144 -12.82 21.78 -44.12
N PHE I 145 -13.90 21.56 -43.36
CA PHE I 145 -13.98 20.47 -42.41
C PHE I 145 -14.02 19.07 -43.04
N SER I 146 -14.44 18.99 -44.30
CA SER I 146 -14.55 17.70 -44.99
C SER I 146 -13.20 17.15 -45.47
N LYS I 147 -12.17 17.99 -45.47
CA LYS I 147 -10.82 17.56 -45.81
C LYS I 147 -9.91 17.53 -44.58
N LEU I 148 -10.48 17.86 -43.42
CA LEU I 148 -9.76 17.85 -42.15
C LEU I 148 -9.61 16.46 -41.58
N GLN I 149 -8.40 16.16 -41.09
CA GLN I 149 -8.20 14.98 -40.28
C GLN I 149 -8.28 15.36 -38.82
N ARG I 150 -9.01 14.56 -38.05
CA ARG I 150 -9.00 14.67 -36.60
C ARG I 150 -8.00 13.67 -36.03
N ASN I 151 -7.03 14.19 -35.30
CA ASN I 151 -6.04 13.35 -34.65
C ASN I 151 -6.00 13.64 -33.15
N ILE I 152 -6.62 12.76 -32.38
CA ILE I 152 -6.59 12.87 -30.93
C ILE I 152 -5.21 12.40 -30.45
N LEU I 153 -4.48 13.29 -29.77
CA LEU I 153 -3.18 12.93 -29.19
C LEU I 153 -3.42 12.00 -28.01
N ALA I 154 -3.58 10.71 -28.34
CA ALA I 154 -4.15 9.72 -27.43
C ALA I 154 -3.22 9.27 -26.32
N SER I 155 -1.93 9.10 -26.63
CA SER I 155 -0.96 8.69 -25.61
C SER I 155 -0.54 9.81 -24.66
N ASN I 156 -1.13 11.00 -24.82
CA ASN I 156 -0.85 12.16 -23.95
C ASN I 156 -2.09 12.74 -23.28
N PRO I 157 -2.78 11.93 -22.46
CA PRO I 157 -4.00 12.43 -21.83
C PRO I 157 -3.71 13.27 -20.58
N ARG I 158 -4.67 14.12 -20.22
CA ARG I 158 -4.56 14.93 -19.02
C ARG I 158 -5.62 14.46 -18.02
N VAL I 159 -5.25 13.49 -17.21
CA VAL I 159 -6.16 12.84 -16.27
C VAL I 159 -6.17 13.55 -14.91
N THR I 160 -7.24 14.28 -14.63
CA THR I 160 -7.36 15.06 -13.40
C THR I 160 -8.44 14.48 -12.47
N ARG I 161 -8.05 14.20 -11.23
CA ARG I 161 -8.96 13.61 -10.25
C ARG I 161 -9.28 14.62 -9.15
N PHE I 162 -10.56 14.73 -8.81
CA PHE I 162 -11.01 15.64 -7.76
C PHE I 162 -11.61 14.87 -6.58
N HIS I 163 -11.34 15.34 -5.36
CA HIS I 163 -11.84 14.71 -4.15
C HIS I 163 -13.18 15.28 -3.76
N ILE I 164 -14.22 14.49 -3.99
CA ILE I 164 -15.62 14.93 -3.81
C ILE I 164 -16.35 14.11 -2.74
N ASN I 165 -17.53 14.57 -2.35
CA ASN I 165 -18.42 13.82 -1.46
C ASN I 165 -19.04 12.62 -2.16
N TRP I 166 -18.87 11.45 -1.55
CA TRP I 166 -19.39 10.20 -2.10
C TRP I 166 -20.71 9.78 -1.49
N GLU I 167 -21.27 10.64 -0.62
CA GLU I 167 -22.66 10.50 -0.19
C GLU I 167 -23.51 11.70 -0.64
N ILE J 52 29.00 3.15 -19.49
CA ILE J 52 28.08 3.78 -18.50
C ILE J 52 28.34 5.28 -18.40
N ARG J 53 27.31 6.03 -18.04
CA ARG J 53 27.42 7.48 -17.81
C ARG J 53 26.98 7.82 -16.39
N ARG J 54 27.86 8.49 -15.65
CA ARG J 54 27.50 8.94 -14.31
C ARG J 54 26.93 10.36 -14.34
N TYR J 55 25.86 10.55 -13.58
CA TYR J 55 25.24 11.87 -13.43
C TYR J 55 25.82 12.63 -12.23
N GLN J 56 26.07 13.92 -12.43
CA GLN J 56 26.39 14.83 -11.32
C GLN J 56 25.08 15.33 -10.72
N LYS J 57 24.99 15.39 -9.39
CA LYS J 57 23.73 15.77 -8.75
C LYS J 57 23.69 17.23 -8.26
N SER J 58 22.53 17.86 -8.40
CA SER J 58 22.33 19.26 -8.03
C SER J 58 20.85 19.59 -7.83
N THR J 59 20.54 20.33 -6.78
CA THR J 59 19.19 20.85 -6.55
C THR J 59 18.75 21.69 -7.74
N GLU J 60 17.46 21.70 -8.04
CA GLU J 60 16.95 22.47 -9.17
C GLU J 60 16.38 23.80 -8.70
N LEU J 61 16.33 24.77 -9.61
CA LEU J 61 15.82 26.10 -9.29
C LEU J 61 14.66 26.52 -10.20
N LEU J 62 13.45 26.50 -9.64
CA LEU J 62 12.28 27.04 -10.32
C LEU J 62 11.97 28.43 -9.76
N ILE J 63 11.26 28.47 -8.63
CA ILE J 63 11.04 29.73 -7.93
C ILE J 63 11.94 29.82 -6.71
N ARG J 64 12.44 31.04 -6.43
CA ARG J 64 13.29 31.31 -5.25
C ARG J 64 12.49 31.14 -3.97
N LYS J 65 13.17 30.70 -2.90
CA LYS J 65 12.49 30.32 -1.66
C LYS J 65 11.99 31.48 -0.81
N LEU J 66 12.89 32.39 -0.44
CA LEU J 66 12.55 33.54 0.41
C LEU J 66 11.42 34.41 -0.17
N PRO J 67 11.50 34.76 -1.46
CA PRO J 67 10.37 35.50 -2.04
C PRO J 67 9.07 34.72 -1.94
N PHE J 68 9.13 33.41 -2.19
CA PHE J 68 7.94 32.58 -2.12
C PHE J 68 7.32 32.55 -0.72
N GLN J 69 8.17 32.51 0.31
CA GLN J 69 7.72 32.50 1.70
C GLN J 69 7.00 33.78 2.05
N ARG J 70 7.51 34.91 1.55
CA ARG J 70 6.88 36.20 1.75
C ARG J 70 5.55 36.28 1.02
N LEU J 71 5.47 35.66 -0.15
CA LEU J 71 4.23 35.60 -0.92
C LEU J 71 3.14 34.83 -0.16
N VAL J 72 3.54 33.70 0.43
CA VAL J 72 2.62 32.89 1.23
C VAL J 72 2.08 33.69 2.42
N ARG J 73 2.99 34.32 3.16
CA ARG J 73 2.62 35.18 4.29
C ARG J 73 1.58 36.25 3.92
N GLU J 74 1.82 36.94 2.80
CA GLU J 74 0.92 37.96 2.27
C GLU J 74 -0.52 37.46 2.17
N ILE J 75 -0.68 36.36 1.43
CA ILE J 75 -1.98 35.79 1.14
C ILE J 75 -2.63 35.22 2.40
N ALA J 76 -1.86 34.45 3.16
CA ALA J 76 -2.36 33.84 4.39
C ALA J 76 -2.82 34.86 5.44
N GLN J 77 -2.24 36.06 5.40
CA GLN J 77 -2.61 37.13 6.33
C GLN J 77 -4.06 37.56 6.12
N ASP J 78 -4.50 37.59 4.87
CA ASP J 78 -5.84 38.02 4.51
C ASP J 78 -6.91 37.02 4.95
N PHE J 79 -6.55 35.74 5.02
CA PHE J 79 -7.47 34.70 5.47
C PHE J 79 -7.52 34.55 7.01
N LYS J 80 -6.35 34.59 7.65
CA LYS J 80 -6.27 34.54 9.12
C LYS J 80 -4.96 35.15 9.63
N THR J 81 -5.07 36.21 10.42
CA THR J 81 -3.92 36.91 11.01
C THR J 81 -3.26 36.06 12.10
N ASP J 82 -2.01 36.41 12.44
CA ASP J 82 -1.25 35.74 13.50
C ASP J 82 -1.27 34.22 13.35
N LEU J 83 -0.60 33.74 12.32
CA LEU J 83 -0.69 32.35 11.90
C LEU J 83 0.66 31.85 11.42
N ARG J 84 1.17 30.80 12.05
CA ARG J 84 2.49 30.27 11.74
C ARG J 84 2.45 29.07 10.79
N PHE J 85 3.52 28.91 10.02
CA PHE J 85 3.67 27.81 9.07
C PHE J 85 4.86 26.94 9.44
N GLN J 86 4.71 25.63 9.30
CA GLN J 86 5.85 24.73 9.42
C GLN J 86 6.64 24.82 8.12
N SER J 87 7.97 24.72 8.21
CA SER J 87 8.84 24.84 7.04
C SER J 87 8.45 23.84 5.93
N SER J 88 8.12 22.62 6.36
CA SER J 88 7.70 21.56 5.46
C SER J 88 6.37 21.83 4.77
N ALA J 89 5.53 22.66 5.39
CA ALA J 89 4.24 23.04 4.82
C ALA J 89 4.40 24.05 3.69
N VAL J 90 5.21 25.08 3.94
CA VAL J 90 5.52 26.09 2.94
C VAL J 90 6.22 25.43 1.76
N MET J 91 7.13 24.51 2.05
CA MET J 91 7.86 23.79 1.02
C MET J 91 6.92 22.94 0.16
N ALA J 92 5.96 22.28 0.81
CA ALA J 92 4.93 21.51 0.12
C ALA J 92 4.07 22.39 -0.79
N LEU J 93 3.76 23.59 -0.30
CA LEU J 93 3.05 24.61 -1.09
C LEU J 93 3.86 25.06 -2.30
N GLN J 94 5.16 25.19 -2.12
CA GLN J 94 6.05 25.58 -3.21
C GLN J 94 6.16 24.47 -4.23
N GLU J 95 6.44 23.25 -3.75
CA GLU J 95 6.52 22.10 -4.65
C GLU J 95 5.26 21.95 -5.51
N ALA J 96 4.11 22.19 -4.89
CA ALA J 96 2.82 22.17 -5.58
C ALA J 96 2.76 23.17 -6.72
N CYS J 97 2.97 24.45 -6.39
CA CYS J 97 2.92 25.54 -7.37
C CYS J 97 3.83 25.29 -8.55
N GLU J 98 5.08 24.96 -8.23
CA GLU J 98 6.14 24.79 -9.21
C GLU J 98 5.87 23.64 -10.19
N ALA J 99 5.45 22.49 -9.68
CA ALA J 99 5.10 21.36 -10.52
C ALA J 99 3.84 21.64 -11.31
N TYR J 100 2.92 22.41 -10.71
CA TYR J 100 1.67 22.78 -11.37
C TYR J 100 1.92 23.68 -12.57
N LEU J 101 2.76 24.70 -12.39
CA LEU J 101 3.11 25.61 -13.48
C LEU J 101 4.00 24.96 -14.54
N VAL J 102 4.89 24.06 -14.13
CA VAL J 102 5.75 23.31 -15.06
C VAL J 102 4.92 22.41 -15.97
N GLY J 103 3.92 21.75 -15.39
CA GLY J 103 2.98 20.93 -16.14
C GLY J 103 2.16 21.76 -17.11
N LEU J 104 1.73 22.93 -16.65
CA LEU J 104 0.99 23.88 -17.47
C LEU J 104 1.80 24.27 -18.69
N PHE J 105 3.10 24.49 -18.51
CA PHE J 105 4.01 24.82 -19.61
C PHE J 105 4.30 23.63 -20.51
N GLU J 106 4.29 22.42 -19.96
CA GLU J 106 4.46 21.19 -20.75
C GLU J 106 3.35 21.04 -21.76
N ASP J 107 2.12 21.33 -21.33
CA ASP J 107 0.95 21.38 -22.21
C ASP J 107 1.13 22.43 -23.31
N THR J 108 1.65 23.59 -22.90
CA THR J 108 1.87 24.71 -23.80
C THR J 108 2.93 24.36 -24.84
N ASN J 109 3.92 23.58 -24.42
CA ASN J 109 4.96 23.07 -25.32
C ASN J 109 4.41 22.10 -26.35
N LEU J 110 3.62 21.13 -25.89
CA LEU J 110 2.99 20.13 -26.76
C LEU J 110 1.99 20.75 -27.75
N CYS J 111 1.21 21.72 -27.28
CA CYS J 111 0.31 22.49 -28.14
C CYS J 111 1.05 23.17 -29.29
N ALA J 112 2.24 23.70 -28.98
CA ALA J 112 3.00 24.47 -29.94
C ALA J 112 3.67 23.58 -30.98
N ILE J 113 4.24 22.46 -30.54
CA ILE J 113 5.02 21.59 -31.43
C ILE J 113 4.16 20.97 -32.53
N HIS J 114 2.98 20.47 -32.15
CA HIS J 114 2.04 19.87 -33.10
C HIS J 114 1.39 20.91 -33.97
N ALA J 115 0.98 22.02 -33.37
CA ALA J 115 0.45 23.17 -34.13
C ALA J 115 1.56 23.85 -34.96
N LYS J 116 2.75 23.27 -34.93
CA LYS J 116 3.91 23.73 -35.71
C LYS J 116 4.24 25.20 -35.49
N ARG J 117 4.20 25.64 -34.24
CA ARG J 117 4.56 27.00 -33.85
C ARG J 117 5.86 27.05 -33.06
N VAL J 118 6.42 28.25 -32.90
CA VAL J 118 7.65 28.42 -32.14
C VAL J 118 7.36 29.13 -30.82
N THR J 119 6.52 30.17 -30.90
CA THR J 119 6.15 30.99 -29.74
C THR J 119 4.87 30.48 -29.10
N ILE J 120 4.87 30.39 -27.77
CA ILE J 120 3.67 30.03 -27.02
C ILE J 120 2.89 31.29 -26.63
N MET J 121 1.57 31.16 -26.53
CA MET J 121 0.67 32.29 -26.29
C MET J 121 -0.15 32.10 -25.02
N PRO J 122 -0.67 33.20 -24.42
CA PRO J 122 -1.54 33.06 -23.25
C PRO J 122 -2.75 32.12 -23.51
N LYS J 123 -3.14 31.97 -24.77
CA LYS J 123 -4.23 31.07 -25.13
C LYS J 123 -3.88 29.59 -24.92
N ASP J 124 -2.61 29.24 -25.10
CA ASP J 124 -2.15 27.87 -24.87
C ASP J 124 -2.13 27.53 -23.39
N ILE J 125 -1.93 28.57 -22.56
CA ILE J 125 -2.05 28.45 -21.10
C ILE J 125 -3.51 28.30 -20.71
N GLN J 126 -4.37 29.10 -21.34
CA GLN J 126 -5.82 29.01 -21.12
C GLN J 126 -6.35 27.61 -21.43
N LEU J 127 -5.90 27.01 -22.53
CA LEU J 127 -6.23 25.61 -22.87
C LEU J 127 -5.72 24.64 -21.81
N ALA J 128 -4.45 24.77 -21.45
CA ALA J 128 -3.83 23.94 -20.41
C ALA J 128 -4.63 23.98 -19.11
N ARG J 129 -5.11 25.16 -18.76
CA ARG J 129 -5.96 25.36 -17.60
C ARG J 129 -7.33 24.67 -17.73
N ARG J 130 -7.87 24.68 -18.96
CA ARG J 130 -9.19 24.11 -19.23
C ARG J 130 -9.19 22.60 -19.11
N ILE J 131 -8.21 21.96 -19.76
CA ILE J 131 -8.08 20.50 -19.80
C ILE J 131 -7.91 19.94 -18.37
N ARG J 132 -7.57 20.83 -17.44
CA ARG J 132 -7.33 20.46 -16.05
C ARG J 132 -8.51 20.79 -15.13
N GLY J 133 -9.52 21.46 -15.66
CA GLY J 133 -10.80 21.58 -14.95
C GLY J 133 -11.29 22.96 -14.58
N GLU J 134 -10.35 23.86 -14.26
CA GLU J 134 -10.72 25.22 -13.83
C GLU J 134 -11.32 26.04 -14.97
N ARG J 135 -12.28 26.91 -14.63
CA ARG J 135 -12.89 27.81 -15.61
C ARG J 135 -12.05 29.06 -15.82
N ILE K 27 1.44 40.77 -7.15
CA ILE K 27 2.10 39.45 -6.86
C ILE K 27 3.58 39.50 -7.27
N GLN K 28 4.33 40.36 -6.59
CA GLN K 28 5.73 40.59 -6.91
C GLN K 28 6.67 39.45 -6.46
N GLY K 29 6.13 38.52 -5.65
CA GLY K 29 6.90 37.36 -5.20
C GLY K 29 7.56 36.61 -6.35
N ILE K 30 6.77 36.26 -7.36
CA ILE K 30 7.26 35.59 -8.55
C ILE K 30 7.77 36.60 -9.60
N THR K 31 8.93 36.28 -10.16
CA THR K 31 9.63 37.20 -11.05
C THR K 31 9.62 36.74 -12.50
N LYS K 32 10.08 37.61 -13.41
CA LYS K 32 10.25 37.25 -14.81
C LYS K 32 11.28 36.13 -15.02
N PRO K 33 12.44 36.22 -14.33
CA PRO K 33 13.40 35.12 -14.35
C PRO K 33 12.81 33.78 -13.91
N ALA K 34 11.94 33.81 -12.90
CA ALA K 34 11.29 32.60 -12.39
C ALA K 34 10.41 31.96 -13.44
N ILE K 35 9.54 32.77 -14.06
CA ILE K 35 8.65 32.32 -15.13
C ILE K 35 9.44 31.62 -16.24
N ARG K 36 10.55 32.21 -16.65
CA ARG K 36 11.44 31.61 -17.65
C ARG K 36 11.99 30.25 -17.21
N ARG K 37 12.44 30.15 -15.96
CA ARG K 37 12.97 28.90 -15.41
C ARG K 37 11.94 27.78 -15.48
N LEU K 38 10.72 28.09 -15.05
CA LEU K 38 9.59 27.15 -15.10
C LEU K 38 9.29 26.71 -16.54
N ALA K 39 9.28 27.67 -17.46
CA ALA K 39 9.00 27.39 -18.87
C ALA K 39 10.07 26.49 -19.50
N ARG K 40 11.33 26.70 -19.12
CA ARG K 40 12.43 25.91 -19.66
C ARG K 40 12.35 24.44 -19.23
N ARG K 41 11.98 24.19 -17.98
CA ARG K 41 11.75 22.82 -17.51
C ARG K 41 10.50 22.24 -18.18
N GLY K 42 9.57 23.12 -18.55
CA GLY K 42 8.36 22.70 -19.27
C GLY K 42 8.65 22.23 -20.68
N GLY K 43 9.80 22.64 -21.21
CA GLY K 43 10.23 22.27 -22.56
C GLY K 43 10.12 23.40 -23.57
N VAL K 44 9.64 24.55 -23.12
CA VAL K 44 9.36 25.71 -23.97
C VAL K 44 10.64 26.28 -24.61
N LYS K 45 10.51 26.79 -25.83
CA LYS K 45 11.63 27.40 -26.56
C LYS K 45 11.52 28.91 -26.72
N ARG K 46 10.30 29.43 -26.79
CA ARG K 46 10.05 30.87 -26.96
C ARG K 46 8.75 31.29 -26.28
N ILE K 47 8.75 32.47 -25.68
CA ILE K 47 7.56 33.00 -25.00
C ILE K 47 7.14 34.39 -25.46
N SER K 48 5.84 34.57 -25.64
CA SER K 48 5.26 35.88 -25.88
C SER K 48 5.49 36.79 -24.67
N GLY K 49 5.49 38.10 -24.91
CA GLY K 49 5.61 39.08 -23.84
C GLY K 49 4.51 38.95 -22.82
N LEU K 50 3.31 38.59 -23.30
CA LEU K 50 2.12 38.51 -22.45
C LEU K 50 2.11 37.31 -21.48
N ILE K 51 3.09 36.41 -21.64
CA ILE K 51 3.23 35.21 -20.80
C ILE K 51 3.49 35.57 -19.32
N TYR K 52 4.33 36.58 -19.09
CA TYR K 52 4.69 37.00 -17.73
C TYR K 52 3.49 37.47 -16.92
N GLU K 53 2.69 38.37 -17.51
CA GLU K 53 1.47 38.87 -16.88
C GLU K 53 0.48 37.73 -16.62
N GLU K 54 0.35 36.85 -17.60
CA GLU K 54 -0.58 35.72 -17.54
C GLU K 54 -0.20 34.69 -16.46
N THR K 55 1.03 34.18 -16.52
CA THR K 55 1.55 33.22 -15.53
C THR K 55 1.29 33.70 -14.11
N ARG K 56 1.53 34.99 -13.86
CA ARG K 56 1.31 35.60 -12.55
C ARG K 56 -0.14 35.50 -12.09
N GLY K 57 -1.08 35.86 -12.96
CA GLY K 57 -2.51 35.76 -12.66
C GLY K 57 -2.93 34.35 -12.32
N VAL K 58 -2.42 33.39 -13.08
CA VAL K 58 -2.69 31.96 -12.88
C VAL K 58 -2.20 31.47 -11.51
N LEU K 59 -0.96 31.80 -11.16
CA LEU K 59 -0.38 31.38 -9.89
C LEU K 59 -1.01 32.08 -8.69
N LYS K 60 -1.47 33.32 -8.90
CA LYS K 60 -2.19 34.08 -7.87
C LYS K 60 -3.45 33.33 -7.43
N VAL K 61 -4.25 32.90 -8.41
CA VAL K 61 -5.46 32.12 -8.17
C VAL K 61 -5.09 30.81 -7.48
N PHE K 62 -4.17 30.07 -8.08
CA PHE K 62 -3.75 28.75 -7.58
C PHE K 62 -3.32 28.78 -6.11
N LEU K 63 -2.48 29.76 -5.76
CA LEU K 63 -2.01 29.93 -4.38
C LEU K 63 -3.11 30.37 -3.41
N GLU K 64 -3.92 31.34 -3.83
CA GLU K 64 -5.03 31.79 -3.02
C GLU K 64 -5.96 30.65 -2.63
N ASN K 65 -6.22 29.76 -3.59
CA ASN K 65 -7.12 28.62 -3.40
C ASN K 65 -6.57 27.56 -2.43
N VAL K 66 -5.34 27.13 -2.67
CA VAL K 66 -4.72 26.07 -1.85
C VAL K 66 -4.49 26.56 -0.41
N ILE K 67 -4.03 27.80 -0.27
CA ILE K 67 -3.84 28.40 1.06
C ILE K 67 -5.17 28.51 1.80
N ARG K 68 -6.19 29.09 1.15
CA ARG K 68 -7.51 29.25 1.76
C ARG K 68 -8.01 27.97 2.40
N ASP K 69 -7.89 26.86 1.67
CA ASP K 69 -8.33 25.56 2.17
C ASP K 69 -7.44 25.03 3.30
N ALA K 70 -6.12 25.08 3.08
CA ALA K 70 -5.17 24.64 4.10
C ALA K 70 -5.37 25.39 5.42
N VAL K 71 -5.66 26.69 5.34
CA VAL K 71 -5.86 27.53 6.51
C VAL K 71 -7.15 27.19 7.25
N THR K 72 -8.21 26.89 6.50
CA THR K 72 -9.49 26.42 7.07
C THR K 72 -9.26 25.10 7.82
N TYR K 73 -8.52 24.18 7.21
CA TYR K 73 -8.13 22.91 7.84
C TYR K 73 -7.46 23.14 9.20
N THR K 74 -6.54 24.10 9.23
CA THR K 74 -5.84 24.47 10.46
C THR K 74 -6.80 24.96 11.54
N GLU K 75 -7.75 25.83 11.15
CA GLU K 75 -8.76 26.34 12.07
C GLU K 75 -9.62 25.22 12.67
N HIS K 76 -10.05 24.30 11.81
CA HIS K 76 -10.92 23.18 12.20
C HIS K 76 -10.24 22.17 13.08
N ALA K 77 -8.91 22.14 13.06
CA ALA K 77 -8.14 21.29 13.96
C ALA K 77 -7.80 22.02 15.27
N LYS K 78 -8.28 23.26 15.39
CA LYS K 78 -8.02 24.15 16.53
C LYS K 78 -6.52 24.41 16.72
N ARG K 79 -5.86 24.80 15.63
CA ARG K 79 -4.42 25.05 15.62
C ARG K 79 -4.14 26.42 14.99
N LYS K 80 -2.95 26.95 15.25
CA LYS K 80 -2.46 28.13 14.53
C LYS K 80 -1.15 27.84 13.80
N THR K 81 -0.72 26.58 13.86
CA THR K 81 0.45 26.11 13.13
C THR K 81 -0.01 25.20 12.00
N VAL K 82 0.29 25.63 10.77
CA VAL K 82 -0.09 24.92 9.56
C VAL K 82 0.90 23.78 9.28
N THR K 83 0.36 22.57 9.07
CA THR K 83 1.17 21.39 8.79
C THR K 83 1.25 21.10 7.29
N ALA K 84 2.19 20.24 6.91
CA ALA K 84 2.30 19.78 5.52
C ALA K 84 1.06 19.00 5.10
N MET K 85 0.43 18.32 6.06
CA MET K 85 -0.77 17.54 5.78
C MET K 85 -1.98 18.42 5.54
N ASP K 86 -2.02 19.58 6.18
CA ASP K 86 -3.05 20.59 5.87
C ASP K 86 -3.01 20.92 4.38
N VAL K 87 -1.80 21.13 3.87
CA VAL K 87 -1.58 21.44 2.46
C VAL K 87 -1.85 20.20 1.60
N VAL K 88 -1.34 19.05 2.03
CA VAL K 88 -1.54 17.78 1.32
C VAL K 88 -3.04 17.53 1.10
N TYR K 89 -3.84 17.80 2.12
CA TYR K 89 -5.30 17.64 2.06
C TYR K 89 -5.96 18.68 1.16
N ALA K 90 -5.44 19.91 1.20
CA ALA K 90 -5.96 21.00 0.37
C ALA K 90 -5.60 20.82 -1.11
N LEU K 91 -4.53 20.09 -1.37
CA LEU K 91 -4.09 19.81 -2.73
C LEU K 91 -4.90 18.69 -3.40
N LYS K 92 -5.43 17.78 -2.60
CA LYS K 92 -6.31 16.71 -3.08
C LYS K 92 -7.65 17.30 -3.50
N ARG K 93 -8.01 18.39 -2.84
CA ARG K 93 -9.25 19.12 -3.06
C ARG K 93 -9.23 19.90 -4.37
N GLN K 94 -8.08 20.50 -4.70
CA GLN K 94 -7.92 21.28 -5.93
C GLN K 94 -7.88 20.42 -7.20
N GLY K 95 -7.46 19.17 -7.05
CA GLY K 95 -7.39 18.25 -8.18
C GLY K 95 -5.99 18.09 -8.71
N ARG K 96 -5.51 16.86 -8.75
CA ARG K 96 -4.17 16.56 -9.26
C ARG K 96 -4.27 15.79 -10.57
N THR K 97 -3.34 16.09 -11.47
CA THR K 97 -3.34 15.54 -12.83
C THR K 97 -2.16 14.59 -13.04
N LEU K 98 -2.38 13.57 -13.86
CA LEU K 98 -1.34 12.64 -14.26
C LEU K 98 -1.50 12.36 -15.75
N TYR K 99 -0.40 12.14 -16.45
CA TYR K 99 -0.46 11.95 -17.90
C TYR K 99 -0.60 10.46 -18.28
N GLY K 100 -1.82 9.94 -18.18
CA GLY K 100 -2.02 8.52 -18.34
C GLY K 100 -2.72 7.94 -17.14
N PHE K 101 -2.99 6.64 -17.20
CA PHE K 101 -3.93 6.00 -16.29
C PHE K 101 -3.30 4.98 -15.34
N GLY K 102 -4.02 4.67 -14.26
CA GLY K 102 -3.58 3.70 -13.25
C GLY K 102 -4.72 3.08 -12.47
N ASP L 7 6.52 37.12 -33.74
CA ASP L 7 7.57 36.49 -32.87
C ASP L 7 7.53 36.99 -31.43
N GLY L 8 8.18 36.24 -30.54
CA GLY L 8 8.24 36.59 -29.13
C GLY L 8 9.66 36.63 -28.60
N GLU L 9 9.79 36.33 -27.31
CA GLU L 9 11.07 36.38 -26.61
C GLU L 9 11.78 35.03 -26.65
N GLU L 10 12.99 35.01 -27.22
CA GLU L 10 13.82 33.80 -27.22
C GLU L 10 14.23 33.40 -25.81
N LEU L 11 14.19 32.10 -25.55
CA LEU L 11 14.31 31.57 -24.20
C LEU L 11 15.60 30.77 -23.98
N ILE L 12 16.42 30.65 -25.02
CA ILE L 12 17.63 29.84 -24.98
C ILE L 12 18.77 30.53 -25.74
N GLY L 13 19.94 30.61 -25.11
CA GLY L 13 21.13 31.16 -25.75
C GLY L 13 22.11 31.82 -24.80
N ASP L 14 22.87 32.78 -25.31
CA ASP L 14 23.84 33.52 -24.51
C ASP L 14 23.14 34.28 -23.38
N GLY L 15 23.24 33.73 -22.17
CA GLY L 15 22.56 34.29 -21.01
C GLY L 15 21.63 33.32 -20.30
N MET L 16 21.59 32.09 -20.79
CA MET L 16 20.86 31.02 -20.14
C MET L 16 21.35 30.82 -18.71
N GLU L 17 22.66 30.93 -18.53
CA GLU L 17 23.25 30.77 -17.21
C GLU L 17 23.02 31.97 -16.29
N ARG L 18 22.73 33.13 -16.86
CA ARG L 18 22.40 34.32 -16.08
C ARG L 18 21.18 34.10 -15.18
N ASP L 19 20.21 33.32 -15.67
CA ASP L 19 19.01 33.01 -14.91
C ASP L 19 19.20 31.99 -13.80
N TYR L 20 20.26 31.20 -13.87
CA TYR L 20 20.46 30.11 -12.92
C TYR L 20 21.65 30.35 -11.98
N ARG L 21 21.87 31.60 -11.63
CA ARG L 21 22.92 31.97 -10.67
C ARG L 21 22.45 31.75 -9.24
N ALA L 22 23.36 31.29 -8.38
CA ALA L 22 23.04 31.00 -6.99
C ALA L 22 23.01 32.28 -6.15
N ILE L 23 21.92 32.50 -5.42
CA ILE L 23 21.80 33.67 -4.55
C ILE L 23 21.43 33.22 -3.13
N PRO L 24 22.44 32.80 -2.34
CA PRO L 24 22.21 32.17 -1.03
C PRO L 24 21.38 33.00 -0.06
N GLU L 25 21.22 34.30 -0.36
CA GLU L 25 20.44 35.22 0.47
C GLU L 25 18.94 35.11 0.22
N LEU L 26 18.57 34.55 -0.94
CA LEU L 26 17.17 34.30 -1.27
C LEU L 26 16.85 32.81 -1.34
N ASP L 27 17.90 32.00 -1.46
CA ASP L 27 17.76 30.56 -1.74
C ASP L 27 17.33 29.72 -0.53
N ALA L 28 17.13 30.37 0.62
CA ALA L 28 16.75 29.66 1.84
C ALA L 28 15.58 30.34 2.54
N TYR L 29 14.80 29.55 3.28
CA TYR L 29 13.63 30.07 4.00
C TYR L 29 13.99 30.91 5.21
N GLU L 30 13.24 31.98 5.41
CA GLU L 30 13.37 32.89 6.54
C GLU L 30 12.82 32.23 7.80
N ALA L 31 13.42 32.54 8.95
CA ALA L 31 12.96 31.98 10.23
C ALA L 31 11.59 32.56 10.63
N GLU L 32 11.45 33.88 10.56
CA GLU L 32 10.20 34.57 10.91
C GLU L 32 9.01 34.02 10.12
N GLY L 33 7.84 33.97 10.76
CA GLY L 33 6.63 33.49 10.11
C GLY L 33 6.43 31.99 10.24
N LEU L 34 7.52 31.27 10.49
CA LEU L 34 7.47 29.83 10.63
C LEU L 34 7.15 29.38 12.06
N ALA L 35 7.18 28.06 12.29
CA ALA L 35 6.94 27.51 13.62
C ALA L 35 8.11 27.83 14.55
N LEU L 36 7.82 28.01 15.82
CA LEU L 36 8.84 28.33 16.83
C LEU L 36 9.79 27.17 17.08
N ASP L 37 9.22 25.99 17.29
CA ASP L 37 9.98 24.78 17.65
C ASP L 37 9.61 23.58 16.79
N ASP L 38 10.24 22.44 17.07
CA ASP L 38 9.98 21.21 16.31
C ASP L 38 8.96 20.30 16.98
N GLU L 39 8.11 20.89 17.82
CA GLU L 39 7.11 20.14 18.61
C GLU L 39 6.19 19.30 17.75
N ASP L 40 5.72 18.19 18.32
CA ASP L 40 4.68 17.39 17.70
C ASP L 40 3.41 18.21 17.58
N VAL L 41 2.75 18.09 16.45
CA VAL L 41 1.50 18.79 16.22
C VAL L 41 0.46 17.79 15.71
N GLU L 42 -0.73 17.87 16.31
CA GLU L 42 -1.87 17.02 15.97
C GLU L 42 -2.27 17.13 14.51
N GLU L 43 -2.52 15.98 13.89
CA GLU L 43 -3.13 15.95 12.56
C GLU L 43 -4.65 15.90 12.71
N LEU L 44 -5.36 16.52 11.77
CA LEU L 44 -6.82 16.54 11.81
C LEU L 44 -7.40 15.14 11.95
N THR L 45 -8.36 14.99 12.86
CA THR L 45 -9.16 13.79 12.93
C THR L 45 -10.04 13.71 11.68
N ALA L 46 -10.62 12.54 11.42
CA ALA L 46 -11.48 12.34 10.25
C ALA L 46 -12.76 13.16 10.38
N SER L 47 -13.19 13.40 11.61
CA SER L 47 -14.39 14.19 11.91
C SER L 47 -14.18 15.67 11.63
N GLN L 48 -13.04 16.20 12.07
CA GLN L 48 -12.66 17.59 11.80
C GLN L 48 -12.34 17.81 10.32
N ARG L 49 -11.80 16.78 9.67
CA ARG L 49 -11.56 16.81 8.23
C ARG L 49 -12.87 17.02 7.47
N GLU L 50 -13.91 16.28 7.87
CA GLU L 50 -15.25 16.42 7.29
C GLU L 50 -15.91 17.76 7.67
N ALA L 51 -15.90 18.09 8.96
CA ALA L 51 -16.45 19.37 9.43
C ALA L 51 -15.87 20.54 8.65
N ALA L 52 -14.59 20.42 8.31
CA ALA L 52 -13.91 21.42 7.48
C ALA L 52 -14.48 21.45 6.06
N GLU L 53 -14.48 20.30 5.41
CA GLU L 53 -14.88 20.18 4.01
C GLU L 53 -16.32 20.57 3.73
N ARG L 54 -17.18 20.42 4.73
CA ARG L 54 -18.57 20.89 4.64
C ARG L 54 -18.63 22.41 4.72
N ALA L 55 -17.88 22.98 5.67
CA ALA L 55 -17.79 24.44 5.82
C ALA L 55 -17.21 25.11 4.58
N MET L 56 -16.34 24.40 3.87
CA MET L 56 -15.74 24.90 2.64
C MET L 56 -16.74 24.84 1.48
N ARG L 57 -17.57 23.80 1.46
CA ARG L 57 -18.62 23.67 0.44
C ARG L 57 -19.67 24.76 0.58
N GLN L 58 -19.75 25.37 1.76
CA GLN L 58 -20.65 26.49 2.02
C GLN L 58 -20.36 27.66 1.08
N ARG L 59 -19.13 28.18 1.13
CA ARG L 59 -18.71 29.29 0.29
C ARG L 59 -18.97 28.96 -1.17
N ASP L 60 -18.40 27.86 -1.63
CA ASP L 60 -18.58 27.42 -3.01
C ASP L 60 -19.99 27.74 -3.55
N ARG L 61 -20.99 27.68 -2.67
CA ARG L 61 -22.39 27.90 -3.07
C ARG L 61 -22.81 29.35 -3.38
N GLU L 62 -22.16 30.33 -2.75
CA GLU L 62 -22.52 31.75 -2.92
C GLU L 62 -21.97 32.37 -4.22
N ALA M 15 11.18 -1.53 0.33
CA ALA M 15 12.04 -1.01 -0.76
C ALA M 15 12.53 0.41 -0.44
N LYS M 16 13.85 0.59 -0.51
CA LYS M 16 14.49 1.89 -0.25
C LYS M 16 14.18 2.91 -1.34
N VAL M 17 14.16 2.44 -2.58
CA VAL M 17 13.85 3.26 -3.75
C VAL M 17 12.50 2.86 -4.35
N GLN M 18 11.60 3.82 -4.44
CA GLN M 18 10.34 3.62 -5.16
C GLN M 18 10.10 4.72 -6.19
N VAL M 19 9.75 4.32 -7.40
CA VAL M 19 9.53 5.26 -8.49
C VAL M 19 8.17 5.94 -8.32
N ASN M 20 8.18 7.27 -8.25
CA ASN M 20 6.97 8.06 -8.06
C ASN M 20 6.15 8.23 -9.33
N ASN M 21 6.83 8.38 -10.45
CA ASN M 21 6.21 8.63 -11.75
C ASN M 21 7.22 8.76 -12.89
N VAL M 22 6.83 8.35 -14.10
CA VAL M 22 7.65 8.54 -15.28
C VAL M 22 6.87 9.32 -16.35
N VAL M 23 7.44 10.42 -16.82
CA VAL M 23 6.86 11.21 -17.91
C VAL M 23 7.68 11.06 -19.19
N VAL M 24 7.04 10.53 -20.24
CA VAL M 24 7.64 10.44 -21.56
C VAL M 24 7.56 11.82 -22.19
N LEU M 25 8.64 12.29 -22.80
CA LEU M 25 8.76 13.70 -23.16
C LEU M 25 8.48 14.09 -24.61
N ASP M 26 9.33 13.65 -25.52
CA ASP M 26 9.24 14.08 -26.91
C ASP M 26 8.51 13.06 -27.78
N ASN M 27 7.23 12.85 -27.52
CA ASN M 27 6.45 11.90 -28.32
C ASN M 27 5.00 12.32 -28.61
N PRO M 28 4.50 11.93 -29.80
CA PRO M 28 5.27 11.18 -30.78
C PRO M 28 6.42 11.99 -31.38
N SER M 29 7.40 11.31 -31.94
CA SER M 29 8.56 11.96 -32.56
C SER M 29 9.07 11.13 -33.74
N PRO M 30 9.89 11.75 -34.61
CA PRO M 30 10.70 11.00 -35.56
C PRO M 30 11.40 9.81 -34.91
N PHE M 31 11.45 8.68 -35.62
CA PHE M 31 12.08 7.46 -35.11
C PHE M 31 13.48 7.69 -34.57
N TYR M 32 14.26 8.50 -35.27
CA TYR M 32 15.66 8.72 -34.94
C TYR M 32 15.90 9.60 -33.71
N ASN M 33 14.90 10.38 -33.32
CA ASN M 33 14.99 11.18 -32.09
C ASN M 33 15.26 10.29 -30.89
N PRO M 34 16.10 10.77 -29.94
CA PRO M 34 16.39 9.95 -28.77
C PRO M 34 15.20 9.86 -27.80
N PHE M 35 15.17 8.81 -27.00
CA PHE M 35 14.13 8.60 -25.99
C PHE M 35 14.39 9.46 -24.76
N GLN M 36 13.41 10.30 -24.42
CA GLN M 36 13.56 11.15 -23.24
C GLN M 36 12.54 10.78 -22.19
N PHE M 37 13.02 10.16 -21.11
CA PHE M 37 12.18 9.78 -19.98
C PHE M 37 12.52 10.64 -18.76
N GLU M 38 11.51 11.32 -18.23
CA GLU M 38 11.66 12.07 -16.99
C GLU M 38 11.28 11.16 -15.82
N ILE M 39 12.26 10.71 -15.05
CA ILE M 39 12.02 9.78 -13.95
C ILE M 39 12.07 10.45 -12.57
N THR M 40 10.99 10.28 -11.81
CA THR M 40 10.89 10.77 -10.43
C THR M 40 10.88 9.58 -9.49
N PHE M 41 11.93 9.47 -8.66
CA PHE M 41 11.99 8.41 -7.66
C PHE M 41 12.22 8.98 -6.27
N GLU M 42 11.67 8.30 -5.28
CA GLU M 42 11.79 8.73 -3.89
C GLU M 42 12.66 7.74 -3.13
N CYS M 43 13.64 8.27 -2.42
CA CYS M 43 14.60 7.47 -1.69
C CYS M 43 14.48 7.70 -0.19
N ILE M 44 14.03 6.66 0.51
CA ILE M 44 13.67 6.76 1.94
C ILE M 44 14.88 6.95 2.87
N GLU M 45 15.99 6.29 2.52
CA GLU M 45 17.25 6.39 3.26
C GLU M 45 18.44 6.33 2.31
N ASP M 46 19.52 7.03 2.68
CA ASP M 46 20.74 7.12 1.87
C ASP M 46 21.13 5.81 1.19
N LEU M 47 21.60 5.92 -0.04
CA LEU M 47 22.10 4.76 -0.78
C LEU M 47 23.60 4.69 -0.77
N SER M 48 24.13 3.60 -0.20
CA SER M 48 25.57 3.34 -0.15
C SER M 48 26.14 3.11 -1.55
N GLU M 49 25.33 2.53 -2.44
CA GLU M 49 25.76 2.19 -3.80
C GLU M 49 25.06 3.02 -4.88
N ASP M 50 25.23 2.61 -6.13
CA ASP M 50 24.60 3.29 -7.28
C ASP M 50 23.30 2.61 -7.70
N LEU M 51 22.45 3.37 -8.38
CA LEU M 51 21.34 2.81 -9.12
C LEU M 51 21.73 2.80 -10.59
N GLU M 52 21.50 1.67 -11.23
CA GLU M 52 21.87 1.47 -12.63
C GLU M 52 20.60 1.40 -13.48
N TRP M 53 20.41 2.39 -14.33
CA TRP M 53 19.23 2.47 -15.19
C TRP M 53 19.55 2.00 -16.58
N LYS M 54 18.69 1.14 -17.12
CA LYS M 54 18.83 0.68 -18.50
C LYS M 54 17.57 0.98 -19.31
N ILE M 55 17.77 1.31 -20.59
CA ILE M 55 16.66 1.40 -21.54
C ILE M 55 16.84 0.33 -22.61
N ILE M 56 15.88 -0.59 -22.65
CA ILE M 56 15.93 -1.70 -23.58
C ILE M 56 14.80 -1.59 -24.61
N TYR M 57 15.18 -1.57 -25.89
CA TYR M 57 14.24 -1.58 -27.00
C TYR M 57 14.08 -3.00 -27.52
N VAL M 58 12.84 -3.49 -27.57
CA VAL M 58 12.54 -4.84 -28.08
C VAL M 58 12.47 -4.83 -29.61
N GLY M 59 13.56 -5.26 -30.23
CA GLY M 59 13.67 -5.31 -31.69
C GLY M 59 12.76 -6.34 -32.32
N SER M 60 12.64 -7.51 -31.69
CA SER M 60 11.78 -8.58 -32.17
C SER M 60 10.97 -9.20 -31.04
N ALA M 61 9.68 -9.39 -31.32
CA ALA M 61 8.75 -10.00 -30.36
C ALA M 61 8.92 -11.51 -30.29
N GLU M 62 9.61 -12.07 -31.28
CA GLU M 62 9.79 -13.52 -31.39
C GLU M 62 11.07 -14.01 -30.72
N SER M 63 12.07 -13.13 -30.62
CA SER M 63 13.33 -13.45 -29.96
C SER M 63 13.79 -12.38 -28.98
N GLU M 64 14.38 -12.83 -27.87
CA GLU M 64 15.02 -11.96 -26.91
C GLU M 64 16.35 -11.45 -27.45
N GLU M 65 16.88 -12.13 -28.46
CA GLU M 65 18.21 -11.83 -29.00
C GLU M 65 18.28 -10.54 -29.82
N TYR M 66 17.13 -9.96 -30.13
CA TYR M 66 17.08 -8.72 -30.88
C TYR M 66 16.80 -7.50 -30.00
N ASP M 67 16.89 -7.70 -28.69
CA ASP M 67 16.78 -6.61 -27.73
C ASP M 67 18.01 -5.73 -27.80
N GLN M 68 17.79 -4.42 -27.91
CA GLN M 68 18.87 -3.45 -27.97
C GLN M 68 18.90 -2.61 -26.70
N VAL M 69 20.00 -2.72 -25.95
CA VAL M 69 20.22 -1.83 -24.81
C VAL M 69 20.74 -0.51 -25.36
N LEU M 70 19.90 0.51 -25.27
CA LEU M 70 20.17 1.80 -25.90
C LEU M 70 21.16 2.64 -25.11
N ASP M 71 21.16 2.45 -23.80
CA ASP M 71 22.06 3.19 -22.91
C ASP M 71 22.02 2.56 -21.52
N SER M 72 23.10 2.74 -20.78
CA SER M 72 23.12 2.36 -19.38
C SER M 72 23.67 3.52 -18.57
N VAL M 73 22.89 3.95 -17.58
CA VAL M 73 23.26 5.11 -16.78
C VAL M 73 23.47 4.72 -15.32
N LEU M 74 24.38 5.43 -14.66
CA LEU M 74 24.70 5.17 -13.27
C LEU M 74 24.41 6.42 -12.44
N VAL M 75 23.64 6.26 -11.38
CA VAL M 75 23.37 7.34 -10.43
C VAL M 75 23.67 6.90 -9.00
N GLY M 76 24.69 7.51 -8.41
CA GLY M 76 25.11 7.16 -7.05
C GLY M 76 26.35 7.89 -6.55
N PRO M 77 26.43 8.12 -5.23
CA PRO M 77 25.42 7.74 -4.24
C PRO M 77 24.23 8.70 -4.22
N VAL M 78 23.09 8.22 -3.78
CA VAL M 78 21.84 8.98 -3.80
C VAL M 78 21.46 9.35 -2.37
N PRO M 79 21.40 10.66 -2.07
CA PRO M 79 20.95 11.14 -0.76
C PRO M 79 19.46 10.86 -0.57
N ALA M 80 19.04 10.69 0.68
CA ALA M 80 17.63 10.48 1.00
C ALA M 80 16.83 11.66 0.47
N GLY M 81 15.74 11.36 -0.25
CA GLY M 81 14.89 12.40 -0.82
C GLY M 81 14.24 12.04 -2.15
N ARG M 82 13.43 12.96 -2.66
CA ARG M 82 12.81 12.82 -3.98
C ARG M 82 13.70 13.48 -5.03
N HIS M 83 14.08 12.69 -6.04
CA HIS M 83 14.97 13.13 -7.10
C HIS M 83 14.34 12.90 -8.44
N MET M 84 14.68 13.73 -9.42
CA MET M 84 14.02 13.73 -10.71
C MET M 84 15.00 14.05 -11.83
N PHE M 85 15.37 13.03 -12.60
CA PHE M 85 16.33 13.19 -13.68
C PHE M 85 15.73 12.84 -15.04
N VAL M 86 16.44 13.20 -16.11
CA VAL M 86 16.02 12.85 -17.46
C VAL M 86 17.01 11.87 -18.09
N PHE M 87 16.52 10.66 -18.38
CA PHE M 87 17.29 9.64 -19.08
C PHE M 87 17.12 9.89 -20.57
N GLN M 88 18.24 10.02 -21.28
CA GLN M 88 18.19 10.26 -22.71
C GLN M 88 19.02 9.22 -23.48
N ALA M 89 18.36 8.16 -23.93
CA ALA M 89 19.02 7.12 -24.70
C ALA M 89 18.80 7.35 -26.19
N ASP M 90 19.87 7.15 -26.97
CA ASP M 90 19.78 7.24 -28.43
C ASP M 90 18.86 6.15 -29.00
N ALA M 91 18.16 6.50 -30.09
CA ALA M 91 17.25 5.57 -30.77
C ALA M 91 17.98 4.31 -31.24
N PRO M 92 17.28 3.16 -31.28
CA PRO M 92 17.92 1.88 -31.60
C PRO M 92 18.55 1.85 -32.99
N ASN M 93 19.53 0.97 -33.16
CA ASN M 93 20.20 0.77 -34.44
C ASN M 93 19.29 0.00 -35.40
N PRO M 94 18.80 0.69 -36.45
CA PRO M 94 17.87 0.10 -37.42
C PRO M 94 18.50 -1.06 -38.19
N GLY M 95 19.83 -1.09 -38.24
CA GLY M 95 20.57 -2.17 -38.86
C GLY M 95 20.33 -3.52 -38.22
N LEU M 96 20.04 -3.53 -36.91
CA LEU M 96 19.85 -4.77 -36.16
C LEU M 96 18.39 -5.24 -36.04
N ILE M 97 17.47 -4.53 -36.68
CA ILE M 97 16.04 -4.86 -36.57
C ILE M 97 15.57 -5.70 -37.75
N PRO M 98 14.85 -6.81 -37.47
CA PRO M 98 14.18 -7.60 -38.51
C PRO M 98 13.06 -6.80 -39.19
N ASP M 99 13.13 -6.67 -40.51
CA ASP M 99 12.21 -5.83 -41.30
C ASP M 99 10.73 -6.05 -40.98
N ALA M 100 10.34 -7.31 -40.80
CA ALA M 100 8.96 -7.68 -40.52
C ALA M 100 8.40 -7.05 -39.24
N ASP M 101 9.30 -6.67 -38.35
CA ASP M 101 8.94 -6.14 -37.05
C ASP M 101 8.99 -4.61 -36.97
N ALA M 102 9.81 -4.01 -37.82
CA ALA M 102 10.09 -2.58 -37.80
C ALA M 102 8.84 -1.70 -37.83
N VAL M 103 7.93 -1.98 -38.75
CA VAL M 103 6.70 -1.21 -38.90
C VAL M 103 5.56 -1.88 -38.12
N GLY M 104 5.09 -1.20 -37.07
CA GLY M 104 4.01 -1.72 -36.24
C GLY M 104 4.31 -1.55 -34.76
N VAL M 105 3.61 -2.31 -33.92
CA VAL M 105 3.76 -2.19 -32.47
C VAL M 105 4.91 -3.03 -31.89
N THR M 106 5.54 -2.49 -30.84
CA THR M 106 6.62 -3.16 -30.08
C THR M 106 6.64 -2.65 -28.63
N VAL M 107 7.65 -3.02 -27.85
CA VAL M 107 7.75 -2.55 -26.45
C VAL M 107 9.13 -2.00 -26.08
N VAL M 108 9.12 -1.00 -25.19
CA VAL M 108 10.35 -0.42 -24.63
C VAL M 108 10.35 -0.65 -23.12
N LEU M 109 11.52 -0.96 -22.59
CA LEU M 109 11.65 -1.25 -21.16
C LEU M 109 12.63 -0.30 -20.49
N ILE M 110 12.20 0.28 -19.37
CA ILE M 110 13.09 0.98 -18.46
C ILE M 110 13.28 0.06 -17.27
N THR M 111 14.50 -0.41 -17.06
CA THR M 111 14.83 -1.18 -15.85
C THR M 111 15.79 -0.41 -14.96
N CYS M 112 15.71 -0.66 -13.66
CA CYS M 112 16.68 -0.12 -12.70
C CYS M 112 17.17 -1.22 -11.77
N THR M 113 18.49 -1.25 -11.58
CA THR M 113 19.11 -2.23 -10.70
C THR M 113 19.87 -1.57 -9.55
N TYR M 114 19.71 -2.12 -8.35
CA TYR M 114 20.51 -1.70 -7.19
C TYR M 114 21.39 -2.85 -6.71
N ARG M 115 22.70 -2.65 -6.79
CA ARG M 115 23.68 -3.61 -6.29
C ARG M 115 23.62 -4.94 -7.07
N GLY M 116 23.29 -4.84 -8.36
CA GLY M 116 23.22 -6.00 -9.25
C GLY M 116 21.89 -6.73 -9.28
N GLN M 117 20.85 -6.08 -8.76
CA GLN M 117 19.52 -6.67 -8.68
C GLN M 117 18.47 -5.77 -9.31
N GLU M 118 17.80 -6.28 -10.36
CA GLU M 118 16.68 -5.57 -10.96
C GLU M 118 15.47 -5.65 -10.04
N PHE M 119 14.99 -4.47 -9.62
CA PHE M 119 13.87 -4.38 -8.69
C PHE M 119 12.62 -3.78 -9.33
N ILE M 120 12.83 -3.04 -10.42
CA ILE M 120 11.72 -2.46 -11.16
C ILE M 120 11.96 -2.54 -12.67
N ARG M 121 10.90 -2.87 -13.38
CA ARG M 121 10.90 -2.89 -14.83
C ARG M 121 9.65 -2.14 -15.29
N VAL M 122 9.86 -1.04 -16.00
CA VAL M 122 8.76 -0.22 -16.51
C VAL M 122 8.69 -0.38 -18.03
N GLY M 123 7.54 -0.86 -18.52
CA GLY M 123 7.37 -1.17 -19.93
C GLY M 123 6.29 -0.37 -20.64
N TYR M 124 6.58 0.06 -21.86
CA TYR M 124 5.69 0.91 -22.65
C TYR M 124 5.43 0.30 -24.01
N TYR M 125 4.19 0.36 -24.47
CA TYR M 125 3.88 -0.04 -25.84
C TYR M 125 4.28 1.05 -26.82
N VAL M 126 4.89 0.65 -27.93
CA VAL M 126 5.43 1.62 -28.89
C VAL M 126 4.98 1.29 -30.30
N ASN M 127 4.43 2.30 -30.98
CA ASN M 127 4.03 2.18 -32.37
C ASN M 127 5.03 2.86 -33.29
N ASN M 128 5.30 2.22 -34.43
CA ASN M 128 6.07 2.84 -35.49
C ASN M 128 5.18 2.97 -36.73
N GLU M 129 5.05 4.19 -37.23
CA GLU M 129 4.05 4.51 -38.24
C GLU M 129 4.61 5.47 -39.29
N TYR M 130 4.22 5.29 -40.55
CA TYR M 130 4.49 6.27 -41.59
C TYR M 130 3.47 7.39 -41.48
N THR M 131 3.94 8.63 -41.62
CA THR M 131 3.10 9.82 -41.43
C THR M 131 2.33 10.21 -42.70
N GLU M 132 2.89 9.84 -43.86
CA GLU M 132 2.27 10.13 -45.16
C GLU M 132 1.30 9.02 -45.58
N THR M 133 0.12 9.43 -46.05
CA THR M 133 -0.94 8.50 -46.45
C THR M 133 -0.46 7.46 -47.44
N GLU M 134 0.24 7.91 -48.49
CA GLU M 134 0.79 7.04 -49.53
C GLU M 134 1.71 5.94 -48.97
N LEU M 135 2.54 6.32 -48.01
CA LEU M 135 3.48 5.38 -47.41
C LEU M 135 2.74 4.34 -46.58
N ARG M 136 1.60 4.71 -46.00
CA ARG M 136 0.74 3.74 -45.33
C ARG M 136 0.05 2.84 -46.35
N GLU M 137 -0.34 3.42 -47.49
CA GLU M 137 -0.95 2.69 -48.60
C GLU M 137 0.04 1.71 -49.24
N ASN M 138 1.23 2.22 -49.57
CA ASN M 138 2.28 1.45 -50.23
C ASN M 138 3.58 1.49 -49.43
N PRO M 139 3.65 0.74 -48.31
CA PRO M 139 4.88 0.73 -47.52
C PRO M 139 6.04 0.11 -48.28
N PRO M 140 7.16 0.85 -48.41
CA PRO M 140 8.33 0.41 -49.17
C PRO M 140 8.93 -0.90 -48.64
N VAL M 141 9.44 -1.73 -49.54
CA VAL M 141 9.92 -3.09 -49.18
C VAL M 141 10.90 -3.09 -47.99
N LYS M 142 11.87 -2.18 -48.01
CA LYS M 142 12.74 -1.96 -46.85
C LYS M 142 12.23 -0.75 -46.08
N PRO M 143 11.81 -0.95 -44.81
CA PRO M 143 11.32 0.13 -43.96
C PRO M 143 12.24 1.37 -43.97
N ASP M 144 11.64 2.53 -44.23
CA ASP M 144 12.36 3.78 -44.33
C ASP M 144 12.31 4.54 -43.01
N PHE M 145 13.29 4.27 -42.15
CA PHE M 145 13.30 4.77 -40.77
C PHE M 145 13.26 6.28 -40.65
N SER M 146 13.75 6.97 -41.67
CA SER M 146 13.75 8.42 -41.71
C SER M 146 12.33 8.99 -41.85
N LYS M 147 11.41 8.19 -42.39
CA LYS M 147 10.02 8.62 -42.54
C LYS M 147 9.07 8.05 -41.48
N LEU M 148 9.59 7.22 -40.57
CA LEU M 148 8.80 6.59 -39.52
C LEU M 148 8.69 7.46 -38.27
N GLN M 149 7.47 7.66 -37.79
CA GLN M 149 7.27 8.35 -36.53
C GLN M 149 7.01 7.31 -35.46
N ARG M 150 7.77 7.39 -34.36
CA ARG M 150 7.53 6.51 -33.21
C ARG M 150 6.64 7.17 -32.16
N ASN M 151 5.62 6.44 -31.75
CA ASN M 151 4.69 6.89 -30.72
C ASN M 151 4.69 5.91 -29.54
N ILE M 152 5.18 6.39 -28.40
CA ILE M 152 5.18 5.59 -27.18
C ILE M 152 3.84 5.75 -26.49
N LEU M 153 3.22 4.65 -26.09
CA LEU M 153 1.98 4.70 -25.35
C LEU M 153 2.30 5.09 -23.90
N ALA M 154 2.54 6.38 -23.70
CA ALA M 154 2.90 6.95 -22.40
C ALA M 154 1.77 6.81 -21.40
N SER M 155 0.55 6.73 -21.92
CA SER M 155 -0.67 6.66 -21.12
C SER M 155 -0.82 5.38 -20.31
N ASN M 156 -0.26 4.29 -20.83
CA ASN M 156 -0.44 2.98 -20.21
C ASN M 156 0.90 2.27 -19.96
N PRO M 157 1.63 2.70 -18.91
CA PRO M 157 2.91 2.07 -18.55
C PRO M 157 2.70 0.80 -17.72
N ARG M 158 3.56 -0.20 -17.93
CA ARG M 158 3.44 -1.46 -17.20
C ARG M 158 4.58 -1.66 -16.20
N VAL M 159 4.29 -1.38 -14.93
CA VAL M 159 5.30 -1.43 -13.88
C VAL M 159 5.37 -2.78 -13.18
N THR M 160 6.46 -3.50 -13.43
CA THR M 160 6.71 -4.80 -12.83
C THR M 160 7.74 -4.66 -11.72
N ARG M 161 7.34 -4.94 -10.48
CA ARG M 161 8.23 -4.79 -9.33
C ARG M 161 8.71 -6.15 -8.83
N PHE M 162 9.96 -6.20 -8.40
CA PHE M 162 10.57 -7.43 -7.90
C PHE M 162 11.17 -7.22 -6.51
N HIS M 163 11.08 -8.26 -5.68
CA HIS M 163 11.66 -8.26 -4.34
C HIS M 163 13.15 -8.41 -4.42
N ILE M 164 13.88 -7.47 -3.83
CA ILE M 164 15.34 -7.56 -3.75
C ILE M 164 15.85 -7.22 -2.35
N ASN M 165 17.08 -7.63 -2.06
CA ASN M 165 17.75 -7.27 -0.82
C ASN M 165 18.34 -5.86 -0.89
N TRP M 166 17.87 -5.00 0.00
CA TRP M 166 18.25 -3.59 -0.01
C TRP M 166 19.38 -3.29 0.94
N GLU N 60 -19.40 -14.24 -12.39
CA GLU N 60 -18.18 -14.44 -13.24
C GLU N 60 -18.07 -15.89 -13.72
N LEU N 61 -17.77 -16.07 -15.02
CA LEU N 61 -17.55 -17.39 -15.60
C LEU N 61 -16.41 -17.33 -16.61
N LEU N 62 -15.27 -17.90 -16.24
CA LEU N 62 -14.10 -17.87 -17.11
C LEU N 62 -13.66 -19.30 -17.52
N ILE N 63 -12.86 -19.96 -16.69
CA ILE N 63 -12.52 -21.38 -16.92
C ILE N 63 -13.38 -22.27 -16.02
N ARG N 64 -13.80 -23.42 -16.55
CA ARG N 64 -14.63 -24.37 -15.79
C ARG N 64 -13.77 -25.07 -14.76
N LYS N 65 -14.36 -25.33 -13.59
CA LYS N 65 -13.60 -25.83 -12.44
C LYS N 65 -13.02 -27.24 -12.64
N LEU N 66 -13.88 -28.19 -12.97
CA LEU N 66 -13.49 -29.60 -13.11
C LEU N 66 -12.32 -29.89 -14.07
N PRO N 67 -12.39 -29.37 -15.32
CA PRO N 67 -11.27 -29.63 -16.23
C PRO N 67 -9.98 -28.98 -15.75
N PHE N 68 -10.10 -27.84 -15.05
CA PHE N 68 -8.97 -27.15 -14.47
C PHE N 68 -8.32 -27.99 -13.37
N GLN N 69 -9.17 -28.60 -12.54
CA GLN N 69 -8.74 -29.45 -11.43
C GLN N 69 -8.03 -30.72 -11.91
N ARG N 70 -8.53 -31.29 -13.01
CA ARG N 70 -7.88 -32.44 -13.63
C ARG N 70 -6.49 -32.04 -14.12
N LEU N 71 -6.40 -30.86 -14.71
CA LEU N 71 -5.13 -30.32 -15.22
C LEU N 71 -4.11 -30.05 -14.11
N VAL N 72 -4.58 -29.49 -12.99
CA VAL N 72 -3.73 -29.24 -11.83
C VAL N 72 -3.02 -30.54 -11.42
N ARG N 73 -3.80 -31.60 -11.26
CA ARG N 73 -3.28 -32.91 -10.88
C ARG N 73 -2.29 -33.45 -11.90
N GLU N 74 -2.63 -33.33 -13.18
CA GLU N 74 -1.76 -33.74 -14.28
C GLU N 74 -0.36 -33.16 -14.12
N ILE N 75 -0.30 -31.85 -13.87
CA ILE N 75 0.97 -31.14 -13.66
C ILE N 75 1.62 -31.57 -12.34
N ALA N 76 0.82 -31.61 -11.28
CA ALA N 76 1.32 -31.99 -9.95
C ALA N 76 1.87 -33.42 -9.90
N GLN N 77 1.33 -34.28 -10.79
CA GLN N 77 1.75 -35.68 -10.90
C GLN N 77 3.23 -35.82 -11.22
N ASP N 78 3.72 -34.98 -12.14
CA ASP N 78 5.09 -35.00 -12.63
C ASP N 78 6.12 -34.52 -11.59
N PHE N 79 5.64 -33.84 -10.55
CA PHE N 79 6.52 -33.39 -9.47
C PHE N 79 6.51 -34.38 -8.30
N LYS N 80 5.32 -34.70 -7.81
CA LYS N 80 5.17 -35.57 -6.65
C LYS N 80 3.98 -36.52 -6.80
N THR N 81 4.27 -37.82 -6.76
CA THR N 81 3.22 -38.83 -6.77
C THR N 81 2.46 -38.77 -5.43
N ASP N 82 1.13 -38.93 -5.53
CA ASP N 82 0.22 -38.98 -4.36
C ASP N 82 0.13 -37.70 -3.52
N LEU N 83 -0.36 -36.64 -4.16
CA LEU N 83 -0.59 -35.36 -3.50
C LEU N 83 -2.09 -35.08 -3.38
N ARG N 84 -2.50 -34.66 -2.20
CA ARG N 84 -3.86 -34.19 -2.00
C ARG N 84 -3.84 -32.67 -1.98
N PHE N 85 -4.84 -32.06 -2.62
CA PHE N 85 -4.97 -30.62 -2.58
C PHE N 85 -6.11 -30.23 -1.65
N GLN N 86 -5.99 -29.04 -1.05
CA GLN N 86 -7.13 -28.43 -0.42
C GLN N 86 -7.99 -27.83 -1.52
N SER N 87 -9.30 -27.78 -1.31
CA SER N 87 -10.20 -27.18 -2.28
C SER N 87 -9.83 -25.72 -2.53
N SER N 88 -9.54 -25.00 -1.44
CA SER N 88 -9.15 -23.60 -1.48
C SER N 88 -7.80 -23.37 -2.14
N ALA N 89 -7.00 -24.43 -2.23
CA ALA N 89 -5.71 -24.40 -2.92
C ALA N 89 -5.89 -24.42 -4.45
N VAL N 90 -6.72 -25.33 -4.95
CA VAL N 90 -7.00 -25.43 -6.38
C VAL N 90 -7.70 -24.16 -6.89
N MET N 91 -8.65 -23.66 -6.10
CA MET N 91 -9.34 -22.40 -6.40
C MET N 91 -8.37 -21.22 -6.44
N ALA N 92 -7.44 -21.19 -5.50
CA ALA N 92 -6.42 -20.14 -5.45
C ALA N 92 -5.59 -20.14 -6.72
N LEU N 93 -5.31 -21.33 -7.24
CA LEU N 93 -4.58 -21.49 -8.49
C LEU N 93 -5.40 -21.05 -9.70
N GLN N 94 -6.70 -21.32 -9.67
CA GLN N 94 -7.60 -20.91 -10.75
C GLN N 94 -7.69 -19.39 -10.84
N GLU N 95 -7.99 -18.74 -9.72
CA GLU N 95 -8.07 -17.29 -9.67
C GLU N 95 -6.75 -16.63 -10.05
N ALA N 96 -5.64 -17.25 -9.68
CA ALA N 96 -4.31 -16.79 -10.09
C ALA N 96 -4.18 -16.84 -11.60
N CYS N 97 -4.50 -18.00 -12.17
CA CYS N 97 -4.42 -18.22 -13.62
C CYS N 97 -5.39 -17.37 -14.41
N GLU N 98 -6.59 -17.19 -13.86
CA GLU N 98 -7.61 -16.40 -14.53
C GLU N 98 -7.27 -14.91 -14.52
N ALA N 99 -6.83 -14.39 -13.38
CA ALA N 99 -6.42 -12.99 -13.28
C ALA N 99 -5.16 -12.68 -14.11
N TYR N 100 -4.21 -13.60 -14.12
CA TYR N 100 -3.01 -13.49 -14.95
C TYR N 100 -3.39 -13.34 -16.41
N LEU N 101 -4.25 -14.24 -16.89
CA LEU N 101 -4.67 -14.26 -18.29
C LEU N 101 -5.60 -13.12 -18.66
N VAL N 102 -6.54 -12.77 -17.78
CA VAL N 102 -7.47 -11.66 -18.04
C VAL N 102 -6.68 -10.36 -18.23
N GLY N 103 -5.78 -10.08 -17.28
CA GLY N 103 -4.88 -8.94 -17.40
C GLY N 103 -4.04 -9.01 -18.66
N LEU N 104 -3.59 -10.22 -19.01
CA LEU N 104 -2.74 -10.44 -20.18
C LEU N 104 -3.45 -10.16 -21.50
N PHE N 105 -4.73 -10.51 -21.57
CA PHE N 105 -5.55 -10.21 -22.76
C PHE N 105 -5.87 -8.72 -22.85
N GLU N 106 -5.95 -8.05 -21.68
CA GLU N 106 -6.12 -6.60 -21.62
C GLU N 106 -4.92 -5.91 -22.28
N ASP N 107 -3.72 -6.39 -21.96
CA ASP N 107 -2.50 -5.92 -22.59
C ASP N 107 -2.53 -6.21 -24.08
N THR N 108 -2.98 -7.42 -24.43
CA THR N 108 -3.05 -7.88 -25.82
C THR N 108 -4.01 -7.04 -26.67
N ASN N 109 -5.18 -6.72 -26.11
CA ASN N 109 -6.16 -5.85 -26.75
C ASN N 109 -5.58 -4.46 -27.03
N LEU N 110 -4.96 -3.89 -26.01
CA LEU N 110 -4.36 -2.56 -26.08
C LEU N 110 -3.19 -2.50 -27.07
N CYS N 111 -2.46 -3.61 -27.15
CA CYS N 111 -1.32 -3.74 -28.04
C CYS N 111 -1.75 -3.67 -29.50
N ALA N 112 -2.86 -4.34 -29.82
CA ALA N 112 -3.39 -4.38 -31.17
C ALA N 112 -3.90 -3.02 -31.62
N ILE N 113 -4.67 -2.36 -30.74
CA ILE N 113 -5.26 -1.05 -31.06
C ILE N 113 -4.21 0.05 -31.18
N HIS N 114 -3.12 -0.07 -30.42
CA HIS N 114 -1.98 0.82 -30.55
C HIS N 114 -1.31 0.66 -31.88
N ALA N 115 -1.42 -0.53 -32.46
CA ALA N 115 -0.88 -0.80 -33.81
C ALA N 115 -1.87 -0.40 -34.90
N LYS N 116 -3.03 0.11 -34.46
CA LYS N 116 -4.18 0.38 -35.34
C LYS N 116 -4.63 -0.89 -36.05
N ARG N 117 -5.01 -1.87 -35.23
CA ARG N 117 -5.60 -3.13 -35.65
C ARG N 117 -6.74 -3.44 -34.69
N VAL N 118 -7.65 -4.32 -35.11
CA VAL N 118 -8.70 -4.83 -34.21
C VAL N 118 -8.41 -6.28 -33.80
N THR N 119 -7.75 -7.01 -34.70
CA THR N 119 -7.46 -8.43 -34.55
C THR N 119 -6.17 -8.66 -33.76
N ILE N 120 -6.28 -9.30 -32.60
CA ILE N 120 -5.08 -9.64 -31.80
C ILE N 120 -4.36 -10.86 -32.38
N MET N 121 -3.05 -10.91 -32.19
CA MET N 121 -2.22 -11.90 -32.85
C MET N 121 -1.39 -12.65 -31.82
N PRO N 122 -0.81 -13.80 -32.21
CA PRO N 122 0.20 -14.43 -31.37
C PRO N 122 1.31 -13.45 -30.97
N LYS N 123 1.62 -12.49 -31.83
CA LYS N 123 2.66 -11.49 -31.56
C LYS N 123 2.29 -10.56 -30.39
N ASP N 124 1.01 -10.22 -30.28
CA ASP N 124 0.56 -9.30 -29.24
C ASP N 124 0.63 -9.95 -27.86
N ILE N 125 0.46 -11.27 -27.82
CA ILE N 125 0.69 -12.04 -26.60
C ILE N 125 2.20 -12.09 -26.32
N GLN N 126 2.99 -12.38 -27.35
CA GLN N 126 4.46 -12.38 -27.23
C GLN N 126 4.95 -11.06 -26.60
N LEU N 127 4.39 -9.95 -27.05
CA LEU N 127 4.76 -8.61 -26.56
C LEU N 127 4.25 -8.32 -25.17
N ALA N 128 3.01 -8.73 -24.88
CA ALA N 128 2.39 -8.53 -23.58
C ALA N 128 3.15 -9.27 -22.48
N ARG N 129 3.79 -10.37 -22.86
CA ARG N 129 4.59 -11.16 -21.95
C ARG N 129 5.97 -10.55 -21.72
N ARG N 130 6.48 -9.85 -22.74
CA ARG N 130 7.77 -9.18 -22.64
C ARG N 130 7.71 -7.96 -21.74
N ILE N 131 6.64 -7.17 -21.89
CA ILE N 131 6.41 -5.94 -21.14
C ILE N 131 6.27 -6.20 -19.63
N ARG N 132 5.86 -7.42 -19.28
CA ARG N 132 5.72 -7.85 -17.89
C ARG N 132 6.99 -8.57 -17.38
N GLY N 133 8.02 -8.61 -18.23
CA GLY N 133 9.34 -9.07 -17.82
C GLY N 133 9.62 -10.56 -17.94
N GLU N 134 8.74 -11.29 -18.58
CA GLU N 134 8.96 -12.73 -18.84
C GLU N 134 9.93 -12.91 -20.02
N ARG N 135 10.50 -14.10 -20.14
CA ARG N 135 11.39 -14.40 -21.25
C ARG N 135 10.69 -15.21 -22.35
N ASP O 25 -1.78 -33.95 -22.37
CA ASP O 25 -3.02 -34.74 -22.12
C ASP O 25 -4.19 -33.86 -21.67
N ASN O 26 -3.92 -32.95 -20.74
CA ASN O 26 -5.00 -32.22 -20.05
C ASN O 26 -5.02 -30.72 -20.30
N ILE O 27 -4.02 -30.22 -21.04
CA ILE O 27 -4.04 -28.85 -21.55
C ILE O 27 -5.43 -28.57 -22.12
N GLN O 28 -5.98 -29.59 -22.77
CA GLN O 28 -7.34 -29.59 -23.30
C GLN O 28 -8.37 -29.07 -22.28
N GLY O 29 -7.99 -29.07 -21.00
CA GLY O 29 -8.79 -28.46 -19.93
C GLY O 29 -9.16 -27.03 -20.26
N ILE O 30 -8.15 -26.22 -20.57
CA ILE O 30 -8.37 -24.90 -21.15
C ILE O 30 -8.92 -25.04 -22.57
N THR O 31 -10.23 -24.82 -22.69
CA THR O 31 -10.98 -25.04 -23.92
C THR O 31 -11.06 -23.79 -24.78
N LYS O 32 -11.53 -23.94 -26.02
CA LYS O 32 -11.72 -22.81 -26.93
C LYS O 32 -12.77 -21.83 -26.42
N PRO O 33 -13.92 -22.35 -25.90
CA PRO O 33 -14.84 -21.44 -25.24
C PRO O 33 -14.23 -20.71 -24.04
N ALA O 34 -13.41 -21.41 -23.26
CA ALA O 34 -12.77 -20.82 -22.09
C ALA O 34 -11.85 -19.66 -22.47
N ILE O 35 -11.04 -19.87 -23.50
CA ILE O 35 -10.14 -18.85 -24.03
C ILE O 35 -10.93 -17.62 -24.51
N ARG O 36 -12.06 -17.85 -25.17
CA ARG O 36 -12.92 -16.78 -25.66
C ARG O 36 -13.49 -15.92 -24.53
N ARG O 37 -13.96 -16.58 -23.47
CA ARG O 37 -14.50 -15.87 -22.30
C ARG O 37 -13.42 -15.05 -21.61
N LEU O 38 -12.22 -15.62 -21.52
CA LEU O 38 -11.08 -14.95 -20.91
C LEU O 38 -10.69 -13.69 -21.68
N ALA O 39 -10.69 -13.81 -23.00
CA ALA O 39 -10.36 -12.70 -23.90
C ALA O 39 -11.41 -11.60 -23.84
N ARG O 40 -12.68 -11.99 -23.71
CA ARG O 40 -13.77 -11.02 -23.64
C ARG O 40 -13.71 -10.17 -22.36
N ARG O 41 -13.40 -10.81 -21.23
CA ARG O 41 -13.21 -10.07 -19.97
C ARG O 41 -11.97 -9.19 -20.06
N GLY O 42 -11.09 -9.51 -21.01
CA GLY O 42 -9.92 -8.68 -21.29
C GLY O 42 -10.27 -7.45 -22.12
N GLY O 43 -11.38 -7.52 -22.83
CA GLY O 43 -11.85 -6.41 -23.67
C GLY O 43 -11.58 -6.62 -25.14
N VAL O 44 -11.10 -7.81 -25.49
CA VAL O 44 -10.83 -8.19 -26.88
C VAL O 44 -12.13 -8.28 -27.70
N LYS O 45 -12.04 -7.98 -28.99
CA LYS O 45 -13.17 -8.11 -29.90
C LYS O 45 -12.95 -9.10 -31.05
N ARG O 46 -11.68 -9.32 -31.41
CA ARG O 46 -11.33 -10.23 -32.50
C ARG O 46 -10.04 -10.98 -32.21
N ILE O 47 -10.04 -12.28 -32.47
CA ILE O 47 -8.86 -13.12 -32.25
C ILE O 47 -8.43 -13.81 -33.54
N SER O 48 -7.13 -13.94 -33.72
CA SER O 48 -6.59 -14.82 -34.76
C SER O 48 -6.93 -16.25 -34.40
N GLY O 49 -6.92 -17.14 -35.40
CA GLY O 49 -7.11 -18.57 -35.17
C GLY O 49 -5.97 -19.18 -34.36
N LEU O 50 -4.80 -18.56 -34.44
CA LEU O 50 -3.60 -19.03 -33.74
C LEU O 50 -3.57 -18.68 -32.25
N ILE O 51 -4.52 -17.85 -31.82
CA ILE O 51 -4.61 -17.43 -30.42
C ILE O 51 -4.82 -18.61 -29.45
N TYR O 52 -5.65 -19.58 -29.84
CA TYR O 52 -5.97 -20.74 -29.01
C TYR O 52 -4.73 -21.54 -28.65
N GLU O 53 -3.95 -21.91 -29.66
CA GLU O 53 -2.71 -22.65 -29.49
C GLU O 53 -1.73 -21.89 -28.58
N GLU O 54 -1.58 -20.59 -28.83
CA GLU O 54 -0.65 -19.74 -28.10
C GLU O 54 -1.03 -19.55 -26.63
N THR O 55 -2.30 -19.22 -26.37
CA THR O 55 -2.79 -19.03 -25.02
C THR O 55 -2.58 -20.30 -24.18
N ARG O 56 -2.82 -21.45 -24.81
CA ARG O 56 -2.65 -22.74 -24.17
C ARG O 56 -1.23 -22.96 -23.64
N GLY O 57 -0.25 -22.85 -24.53
CA GLY O 57 1.16 -23.03 -24.17
C GLY O 57 1.61 -22.12 -23.03
N VAL O 58 1.09 -20.90 -23.02
CA VAL O 58 1.44 -19.89 -22.01
C VAL O 58 0.90 -20.22 -20.61
N LEU O 59 -0.38 -20.61 -20.54
CA LEU O 59 -0.96 -21.03 -19.27
C LEU O 59 -0.29 -22.29 -18.72
N LYS O 60 0.13 -23.17 -19.62
CA LYS O 60 0.89 -24.36 -19.27
C LYS O 60 2.13 -23.97 -18.45
N VAL O 61 2.93 -23.07 -19.01
CA VAL O 61 4.14 -22.55 -18.36
C VAL O 61 3.82 -21.96 -16.99
N PHE O 62 2.79 -21.12 -16.94
CA PHE O 62 2.40 -20.41 -15.73
C PHE O 62 2.01 -21.35 -14.60
N LEU O 63 1.20 -22.36 -14.93
CA LEU O 63 0.79 -23.37 -13.95
C LEU O 63 1.95 -24.24 -13.47
N GLU O 64 2.75 -24.74 -14.43
CA GLU O 64 3.95 -25.51 -14.11
C GLU O 64 4.78 -24.85 -13.00
N ASN O 65 5.01 -23.55 -13.15
CA ASN O 65 5.85 -22.78 -12.23
C ASN O 65 5.27 -22.59 -10.84
N VAL O 66 4.01 -22.22 -10.75
CA VAL O 66 3.35 -22.01 -9.45
C VAL O 66 3.19 -23.35 -8.74
N ILE O 67 2.86 -24.39 -9.49
CA ILE O 67 2.72 -25.74 -8.94
C ILE O 67 4.06 -26.29 -8.45
N ARG O 68 5.11 -26.14 -9.25
CA ARG O 68 6.45 -26.60 -8.88
C ARG O 68 6.87 -26.05 -7.50
N ASP O 69 6.55 -24.79 -7.26
CA ASP O 69 6.89 -24.13 -6.00
C ASP O 69 5.98 -24.55 -4.84
N ALA O 70 4.67 -24.59 -5.09
CA ALA O 70 3.69 -24.98 -4.07
C ALA O 70 3.91 -26.40 -3.56
N VAL O 71 4.33 -27.29 -4.46
CA VAL O 71 4.72 -28.66 -4.09
C VAL O 71 5.99 -28.66 -3.23
N THR O 72 6.94 -27.81 -3.59
CA THR O 72 8.20 -27.68 -2.85
C THR O 72 7.99 -27.22 -1.40
N TYR O 73 7.00 -26.35 -1.17
CA TYR O 73 6.64 -25.94 0.19
C TYR O 73 6.01 -27.08 0.98
N THR O 74 5.24 -27.92 0.30
CA THR O 74 4.58 -29.08 0.90
C THR O 74 5.61 -30.14 1.33
N GLU O 75 6.60 -30.40 0.47
CA GLU O 75 7.69 -31.34 0.77
C GLU O 75 8.51 -30.88 1.97
N HIS O 76 8.81 -29.58 2.01
CA HIS O 76 9.65 -29.01 3.07
C HIS O 76 8.93 -28.82 4.39
N ALA O 77 7.60 -28.92 4.35
CA ALA O 77 6.80 -28.95 5.58
C ALA O 77 6.45 -30.40 5.95
N LYS O 78 7.01 -31.33 5.18
CA LYS O 78 6.71 -32.78 5.26
C LYS O 78 5.22 -33.11 5.39
N ARG O 79 4.47 -32.65 4.39
CA ARG O 79 3.05 -32.94 4.25
C ARG O 79 2.82 -33.61 2.90
N LYS O 80 1.62 -34.14 2.71
CA LYS O 80 1.19 -34.62 1.40
C LYS O 80 -0.05 -33.84 0.93
N THR O 81 -0.52 -32.93 1.79
CA THR O 81 -1.68 -32.09 1.50
C THR O 81 -1.27 -30.64 1.29
N VAL O 82 -1.56 -30.11 0.11
CA VAL O 82 -1.26 -28.73 -0.26
C VAL O 82 -2.29 -27.80 0.38
N THR O 83 -1.81 -26.66 0.87
CA THR O 83 -2.67 -25.68 1.54
C THR O 83 -2.87 -24.44 0.68
N ALA O 84 -3.84 -23.62 1.07
CA ALA O 84 -4.06 -22.32 0.45
C ALA O 84 -2.80 -21.47 0.51
N MET O 85 -2.12 -21.51 1.66
CA MET O 85 -0.88 -20.74 1.85
C MET O 85 0.29 -21.22 1.00
N ASP O 86 0.31 -22.51 0.66
CA ASP O 86 1.37 -23.04 -0.22
C ASP O 86 1.32 -22.35 -1.59
N VAL O 87 0.10 -22.06 -2.04
CA VAL O 87 -0.10 -21.34 -3.30
C VAL O 87 0.08 -19.84 -3.09
N VAL O 88 -0.47 -19.30 -2.00
CA VAL O 88 -0.36 -17.86 -1.69
C VAL O 88 1.09 -17.39 -1.56
N TYR O 89 1.97 -18.24 -1.00
CA TYR O 89 3.39 -17.90 -0.89
C TYR O 89 4.14 -18.06 -2.21
N ALA O 90 3.84 -19.11 -2.97
CA ALA O 90 4.43 -19.34 -4.28
C ALA O 90 4.07 -18.25 -5.30
N LEU O 91 2.96 -17.56 -5.07
CA LEU O 91 2.50 -16.47 -5.94
C LEU O 91 3.16 -15.13 -5.63
N LYS O 92 3.66 -14.96 -4.41
CA LYS O 92 4.39 -13.75 -4.03
C LYS O 92 5.81 -13.77 -4.60
N ARG O 93 6.27 -14.97 -4.96
CA ARG O 93 7.58 -15.17 -5.56
C ARG O 93 7.63 -14.61 -7.00
N GLN O 94 6.48 -14.62 -7.68
CA GLN O 94 6.39 -14.24 -9.09
C GLN O 94 6.67 -12.76 -9.39
N GLY O 95 6.20 -11.86 -8.51
CA GLY O 95 6.35 -10.42 -8.72
C GLY O 95 5.25 -9.82 -9.60
N ARG O 96 4.64 -8.73 -9.11
CA ARG O 96 3.47 -8.16 -9.76
C ARG O 96 3.75 -7.08 -10.80
N THR O 97 3.08 -7.21 -11.94
CA THR O 97 2.94 -6.12 -12.89
C THR O 97 1.62 -5.42 -12.61
N LEU O 98 1.69 -4.16 -12.24
CA LEU O 98 0.47 -3.37 -12.04
C LEU O 98 0.37 -2.20 -13.03
N TYR O 99 -0.78 -1.55 -13.06
CA TYR O 99 -1.10 -0.55 -14.10
C TYR O 99 -0.94 0.89 -13.61
N GLY O 100 0.12 1.55 -14.05
CA GLY O 100 0.41 2.93 -13.67
C GLY O 100 1.34 3.09 -12.48
N PHE O 101 1.35 4.29 -11.91
CA PHE O 101 2.18 4.61 -10.74
C PHE O 101 1.35 5.00 -9.50
N GLY O 102 0.39 5.90 -9.69
CA GLY O 102 -0.44 6.41 -8.59
C GLY O 102 0.14 7.66 -7.95
N GLY P 8 -9.23 -14.35 -38.98
CA GLY P 8 -9.48 -14.47 -37.52
C GLY P 8 -10.95 -14.39 -37.14
N GLU P 9 -11.28 -14.91 -35.94
CA GLU P 9 -12.65 -14.96 -35.45
C GLU P 9 -13.13 -13.65 -34.81
N GLU P 10 -14.43 -13.40 -34.92
CA GLU P 10 -15.09 -12.31 -34.21
C GLU P 10 -15.54 -12.83 -32.85
N LEU P 11 -15.61 -11.95 -31.85
CA LEU P 11 -15.82 -12.39 -30.47
C LEU P 11 -17.17 -11.93 -29.86
N ILE P 12 -17.81 -10.96 -30.51
CA ILE P 12 -19.10 -10.44 -30.04
C ILE P 12 -20.21 -10.74 -31.06
N GLY P 13 -21.42 -10.99 -30.56
CA GLY P 13 -22.61 -11.17 -31.41
C GLY P 13 -23.24 -12.55 -31.39
N ASP P 14 -23.39 -13.13 -32.59
CA ASP P 14 -23.97 -14.47 -32.76
C ASP P 14 -23.10 -15.55 -32.13
N GLY P 15 -23.72 -16.39 -31.31
CA GLY P 15 -23.03 -17.51 -30.65
C GLY P 15 -22.41 -17.18 -29.31
N MET P 16 -22.68 -15.97 -28.80
CA MET P 16 -22.19 -15.53 -27.50
C MET P 16 -22.84 -16.29 -26.34
N GLU P 17 -24.16 -16.36 -26.35
CA GLU P 17 -24.93 -17.10 -25.35
C GLU P 17 -24.31 -18.46 -25.08
N ARG P 18 -23.94 -19.15 -26.16
CA ARG P 18 -23.42 -20.52 -26.12
C ARG P 18 -22.19 -20.70 -25.21
N ASP P 19 -21.32 -19.69 -25.18
CA ASP P 19 -20.08 -19.75 -24.40
C ASP P 19 -20.28 -19.62 -22.89
N TYR P 20 -21.36 -18.93 -22.49
CA TYR P 20 -21.59 -18.62 -21.07
C TYR P 20 -22.70 -19.45 -20.40
N ARG P 21 -22.91 -20.67 -20.91
CA ARG P 21 -23.92 -21.60 -20.38
C ARG P 21 -23.51 -22.27 -19.06
N ALA P 22 -24.49 -22.47 -18.18
CA ALA P 22 -24.26 -23.14 -16.90
C ALA P 22 -24.25 -24.66 -17.07
N ILE P 23 -23.13 -25.29 -16.70
CA ILE P 23 -22.96 -26.74 -16.84
C ILE P 23 -22.55 -27.36 -15.50
N PRO P 24 -23.56 -27.68 -14.65
CA PRO P 24 -23.33 -28.20 -13.29
C PRO P 24 -22.27 -29.29 -13.21
N GLU P 25 -22.22 -30.16 -14.23
CA GLU P 25 -21.32 -31.32 -14.23
C GLU P 25 -19.84 -30.95 -14.35
N LEU P 26 -19.57 -29.75 -14.86
CA LEU P 26 -18.20 -29.25 -14.98
C LEU P 26 -17.93 -28.06 -14.06
N ASP P 27 -19.00 -27.43 -13.57
CA ASP P 27 -18.91 -26.15 -12.85
C ASP P 27 -18.75 -26.28 -11.33
N ALA P 28 -18.34 -27.45 -10.87
CA ALA P 28 -17.96 -27.67 -9.48
C ALA P 28 -16.71 -28.53 -9.42
N TYR P 29 -16.01 -28.49 -8.30
CA TYR P 29 -14.82 -29.30 -8.14
C TYR P 29 -15.20 -30.74 -7.82
N GLU P 30 -14.40 -31.67 -8.34
CA GLU P 30 -14.54 -33.09 -8.03
C GLU P 30 -13.98 -33.35 -6.64
N ALA P 31 -14.61 -34.26 -5.91
CA ALA P 31 -14.15 -34.63 -4.57
C ALA P 31 -12.83 -35.38 -4.69
N GLU P 32 -12.78 -36.30 -5.65
CA GLU P 32 -11.58 -37.08 -5.97
C GLU P 32 -10.35 -36.18 -6.08
N GLY P 33 -9.26 -36.59 -5.45
CA GLY P 33 -8.00 -35.86 -5.51
C GLY P 33 -7.85 -34.76 -4.48
N LEU P 34 -8.92 -34.46 -3.75
CA LEU P 34 -8.87 -33.40 -2.74
C LEU P 34 -8.60 -33.93 -1.33
N ALA P 35 -8.75 -33.06 -0.34
CA ALA P 35 -8.54 -33.41 1.06
C ALA P 35 -9.68 -34.26 1.58
N LEU P 36 -9.32 -35.35 2.26
CA LEU P 36 -10.26 -36.37 2.74
C LEU P 36 -11.10 -35.89 3.93
N ASP P 37 -10.68 -34.77 4.52
CA ASP P 37 -11.38 -34.18 5.65
C ASP P 37 -11.16 -32.66 5.71
N ASP P 38 -11.62 -32.04 6.80
CA ASP P 38 -11.47 -30.60 7.01
C ASP P 38 -10.53 -30.29 8.20
N GLU P 39 -9.55 -31.17 8.40
CA GLU P 39 -8.61 -31.11 9.52
C GLU P 39 -7.66 -29.90 9.43
N ASP P 40 -7.20 -29.44 10.60
CA ASP P 40 -6.19 -28.38 10.68
C ASP P 40 -4.88 -28.86 10.08
N VAL P 41 -4.40 -28.14 9.07
CA VAL P 41 -3.18 -28.52 8.37
C VAL P 41 -1.99 -27.77 8.96
N GLU P 42 -0.79 -28.35 8.78
CA GLU P 42 0.46 -27.80 9.29
C GLU P 42 0.89 -26.54 8.53
N GLU P 43 1.10 -25.46 9.29
CA GLU P 43 1.61 -24.21 8.74
C GLU P 43 3.13 -24.27 8.63
N LEU P 44 3.67 -23.66 7.59
CA LEU P 44 5.12 -23.60 7.42
C LEU P 44 5.74 -22.65 8.44
N THR P 45 6.92 -23.03 8.94
CA THR P 45 7.70 -22.18 9.83
C THR P 45 8.65 -21.32 9.00
N ALA P 46 9.37 -20.43 9.66
CA ALA P 46 10.34 -19.57 8.99
C ALA P 46 11.45 -20.39 8.33
N SER P 47 11.90 -21.44 9.02
CA SER P 47 13.00 -22.28 8.56
C SER P 47 12.63 -23.14 7.36
N GLN P 48 11.45 -23.77 7.43
CA GLN P 48 10.93 -24.59 6.33
C GLN P 48 10.80 -23.77 5.04
N ARG P 49 10.27 -22.56 5.20
CA ARG P 49 10.05 -21.63 4.10
C ARG P 49 11.37 -21.27 3.40
N GLU P 50 12.38 -20.92 4.19
CA GLU P 50 13.69 -20.51 3.66
C GLU P 50 14.43 -21.66 2.98
N ALA P 51 14.47 -22.81 3.63
CA ALA P 51 15.11 -24.01 3.08
C ALA P 51 14.52 -24.34 1.70
N ALA P 52 13.23 -24.07 1.56
CA ALA P 52 12.52 -24.24 0.29
C ALA P 52 12.91 -23.16 -0.71
N GLU P 53 12.90 -21.90 -0.28
CA GLU P 53 13.21 -20.76 -1.15
C GLU P 53 14.62 -20.79 -1.71
N ARG P 54 15.54 -21.42 -0.98
CA ARG P 54 16.91 -21.62 -1.45
C ARG P 54 16.96 -22.68 -2.57
N ALA P 55 16.07 -23.66 -2.49
CA ALA P 55 15.96 -24.70 -3.52
C ALA P 55 15.32 -24.14 -4.78
N ALA Q 15 -40.27 -30.55 -45.35
CA ALA Q 15 -41.47 -31.37 -45.65
C ALA Q 15 -42.25 -30.81 -46.85
N LYS Q 16 -42.27 -31.56 -47.94
CA LYS Q 16 -42.95 -31.13 -49.17
C LYS Q 16 -44.48 -31.18 -49.07
N VAL Q 17 -45.00 -32.09 -48.25
CA VAL Q 17 -46.44 -32.17 -47.99
C VAL Q 17 -46.72 -32.05 -46.50
N GLN Q 18 -47.72 -31.23 -46.16
CA GLN Q 18 -48.18 -31.10 -44.79
C GLN Q 18 -49.68 -31.31 -44.71
N VAL Q 19 -50.12 -32.10 -43.73
CA VAL Q 19 -51.54 -32.26 -43.48
C VAL Q 19 -52.04 -31.10 -42.62
N ASN Q 20 -53.02 -30.36 -43.14
CA ASN Q 20 -53.52 -29.17 -42.46
C ASN Q 20 -54.68 -29.45 -41.53
N ASN Q 21 -55.50 -30.44 -41.88
CA ASN Q 21 -56.71 -30.70 -41.12
C ASN Q 21 -57.35 -32.04 -41.42
N VAL Q 22 -57.91 -32.66 -40.40
CA VAL Q 22 -58.80 -33.82 -40.56
C VAL Q 22 -60.04 -33.59 -39.69
N VAL Q 23 -61.21 -33.66 -40.33
CA VAL Q 23 -62.48 -33.54 -39.62
C VAL Q 23 -63.23 -34.87 -39.72
N VAL Q 24 -63.61 -35.42 -38.58
CA VAL Q 24 -64.40 -36.66 -38.54
C VAL Q 24 -65.85 -36.31 -38.87
N LEU Q 25 -66.44 -37.04 -39.83
CA LEU Q 25 -67.74 -36.66 -40.40
C LEU Q 25 -69.02 -37.24 -39.77
N ASP Q 26 -69.23 -38.55 -39.86
CA ASP Q 26 -70.46 -39.11 -39.31
C ASP Q 26 -70.17 -39.67 -37.93
N ASN Q 27 -70.27 -38.82 -36.91
CA ASN Q 27 -69.82 -39.23 -35.58
C ASN Q 27 -70.58 -38.61 -34.40
N PRO Q 28 -71.18 -39.45 -33.55
CA PRO Q 28 -71.15 -40.92 -33.52
C PRO Q 28 -72.06 -41.57 -34.57
N SER Q 29 -71.94 -42.88 -34.70
CA SER Q 29 -72.65 -43.63 -35.72
C SER Q 29 -72.74 -45.09 -35.30
N PRO Q 30 -73.57 -45.90 -35.99
CA PRO Q 30 -73.50 -47.33 -35.75
C PRO Q 30 -72.13 -47.90 -36.13
N PHE Q 31 -71.81 -49.07 -35.58
CA PHE Q 31 -70.54 -49.76 -35.85
C PHE Q 31 -70.33 -50.05 -37.34
N TYR Q 32 -71.41 -50.46 -38.02
CA TYR Q 32 -71.35 -50.87 -39.42
C TYR Q 32 -71.34 -49.72 -40.42
N ASN Q 33 -71.43 -48.49 -39.91
CA ASN Q 33 -71.37 -47.30 -40.76
C ASN Q 33 -69.97 -47.16 -41.38
N PRO Q 34 -69.87 -46.53 -42.56
CA PRO Q 34 -68.50 -46.33 -43.06
C PRO Q 34 -67.87 -45.07 -42.47
N PHE Q 35 -66.53 -45.08 -42.41
CA PHE Q 35 -65.75 -43.97 -41.88
C PHE Q 35 -65.62 -42.86 -42.90
N GLN Q 36 -65.96 -41.65 -42.49
CA GLN Q 36 -65.79 -40.50 -43.36
C GLN Q 36 -64.86 -39.48 -42.72
N PHE Q 37 -63.73 -39.24 -43.39
CA PHE Q 37 -62.75 -38.26 -42.93
C PHE Q 37 -62.63 -37.15 -43.96
N GLU Q 38 -62.47 -35.92 -43.49
CA GLU Q 38 -62.38 -34.77 -44.37
C GLU Q 38 -60.96 -34.22 -44.33
N ILE Q 39 -60.12 -34.70 -45.23
CA ILE Q 39 -58.68 -34.40 -45.20
C ILE Q 39 -58.30 -33.18 -46.04
N THR Q 40 -57.63 -32.22 -45.39
CA THR Q 40 -57.05 -31.06 -46.08
C THR Q 40 -55.53 -31.13 -45.98
N PHE Q 41 -54.87 -31.32 -47.11
CA PHE Q 41 -53.41 -31.36 -47.14
C PHE Q 41 -52.82 -30.31 -48.07
N GLU Q 42 -51.62 -29.87 -47.73
CA GLU Q 42 -50.95 -28.79 -48.44
C GLU Q 42 -49.71 -29.32 -49.16
N CYS Q 43 -49.63 -29.03 -50.46
CA CYS Q 43 -48.52 -29.47 -51.29
C CYS Q 43 -47.65 -28.26 -51.57
N ILE Q 44 -46.51 -28.19 -50.89
CA ILE Q 44 -45.63 -27.02 -50.92
C ILE Q 44 -44.95 -26.78 -52.28
N GLU Q 45 -44.90 -27.83 -53.09
CA GLU Q 45 -44.47 -27.74 -54.49
C GLU Q 45 -45.09 -28.91 -55.24
N ASP Q 46 -45.19 -28.79 -56.56
CA ASP Q 46 -45.71 -29.87 -57.39
C ASP Q 46 -44.92 -31.16 -57.13
N LEU Q 47 -45.63 -32.25 -56.93
CA LEU Q 47 -44.97 -33.53 -56.66
C LEU Q 47 -45.09 -34.51 -57.82
N SER Q 48 -43.96 -35.07 -58.22
CA SER Q 48 -43.90 -36.06 -59.29
C SER Q 48 -44.45 -37.41 -58.84
N GLU Q 49 -44.23 -37.75 -57.58
CA GLU Q 49 -44.60 -39.06 -57.02
C GLU Q 49 -46.06 -39.15 -56.55
N ASP Q 50 -46.37 -40.29 -55.93
CA ASP Q 50 -47.68 -40.58 -55.39
C ASP Q 50 -47.71 -40.53 -53.85
N LEU Q 51 -48.77 -39.94 -53.33
CA LEU Q 51 -49.07 -40.01 -51.91
C LEU Q 51 -50.03 -41.16 -51.65
N GLU Q 52 -49.71 -42.00 -50.67
CA GLU Q 52 -50.57 -43.11 -50.29
C GLU Q 52 -51.21 -42.86 -48.94
N TRP Q 53 -52.54 -42.81 -48.94
CA TRP Q 53 -53.31 -42.63 -47.73
C TRP Q 53 -53.93 -43.93 -47.33
N LYS Q 54 -53.72 -44.34 -46.08
CA LYS Q 54 -54.33 -45.58 -45.56
C LYS Q 54 -55.17 -45.30 -44.33
N ILE Q 55 -56.27 -46.04 -44.19
CA ILE Q 55 -57.06 -46.04 -42.95
C ILE Q 55 -56.95 -47.39 -42.26
N ILE Q 56 -56.38 -47.39 -41.07
CA ILE Q 56 -56.09 -48.62 -40.31
C ILE Q 56 -56.96 -48.72 -39.04
N TYR Q 57 -57.55 -49.89 -38.82
CA TYR Q 57 -58.33 -50.13 -37.61
C TYR Q 57 -57.64 -51.20 -36.76
N VAL Q 58 -57.14 -50.80 -35.60
CA VAL Q 58 -56.44 -51.70 -34.68
C VAL Q 58 -57.44 -52.63 -34.01
N GLY Q 59 -57.51 -53.86 -34.54
CA GLY Q 59 -58.42 -54.87 -34.02
C GLY Q 59 -58.08 -55.30 -32.60
N SER Q 60 -56.79 -55.39 -32.30
CA SER Q 60 -56.31 -55.72 -30.96
C SER Q 60 -55.08 -54.92 -30.59
N ALA Q 61 -55.08 -54.35 -29.38
CA ALA Q 61 -53.95 -53.60 -28.87
C ALA Q 61 -52.84 -54.53 -28.38
N GLU Q 62 -53.14 -55.82 -28.32
CA GLU Q 62 -52.16 -56.84 -27.93
C GLU Q 62 -51.26 -57.21 -29.11
N SER Q 63 -51.86 -57.32 -30.30
CA SER Q 63 -51.14 -57.75 -31.48
C SER Q 63 -51.41 -56.90 -32.73
N GLU Q 64 -50.33 -56.56 -33.42
CA GLU Q 64 -50.39 -55.80 -34.66
C GLU Q 64 -50.93 -56.67 -35.79
N GLU Q 65 -50.92 -57.99 -35.59
CA GLU Q 65 -51.42 -58.94 -36.57
C GLU Q 65 -52.92 -58.79 -36.85
N TYR Q 66 -53.61 -58.08 -35.97
CA TYR Q 66 -55.05 -57.92 -36.08
C TYR Q 66 -55.51 -56.53 -36.47
N ASP Q 67 -54.57 -55.72 -36.96
CA ASP Q 67 -54.87 -54.40 -37.49
C ASP Q 67 -55.40 -54.56 -38.90
N GLN Q 68 -56.52 -53.90 -39.20
CA GLN Q 68 -57.16 -54.02 -40.52
C GLN Q 68 -57.02 -52.73 -41.31
N VAL Q 69 -56.41 -52.82 -42.48
CA VAL Q 69 -56.31 -51.68 -43.39
C VAL Q 69 -57.64 -51.60 -44.15
N LEU Q 70 -58.50 -50.68 -43.71
CA LEU Q 70 -59.87 -50.57 -44.21
C LEU Q 70 -59.96 -50.02 -45.63
N ASP Q 71 -58.87 -49.41 -46.09
CA ASP Q 71 -58.81 -48.83 -47.43
C ASP Q 71 -57.42 -48.24 -47.71
N SER Q 72 -57.07 -48.14 -48.99
CA SER Q 72 -55.84 -47.49 -49.39
C SER Q 72 -56.06 -46.72 -50.69
N VAL Q 73 -55.82 -45.42 -50.63
CA VAL Q 73 -56.04 -44.51 -51.76
C VAL Q 73 -54.69 -43.96 -52.24
N LEU Q 74 -54.53 -43.83 -53.57
CA LEU Q 74 -53.35 -43.20 -54.17
C LEU Q 74 -53.68 -41.87 -54.83
N VAL Q 75 -53.01 -40.81 -54.41
CA VAL Q 75 -53.24 -39.47 -54.94
C VAL Q 75 -51.96 -38.98 -55.61
N GLY Q 76 -52.07 -38.56 -56.87
CA GLY Q 76 -50.92 -37.99 -57.58
C GLY Q 76 -50.89 -38.19 -59.09
N PRO Q 77 -50.03 -37.42 -59.80
CA PRO Q 77 -49.24 -36.29 -59.27
C PRO Q 77 -50.13 -35.10 -58.89
N VAL Q 78 -49.70 -34.36 -57.86
CA VAL Q 78 -50.53 -33.32 -57.24
C VAL Q 78 -50.03 -31.92 -57.62
N PRO Q 79 -50.97 -31.01 -57.96
CA PRO Q 79 -50.65 -29.58 -58.06
C PRO Q 79 -50.21 -29.01 -56.71
N ALA Q 80 -49.49 -27.89 -56.73
CA ALA Q 80 -49.13 -27.20 -55.48
C ALA Q 80 -50.34 -26.44 -54.95
N GLY Q 81 -50.51 -26.44 -53.63
CA GLY Q 81 -51.60 -25.70 -52.99
C GLY Q 81 -52.41 -26.51 -52.00
N ARG Q 82 -53.63 -26.08 -51.74
CA ARG Q 82 -54.51 -26.80 -50.83
C ARG Q 82 -55.36 -27.77 -51.61
N HIS Q 83 -55.47 -28.98 -51.09
CA HIS Q 83 -56.33 -29.99 -51.66
C HIS Q 83 -57.11 -30.65 -50.55
N MET Q 84 -58.36 -31.02 -50.85
CA MET Q 84 -59.25 -31.60 -49.85
C MET Q 84 -60.06 -32.74 -50.45
N PHE Q 85 -60.02 -33.90 -49.80
CA PHE Q 85 -60.82 -35.03 -50.25
C PHE Q 85 -61.40 -35.78 -49.06
N VAL Q 86 -62.52 -36.46 -49.28
CA VAL Q 86 -63.17 -37.22 -48.23
C VAL Q 86 -62.82 -38.70 -48.32
N PHE Q 87 -61.97 -39.16 -47.39
CA PHE Q 87 -61.55 -40.55 -47.33
C PHE Q 87 -62.63 -41.37 -46.63
N GLN Q 88 -63.21 -42.31 -47.37
CA GLN Q 88 -64.29 -43.12 -46.87
C GLN Q 88 -63.98 -44.61 -46.95
N ALA Q 89 -63.62 -45.18 -45.81
CA ALA Q 89 -63.38 -46.61 -45.69
C ALA Q 89 -64.58 -47.28 -45.03
N ASP Q 90 -64.81 -48.54 -45.40
CA ASP Q 90 -65.89 -49.34 -44.83
C ASP Q 90 -65.56 -49.73 -43.39
N ALA Q 91 -66.59 -50.11 -42.64
CA ALA Q 91 -66.42 -50.65 -41.28
C ALA Q 91 -65.60 -51.94 -41.30
N PRO Q 92 -64.79 -52.19 -40.23
CA PRO Q 92 -63.94 -53.38 -40.21
C PRO Q 92 -64.71 -54.69 -40.14
N ASN Q 93 -64.04 -55.78 -40.47
CA ASN Q 93 -64.57 -57.12 -40.31
C ASN Q 93 -64.69 -57.45 -38.83
N PRO Q 94 -65.94 -57.60 -38.33
CA PRO Q 94 -66.07 -58.12 -36.97
C PRO Q 94 -65.43 -59.50 -36.88
N GLY Q 95 -65.20 -60.10 -38.06
CA GLY Q 95 -64.64 -61.45 -38.16
C GLY Q 95 -63.19 -61.53 -37.75
N LEU Q 96 -62.49 -60.39 -37.75
CA LEU Q 96 -61.08 -60.34 -37.40
C LEU Q 96 -60.82 -59.60 -36.08
N ILE Q 97 -61.88 -59.27 -35.35
CA ILE Q 97 -61.76 -58.61 -34.05
C ILE Q 97 -61.89 -59.64 -32.93
N PRO Q 98 -60.78 -59.91 -32.19
CA PRO Q 98 -60.88 -60.80 -31.03
C PRO Q 98 -61.94 -60.31 -30.04
N ASP Q 99 -62.75 -61.24 -29.53
CA ASP Q 99 -63.89 -60.91 -28.65
C ASP Q 99 -63.53 -59.98 -27.49
N ALA Q 100 -62.36 -60.23 -26.90
CA ALA Q 100 -61.87 -59.49 -25.75
C ALA Q 100 -61.65 -57.99 -26.02
N ASP Q 101 -61.75 -57.59 -27.29
CA ASP Q 101 -61.42 -56.23 -27.69
C ASP Q 101 -62.56 -55.46 -28.35
N ALA Q 102 -63.58 -56.18 -28.81
CA ALA Q 102 -64.66 -55.59 -29.61
C ALA Q 102 -65.45 -54.51 -28.87
N VAL Q 103 -65.84 -54.81 -27.63
CA VAL Q 103 -66.55 -53.85 -26.80
C VAL Q 103 -65.53 -53.04 -26.00
N GLY Q 104 -65.29 -51.80 -26.43
CA GLY Q 104 -64.43 -50.91 -25.68
C GLY Q 104 -63.72 -49.93 -26.58
N VAL Q 105 -62.72 -49.26 -26.02
CA VAL Q 105 -61.94 -48.28 -26.77
C VAL Q 105 -60.82 -48.97 -27.57
N THR Q 106 -60.66 -48.55 -28.82
CA THR Q 106 -59.55 -48.97 -29.68
C THR Q 106 -59.12 -47.76 -30.53
N VAL Q 107 -58.22 -47.95 -31.50
CA VAL Q 107 -57.71 -46.81 -32.27
C VAL Q 107 -57.82 -46.95 -33.79
N VAL Q 108 -58.18 -45.84 -34.43
CA VAL Q 108 -58.20 -45.73 -35.90
C VAL Q 108 -57.07 -44.83 -36.34
N LEU Q 109 -56.37 -45.24 -37.39
CA LEU Q 109 -55.23 -44.50 -37.88
C LEU Q 109 -55.44 -44.02 -39.31
N ILE Q 110 -55.05 -42.77 -39.56
CA ILE Q 110 -54.93 -42.26 -40.92
C ILE Q 110 -53.47 -41.98 -41.15
N THR Q 111 -52.86 -42.77 -42.03
CA THR Q 111 -51.46 -42.58 -42.36
C THR Q 111 -51.34 -42.08 -43.79
N CYS Q 112 -50.26 -41.36 -44.05
CA CYS Q 112 -49.88 -40.96 -45.39
C CYS Q 112 -48.39 -41.21 -45.61
N THR Q 113 -48.06 -41.77 -46.77
CA THR Q 113 -46.67 -42.12 -47.08
C THR Q 113 -46.18 -41.44 -48.35
N TYR Q 114 -44.92 -41.05 -48.35
CA TYR Q 114 -44.26 -40.51 -49.53
C TYR Q 114 -42.96 -41.27 -49.78
N ARG Q 115 -42.78 -41.73 -51.02
CA ARG Q 115 -41.58 -42.48 -51.43
C ARG Q 115 -41.26 -43.65 -50.50
N GLY Q 116 -42.30 -44.43 -50.18
CA GLY Q 116 -42.19 -45.58 -49.31
C GLY Q 116 -41.99 -45.27 -47.83
N GLN Q 117 -42.19 -44.01 -47.46
CA GLN Q 117 -41.94 -43.55 -46.09
C GLN Q 117 -43.16 -42.89 -45.47
N GLU Q 118 -43.65 -43.44 -44.36
CA GLU Q 118 -44.77 -42.89 -43.60
C GLU Q 118 -44.34 -41.64 -42.85
N PHE Q 119 -44.88 -40.49 -43.27
CA PHE Q 119 -44.41 -39.20 -42.74
C PHE Q 119 -45.35 -38.55 -41.75
N ILE Q 120 -46.61 -38.99 -41.74
CA ILE Q 120 -47.60 -38.52 -40.77
C ILE Q 120 -48.58 -39.63 -40.42
N ARG Q 121 -48.84 -39.79 -39.12
CA ARG Q 121 -49.83 -40.73 -38.63
C ARG Q 121 -50.83 -40.00 -37.72
N VAL Q 122 -52.05 -39.81 -38.22
CA VAL Q 122 -53.10 -39.18 -37.44
C VAL Q 122 -53.95 -40.26 -36.78
N GLY Q 123 -54.08 -40.18 -35.47
CA GLY Q 123 -54.78 -41.23 -34.73
C GLY Q 123 -55.92 -40.73 -33.89
N TYR Q 124 -57.00 -41.52 -33.83
CA TYR Q 124 -58.17 -41.22 -33.01
C TYR Q 124 -58.55 -42.43 -32.18
N TYR Q 125 -58.87 -42.19 -30.92
CA TYR Q 125 -59.44 -43.25 -30.08
C TYR Q 125 -60.89 -43.46 -30.47
N VAL Q 126 -61.32 -44.72 -30.47
CA VAL Q 126 -62.67 -45.08 -30.89
C VAL Q 126 -63.34 -45.96 -29.83
N ASN Q 127 -64.39 -45.42 -29.21
CA ASN Q 127 -65.16 -46.14 -28.20
C ASN Q 127 -66.32 -46.87 -28.84
N ASN Q 128 -66.41 -48.17 -28.59
CA ASN Q 128 -67.53 -48.97 -29.04
C ASN Q 128 -68.35 -49.42 -27.84
N GLU Q 129 -69.61 -48.98 -27.79
CA GLU Q 129 -70.45 -49.17 -26.61
C GLU Q 129 -71.88 -49.51 -26.98
N TYR Q 130 -72.52 -50.37 -26.18
CA TYR Q 130 -73.94 -50.71 -26.37
C TYR Q 130 -74.83 -49.57 -25.91
N THR Q 131 -75.89 -49.30 -26.65
CA THR Q 131 -76.73 -48.14 -26.37
C THR Q 131 -77.88 -48.44 -25.41
N GLU Q 132 -77.97 -49.71 -24.99
CA GLU Q 132 -79.04 -50.17 -24.11
C GLU Q 132 -78.44 -50.40 -22.73
N THR Q 133 -79.08 -49.87 -21.69
CA THR Q 133 -78.54 -49.94 -20.34
C THR Q 133 -78.34 -51.40 -19.91
N GLU Q 134 -79.29 -52.23 -20.34
CA GLU Q 134 -79.25 -53.69 -20.14
C GLU Q 134 -77.90 -54.25 -20.56
N LEU Q 135 -77.53 -54.00 -21.82
CA LEU Q 135 -76.31 -54.53 -22.40
C LEU Q 135 -75.04 -53.85 -21.86
N ARG Q 136 -75.14 -52.58 -21.50
CA ARG Q 136 -74.02 -51.86 -20.90
C ARG Q 136 -73.64 -52.48 -19.57
N GLU Q 137 -74.65 -52.85 -18.79
CA GLU Q 137 -74.43 -53.51 -17.52
C GLU Q 137 -73.95 -54.93 -17.74
N ASN Q 138 -74.62 -55.65 -18.65
CA ASN Q 138 -74.27 -57.04 -18.93
C ASN Q 138 -73.90 -57.27 -20.40
N PRO Q 139 -72.60 -57.12 -20.71
CA PRO Q 139 -72.10 -57.40 -22.04
C PRO Q 139 -72.20 -58.89 -22.36
N PRO Q 140 -72.89 -59.24 -23.45
CA PRO Q 140 -72.98 -60.64 -23.85
C PRO Q 140 -71.60 -61.20 -24.18
N VAL Q 141 -71.43 -62.52 -24.08
CA VAL Q 141 -70.12 -63.15 -24.30
C VAL Q 141 -69.60 -62.95 -25.74
N LYS Q 142 -70.50 -63.12 -26.71
CA LYS Q 142 -70.20 -62.79 -28.09
C LYS Q 142 -70.73 -61.39 -28.36
N PRO Q 143 -69.83 -60.41 -28.55
CA PRO Q 143 -70.20 -59.02 -28.81
C PRO Q 143 -71.12 -58.88 -30.04
N ASP Q 144 -72.20 -58.13 -29.88
CA ASP Q 144 -73.21 -57.98 -30.92
C ASP Q 144 -73.07 -56.63 -31.63
N PHE Q 145 -72.32 -56.65 -32.73
CA PHE Q 145 -71.90 -55.44 -33.44
C PHE Q 145 -73.05 -54.59 -33.99
N SER Q 146 -74.16 -55.23 -34.31
CA SER Q 146 -75.33 -54.53 -34.82
C SER Q 146 -75.96 -53.60 -33.77
N LYS Q 147 -75.69 -53.87 -32.49
CA LYS Q 147 -76.20 -53.04 -31.40
C LYS Q 147 -75.15 -52.09 -30.83
N LEU Q 148 -73.97 -52.07 -31.46
CA LEU Q 148 -72.87 -51.21 -31.04
C LEU Q 148 -72.85 -49.86 -31.77
N GLN Q 149 -72.81 -48.78 -30.99
CA GLN Q 149 -72.55 -47.43 -31.51
C GLN Q 149 -71.07 -47.15 -31.35
N ARG Q 150 -70.42 -46.73 -32.43
CA ARG Q 150 -69.01 -46.34 -32.39
C ARG Q 150 -68.89 -44.83 -32.18
N ASN Q 151 -68.13 -44.44 -31.17
CA ASN Q 151 -67.86 -43.04 -30.90
C ASN Q 151 -66.37 -42.75 -31.10
N ILE Q 152 -66.05 -42.12 -32.22
CA ILE Q 152 -64.68 -41.71 -32.49
C ILE Q 152 -64.40 -40.46 -31.66
N LEU Q 153 -63.26 -40.44 -30.99
CA LEU Q 153 -62.90 -39.30 -30.15
C LEU Q 153 -62.35 -38.17 -31.02
N ALA Q 154 -63.25 -37.51 -31.72
CA ALA Q 154 -62.93 -36.46 -32.69
C ALA Q 154 -62.34 -35.22 -32.03
N SER Q 155 -62.73 -34.99 -30.77
CA SER Q 155 -62.23 -33.84 -30.01
C SER Q 155 -60.76 -33.96 -29.60
N ASN Q 156 -60.21 -35.18 -29.67
CA ASN Q 156 -58.83 -35.43 -29.25
C ASN Q 156 -57.94 -36.18 -30.27
N PRO Q 157 -57.62 -35.52 -31.41
CA PRO Q 157 -56.74 -36.15 -32.39
C PRO Q 157 -55.30 -36.19 -31.90
N ARG Q 158 -54.57 -37.24 -32.29
CA ARG Q 158 -53.14 -37.36 -31.95
C ARG Q 158 -52.31 -37.41 -33.23
N VAL Q 159 -51.66 -36.29 -33.53
CA VAL Q 159 -50.91 -36.12 -34.77
C VAL Q 159 -49.43 -36.36 -34.55
N THR Q 160 -48.92 -37.42 -35.17
CA THR Q 160 -47.52 -37.81 -35.06
C THR Q 160 -46.84 -37.66 -36.41
N ARG Q 161 -45.80 -36.83 -36.45
CA ARG Q 161 -45.08 -36.54 -37.70
C ARG Q 161 -43.69 -37.16 -37.70
N PHE Q 162 -43.32 -37.76 -38.82
CA PHE Q 162 -41.99 -38.37 -38.95
C PHE Q 162 -41.17 -37.64 -40.00
N HIS Q 163 -39.86 -37.66 -39.81
CA HIS Q 163 -38.93 -37.02 -40.74
C HIS Q 163 -38.51 -38.01 -41.79
N ILE Q 164 -38.61 -37.62 -43.06
CA ILE Q 164 -38.23 -38.48 -44.17
C ILE Q 164 -37.44 -37.75 -45.26
N ASN Q 165 -36.82 -38.53 -46.14
CA ASN Q 165 -36.18 -37.99 -47.34
C ASN Q 165 -37.22 -37.59 -48.36
N TRP Q 166 -37.18 -36.33 -48.81
CA TRP Q 166 -38.13 -35.87 -49.81
C TRP Q 166 -37.57 -35.89 -51.22
N GLU Q 167 -36.26 -35.66 -51.34
CA GLU Q 167 -35.58 -35.75 -52.64
C GLU Q 167 -34.11 -36.22 -52.50
N ASP Q 168 -33.40 -36.28 -53.62
CA ASP Q 168 -32.01 -36.76 -53.65
C ASP Q 168 -31.01 -35.63 -53.40
N LEU R 61 -39.60 -32.65 -11.41
CA LEU R 61 -39.04 -33.96 -10.95
C LEU R 61 -39.93 -35.15 -11.33
N LEU R 62 -39.46 -35.93 -12.30
CA LEU R 62 -40.19 -37.13 -12.72
C LEU R 62 -39.29 -38.33 -12.55
N ILE R 63 -38.48 -38.62 -13.57
CA ILE R 63 -37.46 -39.65 -13.48
C ILE R 63 -36.21 -39.02 -12.85
N ARG R 64 -35.56 -39.74 -11.94
CA ARG R 64 -34.34 -39.25 -11.29
C ARG R 64 -33.15 -39.24 -12.23
N LYS R 65 -32.28 -38.23 -12.08
CA LYS R 65 -31.21 -37.97 -13.06
C LYS R 65 -30.08 -39.02 -13.06
N LEU R 66 -29.47 -39.25 -11.90
CA LEU R 66 -28.34 -40.17 -11.81
C LEU R 66 -28.63 -41.54 -12.44
N PRO R 67 -29.74 -42.21 -12.05
CA PRO R 67 -29.98 -43.54 -12.62
C PRO R 67 -30.25 -43.48 -14.12
N PHE R 68 -30.92 -42.41 -14.57
CA PHE R 68 -31.25 -42.24 -15.97
C PHE R 68 -30.00 -42.20 -16.84
N GLN R 69 -29.00 -41.44 -16.38
CA GLN R 69 -27.72 -41.32 -17.07
C GLN R 69 -27.03 -42.69 -17.20
N ARG R 70 -27.13 -43.49 -16.14
CA ARG R 70 -26.56 -44.83 -16.12
C ARG R 70 -27.29 -45.77 -17.07
N LEU R 71 -28.61 -45.65 -17.10
CA LEU R 71 -29.44 -46.38 -18.05
C LEU R 71 -28.99 -46.04 -19.47
N VAL R 72 -28.87 -44.74 -19.75
CA VAL R 72 -28.40 -44.23 -21.04
C VAL R 72 -27.02 -44.82 -21.39
N ARG R 73 -26.14 -44.89 -20.40
CA ARG R 73 -24.80 -45.47 -20.59
C ARG R 73 -24.87 -46.95 -20.98
N GLU R 74 -25.65 -47.71 -20.22
CA GLU R 74 -25.81 -49.15 -20.43
C GLU R 74 -26.26 -49.46 -21.85
N ILE R 75 -27.27 -48.71 -22.31
CA ILE R 75 -27.83 -48.85 -23.66
C ILE R 75 -26.82 -48.35 -24.71
N ALA R 76 -26.16 -47.23 -24.43
CA ALA R 76 -25.21 -46.62 -25.35
C ALA R 76 -24.01 -47.52 -25.58
N GLN R 77 -23.63 -48.24 -24.53
CA GLN R 77 -22.54 -49.20 -24.55
C GLN R 77 -22.72 -50.24 -25.66
N ASP R 78 -23.96 -50.68 -25.85
CA ASP R 78 -24.26 -51.74 -26.81
C ASP R 78 -24.09 -51.32 -28.26
N PHE R 79 -24.21 -50.03 -28.56
CA PHE R 79 -24.12 -49.57 -29.94
C PHE R 79 -22.71 -49.11 -30.37
N LYS R 80 -22.08 -48.29 -29.53
CA LYS R 80 -20.65 -48.00 -29.68
C LYS R 80 -20.02 -47.64 -28.34
N THR R 81 -18.85 -48.22 -28.11
CA THR R 81 -18.14 -48.07 -26.85
C THR R 81 -17.20 -46.87 -26.89
N ASP R 82 -16.60 -46.57 -25.73
CA ASP R 82 -15.76 -45.36 -25.53
C ASP R 82 -16.29 -44.15 -26.31
N LEU R 83 -17.46 -43.68 -25.85
CA LEU R 83 -18.27 -42.71 -26.55
C LEU R 83 -18.87 -41.82 -25.47
N ARG R 84 -18.45 -40.56 -25.44
CA ARG R 84 -18.89 -39.65 -24.39
C ARG R 84 -20.16 -38.90 -24.75
N PHE R 85 -20.91 -38.52 -23.73
CA PHE R 85 -22.14 -37.75 -23.89
C PHE R 85 -21.94 -36.36 -23.33
N GLN R 86 -22.35 -35.34 -24.07
CA GLN R 86 -22.42 -34.00 -23.51
C GLN R 86 -23.49 -34.01 -22.44
N SER R 87 -23.26 -33.27 -21.36
CA SER R 87 -24.19 -33.23 -20.25
C SER R 87 -25.58 -32.77 -20.66
N SER R 88 -25.66 -31.79 -21.56
CA SER R 88 -26.94 -31.27 -22.05
C SER R 88 -27.62 -32.24 -23.02
N ALA R 89 -26.81 -33.12 -23.62
CA ALA R 89 -27.31 -34.18 -24.51
C ALA R 89 -28.05 -35.26 -23.73
N VAL R 90 -27.52 -35.64 -22.57
CA VAL R 90 -28.18 -36.58 -21.67
C VAL R 90 -29.51 -36.01 -21.19
N MET R 91 -29.54 -34.71 -20.89
CA MET R 91 -30.77 -34.06 -20.43
C MET R 91 -31.76 -33.76 -21.57
N ALA R 92 -31.28 -33.84 -22.81
CA ALA R 92 -32.17 -33.79 -23.97
C ALA R 92 -32.94 -35.11 -24.08
N LEU R 93 -32.24 -36.22 -23.82
CA LEU R 93 -32.85 -37.55 -23.80
C LEU R 93 -33.81 -37.73 -22.63
N GLN R 94 -33.47 -37.15 -21.47
CA GLN R 94 -34.34 -37.25 -20.30
C GLN R 94 -35.62 -36.46 -20.48
N GLU R 95 -35.50 -35.22 -20.95
CA GLU R 95 -36.66 -34.40 -21.25
C GLU R 95 -37.58 -35.08 -22.25
N ALA R 96 -36.98 -35.74 -23.23
CA ALA R 96 -37.72 -36.49 -24.25
C ALA R 96 -38.47 -37.70 -23.68
N CYS R 97 -37.78 -38.49 -22.86
CA CYS R 97 -38.36 -39.70 -22.26
C CYS R 97 -39.48 -39.38 -21.29
N GLU R 98 -39.28 -38.36 -20.47
CA GLU R 98 -40.28 -37.93 -19.51
C GLU R 98 -41.50 -37.33 -20.25
N ALA R 99 -41.23 -36.46 -21.22
CA ALA R 99 -42.29 -35.89 -22.06
C ALA R 99 -43.02 -36.95 -22.89
N TYR R 100 -42.29 -37.96 -23.36
CA TYR R 100 -42.90 -39.10 -24.05
C TYR R 100 -43.88 -39.84 -23.14
N LEU R 101 -43.40 -40.31 -21.99
CA LEU R 101 -44.20 -41.11 -21.06
C LEU R 101 -45.35 -40.36 -20.40
N VAL R 102 -45.12 -39.08 -20.07
CA VAL R 102 -46.18 -38.23 -19.51
C VAL R 102 -47.31 -38.06 -20.52
N GLY R 103 -46.95 -37.79 -21.78
CA GLY R 103 -47.92 -37.73 -22.86
C GLY R 103 -48.64 -39.05 -23.03
N LEU R 104 -47.90 -40.15 -22.87
CA LEU R 104 -48.44 -41.50 -22.96
C LEU R 104 -49.43 -41.80 -21.84
N PHE R 105 -49.15 -41.26 -20.66
CA PHE R 105 -50.05 -41.40 -19.51
C PHE R 105 -51.30 -40.53 -19.61
N GLU R 106 -51.17 -39.37 -20.27
CA GLU R 106 -52.33 -38.53 -20.58
C GLU R 106 -53.30 -39.30 -21.47
N ASP R 107 -52.76 -39.96 -22.49
CA ASP R 107 -53.50 -40.86 -23.36
C ASP R 107 -54.21 -41.94 -22.55
N THR R 108 -53.46 -42.58 -21.65
CA THR R 108 -53.98 -43.65 -20.81
C THR R 108 -55.12 -43.14 -19.92
N ASN R 109 -54.97 -41.90 -19.46
CA ASN R 109 -55.98 -41.24 -18.65
C ASN R 109 -57.28 -41.00 -19.42
N LEU R 110 -57.14 -40.44 -20.62
CA LEU R 110 -58.26 -40.23 -21.54
C LEU R 110 -58.87 -41.55 -22.02
N CYS R 111 -58.01 -42.54 -22.27
CA CYS R 111 -58.42 -43.86 -22.71
C CYS R 111 -59.36 -44.53 -21.71
N ALA R 112 -58.97 -44.50 -20.43
CA ALA R 112 -59.70 -45.17 -19.36
C ALA R 112 -60.95 -44.41 -18.89
N ILE R 113 -60.90 -43.08 -18.95
CA ILE R 113 -62.05 -42.23 -18.61
C ILE R 113 -63.23 -42.51 -19.54
N HIS R 114 -62.93 -42.78 -20.82
CA HIS R 114 -63.96 -43.11 -21.80
C HIS R 114 -64.50 -44.52 -21.74
N ALA R 115 -63.68 -45.44 -21.26
CA ALA R 115 -64.13 -46.82 -21.06
C ALA R 115 -64.75 -47.00 -19.68
N LYS R 116 -65.06 -45.87 -19.05
CA LYS R 116 -65.77 -45.80 -17.76
C LYS R 116 -65.07 -46.57 -16.63
N ARG R 117 -63.74 -46.58 -16.68
CA ARG R 117 -62.92 -47.24 -15.67
C ARG R 117 -62.15 -46.22 -14.84
N VAL R 118 -61.86 -46.57 -13.59
CA VAL R 118 -61.11 -45.70 -12.68
C VAL R 118 -59.63 -46.05 -12.65
N THR R 119 -59.32 -47.30 -12.99
CA THR R 119 -57.95 -47.82 -12.92
C THR R 119 -57.44 -48.19 -14.31
N ILE R 120 -56.24 -47.70 -14.61
CA ILE R 120 -55.63 -47.90 -15.94
C ILE R 120 -54.98 -49.29 -16.06
N MET R 121 -54.92 -49.78 -17.30
CA MET R 121 -54.53 -51.16 -17.58
C MET R 121 -53.45 -51.24 -18.65
N PRO R 122 -52.64 -52.32 -18.64
CA PRO R 122 -51.59 -52.56 -19.64
C PRO R 122 -52.03 -52.32 -21.08
N LYS R 123 -53.28 -52.63 -21.40
CA LYS R 123 -53.79 -52.43 -22.75
C LYS R 123 -53.86 -50.96 -23.13
N ASP R 124 -54.16 -50.08 -22.16
CA ASP R 124 -54.28 -48.64 -22.41
C ASP R 124 -52.96 -48.02 -22.86
N ILE R 125 -51.87 -48.51 -22.28
CA ILE R 125 -50.51 -48.11 -22.69
C ILE R 125 -50.21 -48.63 -24.10
N GLN R 126 -50.55 -49.88 -24.37
CA GLN R 126 -50.36 -50.48 -25.70
C GLN R 126 -51.12 -49.69 -26.75
N LEU R 127 -52.33 -49.24 -26.41
CA LEU R 127 -53.14 -48.40 -27.28
C LEU R 127 -52.47 -47.05 -27.52
N ALA R 128 -52.07 -46.39 -26.43
CA ALA R 128 -51.39 -45.09 -26.49
C ALA R 128 -50.09 -45.15 -27.29
N ARG R 129 -49.43 -46.30 -27.26
CA ARG R 129 -48.21 -46.55 -28.04
C ARG R 129 -48.46 -46.70 -29.55
N ARG R 130 -49.63 -47.23 -29.90
CA ARG R 130 -49.96 -47.50 -31.29
C ARG R 130 -50.34 -46.22 -32.02
N ILE R 131 -51.14 -45.39 -31.37
CA ILE R 131 -51.63 -44.12 -31.92
C ILE R 131 -50.49 -43.15 -32.25
N ARG R 132 -49.30 -43.44 -31.72
CA ARG R 132 -48.10 -42.65 -31.96
C ARG R 132 -47.16 -43.36 -32.94
N GLY R 133 -47.47 -44.62 -33.26
CA GLY R 133 -46.87 -45.34 -34.39
C GLY R 133 -45.64 -46.19 -34.12
N GLU R 134 -45.72 -47.08 -33.14
CA GLU R 134 -44.61 -47.98 -32.84
C GLU R 134 -44.93 -49.44 -33.17
N ASP S 25 -30.67 -54.78 -17.13
CA ASP S 25 -30.67 -54.72 -15.64
C ASP S 25 -30.85 -53.29 -15.10
N ASN S 26 -30.36 -52.30 -15.84
CA ASN S 26 -30.46 -50.88 -15.47
C ASN S 26 -31.86 -50.30 -15.61
N ILE S 27 -32.73 -51.00 -16.34
CA ILE S 27 -34.15 -50.65 -16.45
C ILE S 27 -34.70 -50.46 -15.05
N GLN S 28 -34.03 -51.06 -14.07
CA GLN S 28 -34.36 -50.88 -12.66
C GLN S 28 -34.08 -49.45 -12.20
N GLY S 29 -33.29 -48.71 -12.97
CA GLY S 29 -33.04 -47.28 -12.72
C GLY S 29 -34.29 -46.43 -12.89
N ILE S 30 -35.32 -47.01 -13.50
CA ILE S 30 -36.63 -46.38 -13.60
C ILE S 30 -37.58 -46.98 -12.54
N THR S 31 -37.49 -46.40 -11.34
CA THR S 31 -38.12 -46.94 -10.13
C THR S 31 -39.64 -46.85 -10.14
N LYS S 32 -40.29 -47.60 -9.24
CA LYS S 32 -41.74 -47.56 -9.08
C LYS S 32 -42.27 -46.15 -8.76
N PRO S 33 -41.60 -45.42 -7.83
CA PRO S 33 -41.98 -44.02 -7.59
C PRO S 33 -41.81 -43.13 -8.82
N ALA S 34 -40.75 -43.38 -9.60
CA ALA S 34 -40.53 -42.66 -10.85
C ALA S 34 -41.72 -42.85 -11.80
N ILE S 35 -42.18 -44.09 -11.92
CA ILE S 35 -43.34 -44.42 -12.75
C ILE S 35 -44.61 -43.77 -12.21
N ARG S 36 -44.78 -43.83 -10.89
CA ARG S 36 -45.94 -43.21 -10.23
C ARG S 36 -46.00 -41.70 -10.45
N ARG S 37 -44.84 -41.04 -10.39
CA ARG S 37 -44.73 -39.59 -10.62
C ARG S 37 -45.10 -39.25 -12.06
N LEU S 38 -44.69 -40.10 -12.99
CA LEU S 38 -45.03 -39.92 -14.40
C LEU S 38 -46.53 -40.06 -14.60
N ALA S 39 -47.11 -41.14 -14.07
CA ALA S 39 -48.55 -41.37 -14.15
C ALA S 39 -49.34 -40.22 -13.54
N ARG S 40 -48.89 -39.74 -12.38
CA ARG S 40 -49.52 -38.61 -11.71
C ARG S 40 -49.50 -37.35 -12.57
N ARG S 41 -48.34 -37.06 -13.16
CA ARG S 41 -48.20 -35.92 -14.06
C ARG S 41 -49.10 -36.09 -15.30
N GLY S 42 -49.35 -37.33 -15.68
CA GLY S 42 -50.27 -37.63 -16.77
C GLY S 42 -51.72 -37.36 -16.41
N GLY S 43 -52.03 -37.43 -15.11
CA GLY S 43 -53.37 -37.17 -14.61
C GLY S 43 -54.07 -38.41 -14.05
N VAL S 44 -53.35 -39.53 -14.05
CA VAL S 44 -53.89 -40.81 -13.58
C VAL S 44 -54.22 -40.78 -12.09
N LYS S 45 -55.25 -41.53 -11.69
CA LYS S 45 -55.68 -41.60 -10.30
C LYS S 45 -55.46 -42.97 -9.66
N ARG S 46 -55.53 -44.02 -10.48
CA ARG S 46 -55.30 -45.38 -10.02
C ARG S 46 -54.58 -46.19 -11.09
N ILE S 47 -53.54 -46.91 -10.67
CA ILE S 47 -52.80 -47.76 -11.61
C ILE S 47 -52.89 -49.23 -11.22
N SER S 48 -52.86 -50.10 -12.23
CA SER S 48 -52.72 -51.53 -12.04
C SER S 48 -51.28 -51.81 -11.63
N GLY S 49 -51.11 -52.86 -10.81
CA GLY S 49 -49.76 -53.30 -10.42
C GLY S 49 -48.96 -53.76 -11.62
N LEU S 50 -49.65 -54.06 -12.71
CA LEU S 50 -49.00 -54.49 -13.94
C LEU S 50 -48.37 -53.33 -14.72
N ILE S 51 -48.82 -52.10 -14.43
CA ILE S 51 -48.35 -50.89 -15.13
C ILE S 51 -46.85 -50.64 -14.98
N TYR S 52 -46.30 -50.99 -13.82
CA TYR S 52 -44.88 -50.81 -13.56
C TYR S 52 -44.04 -51.51 -14.60
N GLU S 53 -44.27 -52.81 -14.77
CA GLU S 53 -43.48 -53.62 -15.68
C GLU S 53 -43.71 -53.25 -17.15
N GLU S 54 -44.95 -52.90 -17.48
CA GLU S 54 -45.31 -52.48 -18.82
C GLU S 54 -44.60 -51.19 -19.24
N THR S 55 -44.57 -50.21 -18.34
CA THR S 55 -43.94 -48.92 -18.61
C THR S 55 -42.44 -49.08 -18.87
N ARG S 56 -41.79 -49.93 -18.07
CA ARG S 56 -40.37 -50.24 -18.23
C ARG S 56 -40.05 -50.79 -19.62
N GLY S 57 -40.89 -51.71 -20.10
CA GLY S 57 -40.79 -52.22 -21.45
C GLY S 57 -40.78 -51.09 -22.46
N VAL S 58 -41.79 -50.22 -22.36
CA VAL S 58 -41.98 -49.09 -23.28
C VAL S 58 -40.78 -48.13 -23.31
N LEU S 59 -40.35 -47.71 -22.12
CA LEU S 59 -39.24 -46.78 -21.98
C LEU S 59 -37.95 -47.30 -22.59
N LYS S 60 -37.67 -48.59 -22.37
CA LYS S 60 -36.44 -49.20 -22.86
C LYS S 60 -36.40 -49.29 -24.39
N VAL S 61 -37.51 -49.72 -24.99
CA VAL S 61 -37.60 -49.78 -26.45
C VAL S 61 -37.45 -48.38 -27.03
N PHE S 62 -38.17 -47.42 -26.44
CA PHE S 62 -38.08 -46.02 -26.86
C PHE S 62 -36.64 -45.53 -26.80
N LEU S 63 -35.98 -45.73 -25.65
CA LEU S 63 -34.59 -45.29 -25.46
C LEU S 63 -33.59 -45.99 -26.37
N GLU S 64 -33.78 -47.30 -26.59
CA GLU S 64 -32.90 -48.05 -27.48
C GLU S 64 -32.91 -47.52 -28.91
N ASN S 65 -34.09 -47.21 -29.42
CA ASN S 65 -34.24 -46.65 -30.77
C ASN S 65 -33.64 -45.25 -30.93
N VAL S 66 -33.94 -44.37 -29.98
CA VAL S 66 -33.46 -43.00 -30.01
C VAL S 66 -31.93 -42.96 -29.90
N ILE S 67 -31.39 -43.69 -28.92
CA ILE S 67 -29.94 -43.79 -28.74
C ILE S 67 -29.24 -44.46 -29.93
N ARG S 68 -29.82 -45.53 -30.47
CA ARG S 68 -29.30 -46.18 -31.66
C ARG S 68 -29.04 -45.16 -32.77
N ASP S 69 -30.01 -44.28 -32.98
CA ASP S 69 -29.92 -43.25 -33.99
C ASP S 69 -28.95 -42.14 -33.60
N ALA S 70 -29.02 -41.69 -32.35
CA ALA S 70 -28.16 -40.63 -31.84
C ALA S 70 -26.67 -40.95 -32.03
N VAL S 71 -26.30 -42.18 -31.71
CA VAL S 71 -24.93 -42.68 -31.90
C VAL S 71 -24.55 -42.69 -33.38
N THR S 72 -25.46 -43.18 -34.23
CA THR S 72 -25.24 -43.25 -35.67
C THR S 72 -24.88 -41.89 -36.28
N TYR S 73 -25.67 -40.86 -35.94
CA TYR S 73 -25.41 -39.47 -36.35
C TYR S 73 -24.02 -39.02 -35.94
N THR S 74 -23.66 -39.29 -34.69
CA THR S 74 -22.34 -39.00 -34.15
C THR S 74 -21.25 -39.73 -34.95
N GLU S 75 -21.46 -41.01 -35.24
CA GLU S 75 -20.49 -41.84 -35.98
C GLU S 75 -20.22 -41.26 -37.37
N HIS S 76 -21.27 -40.85 -38.04
CA HIS S 76 -21.17 -40.21 -39.36
C HIS S 76 -20.56 -38.84 -39.30
N ALA S 77 -20.58 -38.21 -38.12
CA ALA S 77 -20.02 -36.87 -37.90
C ALA S 77 -18.54 -36.89 -37.50
N LYS S 78 -17.92 -38.07 -37.61
CA LYS S 78 -16.49 -38.28 -37.29
C LYS S 78 -16.16 -38.09 -35.80
N ARG S 79 -17.19 -38.16 -34.96
CA ARG S 79 -17.06 -37.82 -33.53
C ARG S 79 -17.26 -39.02 -32.60
N LYS S 80 -16.82 -38.86 -31.35
CA LYS S 80 -17.13 -39.81 -30.28
C LYS S 80 -17.68 -39.10 -29.07
N THR S 81 -17.97 -37.81 -29.22
CA THR S 81 -18.71 -37.03 -28.23
C THR S 81 -20.09 -36.74 -28.78
N VAL S 82 -21.11 -37.33 -28.17
CA VAL S 82 -22.49 -37.14 -28.57
C VAL S 82 -22.98 -35.77 -28.11
N THR S 83 -23.52 -34.99 -29.03
CA THR S 83 -24.02 -33.64 -28.74
C THR S 83 -25.54 -33.64 -28.55
N ALA S 84 -26.05 -32.51 -28.07
CA ALA S 84 -27.50 -32.32 -27.95
C ALA S 84 -28.20 -32.39 -29.31
N MET S 85 -27.57 -31.84 -30.35
CA MET S 85 -28.14 -31.85 -31.70
C MET S 85 -28.32 -33.26 -32.29
N ASP S 86 -27.37 -34.15 -32.01
CA ASP S 86 -27.44 -35.55 -32.42
C ASP S 86 -28.70 -36.21 -31.88
N VAL S 87 -29.01 -35.91 -30.61
CA VAL S 87 -30.22 -36.39 -29.96
C VAL S 87 -31.44 -35.67 -30.55
N VAL S 88 -31.32 -34.37 -30.74
CA VAL S 88 -32.39 -33.55 -31.33
C VAL S 88 -32.83 -34.04 -32.72
N TYR S 89 -31.84 -34.42 -33.55
CA TYR S 89 -32.12 -34.99 -34.86
C TYR S 89 -32.81 -36.34 -34.73
N ALA S 90 -32.20 -37.22 -33.96
CA ALA S 90 -32.72 -38.57 -33.70
C ALA S 90 -34.16 -38.56 -33.17
N LEU S 91 -34.51 -37.50 -32.44
CA LEU S 91 -35.85 -37.34 -31.89
C LEU S 91 -36.90 -36.96 -32.92
N LYS S 92 -36.47 -36.29 -34.00
CA LYS S 92 -37.37 -35.94 -35.10
C LYS S 92 -37.59 -37.14 -36.00
N ARG S 93 -36.63 -38.07 -35.98
CA ARG S 93 -36.71 -39.29 -36.74
C ARG S 93 -37.73 -40.25 -36.12
N GLN S 94 -37.76 -40.31 -34.79
CA GLN S 94 -38.68 -41.20 -34.09
C GLN S 94 -40.13 -40.70 -34.12
N GLY S 95 -40.32 -39.37 -34.12
CA GLY S 95 -41.64 -38.79 -34.30
C GLY S 95 -42.08 -37.82 -33.23
N ARG S 96 -42.45 -36.62 -33.65
CA ARG S 96 -43.06 -35.64 -32.76
C ARG S 96 -44.58 -35.83 -32.77
N THR S 97 -45.15 -36.10 -31.61
CA THR S 97 -46.61 -36.12 -31.47
C THR S 97 -47.03 -34.82 -30.77
N LEU S 98 -47.98 -34.12 -31.37
CA LEU S 98 -48.73 -33.08 -30.66
C LEU S 98 -50.22 -33.28 -30.89
N TYR S 99 -51.03 -32.53 -30.16
CA TYR S 99 -52.44 -32.89 -29.98
C TYR S 99 -53.41 -32.13 -30.87
N GLY S 100 -52.94 -31.82 -32.09
CA GLY S 100 -53.74 -31.14 -33.10
C GLY S 100 -52.89 -30.88 -34.33
N PHE S 101 -53.44 -30.11 -35.28
CA PHE S 101 -52.70 -29.73 -36.46
C PHE S 101 -52.27 -28.27 -36.33
N GLY S 102 -50.97 -28.00 -36.41
CA GLY S 102 -50.46 -26.65 -36.29
C GLY S 102 -48.99 -26.59 -35.93
N GLY T 8 -54.33 -52.92 -8.10
CA GLY T 8 -55.02 -51.63 -8.41
C GLY T 8 -54.76 -50.57 -7.35
N GLU T 9 -53.61 -49.91 -7.45
CA GLU T 9 -53.15 -48.95 -6.45
C GLU T 9 -53.80 -47.58 -6.57
N GLU T 10 -54.09 -46.97 -5.42
CA GLU T 10 -54.52 -45.58 -5.36
C GLU T 10 -53.28 -44.68 -5.43
N LEU T 11 -53.43 -43.49 -6.02
CA LEU T 11 -52.28 -42.66 -6.37
C LEU T 11 -52.29 -41.28 -5.70
N ILE T 12 -53.41 -40.94 -5.07
CA ILE T 12 -53.59 -39.63 -4.42
C ILE T 12 -53.81 -39.81 -2.92
N GLY T 13 -53.16 -38.96 -2.11
CA GLY T 13 -53.36 -38.93 -0.66
C GLY T 13 -52.19 -39.43 0.18
N ASP T 14 -52.47 -40.45 1.01
CA ASP T 14 -51.49 -41.06 1.91
C ASP T 14 -50.32 -41.67 1.15
N GLY T 15 -49.12 -41.16 1.42
CA GLY T 15 -47.89 -41.67 0.81
C GLY T 15 -47.45 -40.89 -0.41
N MET T 16 -48.14 -39.79 -0.70
CA MET T 16 -47.83 -38.95 -1.87
C MET T 16 -46.52 -38.17 -1.71
N GLU T 17 -46.45 -37.39 -0.65
CA GLU T 17 -45.28 -36.55 -0.39
C GLU T 17 -44.02 -37.40 -0.24
N ARG T 18 -44.19 -38.66 0.15
CA ARG T 18 -43.12 -39.64 0.23
C ARG T 18 -42.43 -39.86 -1.13
N ASP T 19 -43.20 -39.72 -2.21
CA ASP T 19 -42.68 -39.93 -3.56
C ASP T 19 -41.92 -38.73 -4.12
N TYR T 20 -42.08 -37.56 -3.50
CA TYR T 20 -41.51 -36.32 -4.04
C TYR T 20 -40.43 -35.68 -3.18
N ARG T 21 -39.74 -36.50 -2.37
CA ARG T 21 -38.62 -36.03 -1.56
C ARG T 21 -37.38 -35.79 -2.43
N ALA T 22 -36.63 -34.75 -2.13
CA ALA T 22 -35.40 -34.45 -2.86
C ALA T 22 -34.26 -35.35 -2.38
N ILE T 23 -33.47 -35.84 -3.32
CA ILE T 23 -32.30 -36.67 -3.04
C ILE T 23 -31.13 -36.19 -3.90
N PRO T 24 -30.40 -35.16 -3.42
CA PRO T 24 -29.31 -34.53 -4.18
C PRO T 24 -28.21 -35.50 -4.63
N GLU T 25 -28.14 -36.66 -3.99
CA GLU T 25 -27.18 -37.70 -4.31
C GLU T 25 -27.58 -38.44 -5.60
N LEU T 26 -28.83 -38.25 -6.01
CA LEU T 26 -29.39 -38.86 -7.23
C LEU T 26 -29.89 -37.81 -8.25
N ASP T 27 -30.02 -36.57 -7.79
CA ASP T 27 -30.69 -35.50 -8.57
C ASP T 27 -29.78 -34.66 -9.48
N ALA T 28 -28.51 -35.02 -9.57
CA ALA T 28 -27.61 -34.39 -10.53
C ALA T 28 -26.77 -35.46 -11.21
N TYR T 29 -26.38 -35.21 -12.46
CA TYR T 29 -25.66 -36.20 -13.24
C TYR T 29 -24.26 -36.48 -12.71
N GLU T 30 -23.81 -37.72 -12.92
CA GLU T 30 -22.47 -38.19 -12.55
C GLU T 30 -21.42 -37.60 -13.50
N ALA T 31 -20.26 -37.25 -12.97
CA ALA T 31 -19.17 -36.67 -13.77
C ALA T 31 -18.65 -37.67 -14.81
N GLU T 32 -18.35 -38.89 -14.37
CA GLU T 32 -17.86 -39.93 -15.25
C GLU T 32 -18.90 -40.25 -16.33
N GLY T 33 -18.42 -40.51 -17.55
CA GLY T 33 -19.28 -40.86 -18.66
C GLY T 33 -19.57 -39.69 -19.58
N LEU T 34 -19.54 -38.49 -19.02
CA LEU T 34 -19.79 -37.27 -19.78
C LEU T 34 -18.52 -36.72 -20.42
N ALA T 35 -18.68 -35.70 -21.27
CA ALA T 35 -17.55 -35.01 -21.90
C ALA T 35 -16.62 -34.43 -20.85
N LEU T 36 -15.32 -34.52 -21.12
CA LEU T 36 -14.28 -34.12 -20.18
C LEU T 36 -14.23 -32.61 -19.99
N ASP T 37 -14.40 -31.89 -21.09
CA ASP T 37 -14.23 -30.44 -21.16
C ASP T 37 -15.46 -29.77 -21.75
N ASP T 38 -15.41 -28.46 -21.95
CA ASP T 38 -16.52 -27.76 -22.58
C ASP T 38 -16.20 -27.28 -23.99
N GLU T 39 -15.22 -27.92 -24.64
CA GLU T 39 -14.79 -27.52 -25.99
C GLU T 39 -15.89 -27.75 -27.02
N ASP T 40 -16.00 -26.84 -27.98
CA ASP T 40 -17.05 -26.88 -28.99
C ASP T 40 -16.88 -28.04 -29.96
N VAL T 41 -17.93 -28.82 -30.09
CA VAL T 41 -17.93 -30.00 -30.95
C VAL T 41 -18.65 -29.66 -32.26
N GLU T 42 -18.09 -30.14 -33.38
CA GLU T 42 -18.62 -29.84 -34.72
C GLU T 42 -19.93 -30.55 -35.04
N GLU T 43 -20.95 -29.77 -35.37
CA GLU T 43 -22.27 -30.29 -35.67
C GLU T 43 -22.34 -30.96 -37.05
N LEU T 44 -23.35 -31.79 -37.25
CA LEU T 44 -23.53 -32.51 -38.51
C LEU T 44 -23.78 -31.56 -39.66
N THR T 45 -23.00 -31.74 -40.73
CA THR T 45 -23.16 -30.94 -41.93
C THR T 45 -24.35 -31.44 -42.77
N ALA T 46 -24.60 -30.80 -43.90
CA ALA T 46 -25.66 -31.19 -44.81
C ALA T 46 -25.47 -32.63 -45.26
N SER T 47 -24.29 -32.91 -45.82
CA SER T 47 -23.97 -34.22 -46.40
C SER T 47 -23.82 -35.31 -45.35
N GLN T 48 -23.32 -34.95 -44.16
CA GLN T 48 -23.16 -35.90 -43.06
C GLN T 48 -24.52 -36.41 -42.56
N ARG T 49 -25.49 -35.51 -42.40
CA ARG T 49 -26.84 -35.89 -41.97
C ARG T 49 -27.55 -36.72 -43.03
N GLU T 50 -27.37 -36.32 -44.30
CA GLU T 50 -27.88 -37.04 -45.45
C GLU T 50 -27.38 -38.48 -45.47
N ALA T 51 -26.06 -38.67 -45.52
CA ALA T 51 -25.45 -39.98 -45.60
C ALA T 51 -25.83 -40.87 -44.42
N ALA T 52 -26.05 -40.24 -43.26
CA ALA T 52 -26.46 -40.94 -42.05
C ALA T 52 -27.85 -41.57 -42.22
N GLU T 53 -28.82 -40.77 -42.63
CA GLU T 53 -30.20 -41.22 -42.80
C GLU T 53 -30.34 -42.34 -43.82
N ARG T 54 -29.48 -42.34 -44.84
CA ARG T 54 -29.46 -43.42 -45.82
C ARG T 54 -28.91 -44.70 -45.19
N ALA T 55 -27.92 -44.56 -44.32
CA ALA T 55 -27.35 -45.69 -43.61
C ALA T 55 -28.34 -46.30 -42.62
N MET T 56 -29.16 -45.45 -42.00
CA MET T 56 -30.16 -45.90 -41.02
C MET T 56 -31.37 -46.58 -41.67
N ARG T 57 -31.71 -46.18 -42.89
CA ARG T 57 -32.78 -46.85 -43.64
C ARG T 57 -32.36 -48.27 -44.02
N GLN T 58 -31.08 -48.44 -44.34
CA GLN T 58 -30.50 -49.76 -44.61
C GLN T 58 -30.83 -50.80 -43.52
N ARG T 59 -30.46 -50.50 -42.27
CA ARG T 59 -30.81 -51.37 -41.16
C ARG T 59 -32.32 -51.47 -40.96
N ASP T 60 -33.03 -50.37 -41.21
CA ASP T 60 -34.48 -50.35 -41.12
C ASP T 60 -35.16 -51.27 -42.14
N ARG T 61 -34.62 -51.31 -43.36
CA ARG T 61 -35.04 -52.30 -44.35
C ARG T 61 -34.69 -53.71 -43.88
N GLU T 62 -33.46 -53.90 -43.41
CA GLU T 62 -32.96 -55.21 -42.98
C GLU T 62 -34.00 -56.05 -42.24
N ALA T 63 -34.65 -55.45 -41.25
CA ALA T 63 -35.67 -56.12 -40.46
C ALA T 63 -36.81 -56.62 -41.34
N LYS U 16 -44.89 -49.82 30.36
CA LYS U 16 -45.97 -50.31 31.28
C LYS U 16 -45.87 -49.68 32.67
N VAL U 17 -44.63 -49.47 33.11
CA VAL U 17 -44.34 -48.78 34.37
C VAL U 17 -43.56 -47.51 34.05
N GLN U 18 -44.03 -46.38 34.59
CA GLN U 18 -43.34 -45.12 34.39
C GLN U 18 -43.08 -44.38 35.71
N VAL U 19 -41.82 -44.01 35.91
CA VAL U 19 -41.38 -43.25 37.08
C VAL U 19 -41.79 -41.79 36.91
N ASN U 20 -42.53 -41.28 37.89
CA ASN U 20 -43.06 -39.93 37.86
C ASN U 20 -42.15 -38.91 38.54
N ASN U 21 -41.58 -39.30 39.68
CA ASN U 21 -40.68 -38.42 40.42
C ASN U 21 -39.74 -39.17 41.36
N VAL U 22 -38.56 -38.60 41.57
CA VAL U 22 -37.58 -39.10 42.54
C VAL U 22 -37.11 -37.94 43.41
N VAL U 23 -37.17 -38.13 44.73
CA VAL U 23 -36.77 -37.11 45.70
C VAL U 23 -35.56 -37.58 46.52
N VAL U 24 -34.55 -36.72 46.65
CA VAL U 24 -33.39 -37.00 47.49
C VAL U 24 -33.65 -36.48 48.91
N LEU U 25 -33.69 -37.41 49.87
CA LEU U 25 -34.19 -37.14 51.23
C LEU U 25 -33.18 -36.53 52.22
N ASP U 26 -31.99 -37.11 52.30
CA ASP U 26 -30.93 -36.55 53.17
C ASP U 26 -29.75 -36.04 52.36
N ASN U 27 -29.87 -34.81 51.88
CA ASN U 27 -28.87 -34.20 51.01
C ASN U 27 -28.69 -32.72 51.31
N PRO U 28 -27.44 -32.26 51.47
CA PRO U 28 -26.20 -33.07 51.47
C PRO U 28 -26.04 -33.89 52.75
N SER U 29 -25.00 -34.73 52.79
CA SER U 29 -24.78 -35.64 53.91
C SER U 29 -23.32 -36.10 53.98
N PRO U 30 -22.86 -36.54 55.16
CA PRO U 30 -21.58 -37.26 55.29
C PRO U 30 -21.52 -38.48 54.36
N PHE U 31 -20.30 -38.88 54.00
CA PHE U 31 -20.10 -39.96 53.03
C PHE U 31 -20.65 -41.31 53.49
N TYR U 32 -20.45 -41.62 54.78
CA TYR U 32 -20.86 -42.93 55.33
C TYR U 32 -22.36 -43.07 55.59
N ASN U 33 -23.10 -41.99 55.35
CA ASN U 33 -24.57 -42.00 55.44
C ASN U 33 -25.21 -42.86 54.36
N PRO U 34 -26.30 -43.59 54.70
CA PRO U 34 -27.01 -44.36 53.68
C PRO U 34 -27.70 -43.46 52.66
N PHE U 35 -27.87 -43.97 51.45
CA PHE U 35 -28.58 -43.25 50.39
C PHE U 35 -30.10 -43.38 50.57
N GLN U 36 -30.78 -42.24 50.62
CA GLN U 36 -32.24 -42.23 50.79
C GLN U 36 -32.96 -41.50 49.66
N PHE U 37 -33.78 -42.26 48.93
CA PHE U 37 -34.58 -41.72 47.83
C PHE U 37 -36.06 -42.00 48.05
N GLU U 38 -36.90 -41.04 47.67
CA GLU U 38 -38.34 -41.27 47.59
C GLU U 38 -38.69 -41.44 46.11
N ILE U 39 -39.13 -42.64 45.76
CA ILE U 39 -39.41 -42.99 44.37
C ILE U 39 -40.93 -43.09 44.13
N THR U 40 -41.42 -42.29 43.20
CA THR U 40 -42.83 -42.29 42.84
C THR U 40 -43.00 -42.74 41.40
N PHE U 41 -43.65 -43.90 41.23
CA PHE U 41 -43.92 -44.45 39.90
C PHE U 41 -45.40 -44.75 39.71
N GLU U 42 -45.81 -44.90 38.44
CA GLU U 42 -47.18 -45.23 38.10
C GLU U 42 -47.26 -46.50 37.24
N CYS U 43 -48.25 -47.34 37.53
CA CYS U 43 -48.42 -48.62 36.86
C CYS U 43 -49.78 -48.69 36.16
N ILE U 44 -49.76 -49.11 34.89
CA ILE U 44 -50.97 -49.22 34.06
C ILE U 44 -51.86 -50.39 34.50
N GLU U 45 -51.26 -51.54 34.74
CA GLU U 45 -52.01 -52.79 34.94
C GLU U 45 -51.34 -53.75 35.92
N ASP U 46 -51.95 -54.93 36.09
CA ASP U 46 -51.42 -55.98 36.94
C ASP U 46 -50.15 -56.58 36.33
N LEU U 47 -49.10 -56.72 37.16
CA LEU U 47 -47.87 -57.35 36.72
C LEU U 47 -47.63 -58.64 37.48
N SER U 48 -47.43 -59.72 36.73
CA SER U 48 -47.28 -61.06 37.30
C SER U 48 -46.03 -61.22 38.16
N GLU U 49 -44.94 -60.56 37.74
CA GLU U 49 -43.65 -60.72 38.39
C GLU U 49 -43.23 -59.49 39.20
N ASP U 50 -41.96 -59.49 39.61
CA ASP U 50 -41.41 -58.44 40.45
C ASP U 50 -40.61 -57.41 39.66
N LEU U 51 -40.56 -56.19 40.19
CA LEU U 51 -39.66 -55.15 39.68
C LEU U 51 -38.42 -55.09 40.57
N GLU U 52 -37.24 -55.17 39.95
CA GLU U 52 -35.98 -55.11 40.67
C GLU U 52 -35.36 -53.72 40.62
N TRP U 53 -35.34 -53.05 41.78
CA TRP U 53 -34.74 -51.73 41.89
C TRP U 53 -33.30 -51.85 42.32
N LYS U 54 -32.43 -51.13 41.62
CA LYS U 54 -30.99 -51.14 41.93
C LYS U 54 -30.47 -49.72 42.12
N ILE U 55 -29.52 -49.57 43.05
CA ILE U 55 -28.78 -48.32 43.19
C ILE U 55 -27.29 -48.61 42.95
N ILE U 56 -26.70 -47.91 41.98
CA ILE U 56 -25.31 -48.15 41.59
C ILE U 56 -24.46 -46.91 41.84
N TYR U 57 -23.30 -47.11 42.47
CA TYR U 57 -22.34 -46.03 42.67
C TYR U 57 -21.14 -46.24 41.75
N VAL U 58 -20.84 -45.24 40.93
CA VAL U 58 -19.71 -45.31 40.00
C VAL U 58 -18.42 -44.93 40.74
N GLY U 59 -17.58 -45.93 40.99
CA GLY U 59 -16.32 -45.74 41.71
C GLY U 59 -15.29 -45.00 40.89
N SER U 60 -15.25 -45.30 39.59
CA SER U 60 -14.33 -44.61 38.67
C SER U 60 -14.97 -44.35 37.31
N ALA U 61 -14.72 -43.16 36.78
CA ALA U 61 -15.19 -42.77 35.46
C ALA U 61 -14.44 -43.52 34.35
N GLU U 62 -13.21 -43.92 34.64
CA GLU U 62 -12.34 -44.58 33.67
C GLU U 62 -12.72 -46.02 33.34
N SER U 63 -13.60 -46.61 34.15
CA SER U 63 -13.98 -48.01 33.95
C SER U 63 -15.29 -48.38 34.63
N GLU U 64 -16.04 -49.27 33.96
CA GLU U 64 -17.31 -49.79 34.49
C GLU U 64 -17.05 -50.82 35.57
N GLU U 65 -15.81 -51.30 35.65
CA GLU U 65 -15.41 -52.33 36.61
C GLU U 65 -15.50 -51.85 38.06
N TYR U 66 -15.50 -50.52 38.24
CA TYR U 66 -15.47 -49.94 39.57
C TYR U 66 -16.86 -49.52 40.07
N ASP U 67 -17.89 -50.02 39.41
CA ASP U 67 -19.26 -49.78 39.83
C ASP U 67 -19.64 -50.67 41.01
N GLN U 68 -20.31 -50.08 41.99
CA GLN U 68 -20.73 -50.79 43.19
C GLN U 68 -22.26 -50.78 43.29
N VAL U 69 -22.84 -51.97 43.20
CA VAL U 69 -24.29 -52.16 43.37
C VAL U 69 -24.61 -52.11 44.86
N LEU U 70 -25.02 -50.93 45.33
CA LEU U 70 -25.23 -50.67 46.76
C LEU U 70 -26.38 -51.47 47.41
N ASP U 71 -27.41 -51.79 46.62
CA ASP U 71 -28.54 -52.60 47.08
C ASP U 71 -29.34 -53.15 45.89
N SER U 72 -30.05 -54.26 46.12
CA SER U 72 -30.94 -54.84 45.11
C SER U 72 -32.25 -55.30 45.76
N VAL U 73 -33.37 -54.72 45.32
CA VAL U 73 -34.69 -54.98 45.90
C VAL U 73 -35.64 -55.55 44.86
N LEU U 74 -36.43 -56.55 45.25
CA LEU U 74 -37.48 -57.10 44.40
C LEU U 74 -38.86 -56.71 44.93
N VAL U 75 -39.64 -56.01 44.11
CA VAL U 75 -40.95 -55.48 44.51
C VAL U 75 -42.10 -56.18 43.77
N GLY U 76 -43.20 -56.41 44.48
CA GLY U 76 -44.40 -56.95 43.83
C GLY U 76 -45.10 -58.09 44.55
N PRO U 77 -46.17 -58.64 43.94
CA PRO U 77 -46.75 -58.18 42.67
C PRO U 77 -47.17 -56.71 42.72
N VAL U 78 -47.46 -56.12 41.56
CA VAL U 78 -47.68 -54.68 41.47
C VAL U 78 -49.15 -54.32 41.29
N PRO U 79 -49.70 -53.49 42.20
CA PRO U 79 -51.04 -52.94 42.01
C PRO U 79 -51.02 -51.82 40.97
N ALA U 80 -52.14 -51.61 40.30
CA ALA U 80 -52.26 -50.53 39.31
C ALA U 80 -52.43 -49.17 39.99
N GLY U 81 -51.89 -48.12 39.38
CA GLY U 81 -52.02 -46.76 39.89
C GLY U 81 -50.72 -46.16 40.42
N ARG U 82 -50.84 -45.14 41.27
CA ARG U 82 -49.69 -44.43 41.84
C ARG U 82 -49.14 -45.09 43.10
N HIS U 83 -47.86 -45.44 43.07
CA HIS U 83 -47.17 -46.05 44.21
C HIS U 83 -45.95 -45.28 44.60
N MET U 84 -45.65 -45.27 45.90
CA MET U 84 -44.52 -44.52 46.44
C MET U 84 -43.81 -45.32 47.52
N PHE U 85 -42.48 -45.44 47.39
CA PHE U 85 -41.65 -46.15 48.37
C PHE U 85 -40.31 -45.45 48.56
N VAL U 86 -39.66 -45.73 49.69
CA VAL U 86 -38.37 -45.13 50.02
C VAL U 86 -37.25 -46.16 49.89
N PHE U 87 -36.24 -45.84 49.08
CA PHE U 87 -35.08 -46.70 48.90
C PHE U 87 -33.98 -46.29 49.88
N GLN U 88 -33.52 -47.25 50.68
CA GLN U 88 -32.41 -47.03 51.59
C GLN U 88 -31.31 -48.05 51.32
N ALA U 89 -30.24 -47.58 50.69
CA ALA U 89 -29.10 -48.42 50.36
C ALA U 89 -27.86 -48.00 51.17
N ASP U 90 -26.94 -48.94 51.35
CA ASP U 90 -25.70 -48.68 52.08
C ASP U 90 -24.73 -47.81 51.29
N ALA U 91 -23.95 -46.99 52.01
CA ALA U 91 -22.91 -46.18 51.41
C ALA U 91 -21.87 -47.05 50.69
N PRO U 92 -21.22 -46.53 49.64
CA PRO U 92 -20.21 -47.29 48.90
C PRO U 92 -18.96 -47.58 49.73
N ASN U 93 -18.30 -48.69 49.43
CA ASN U 93 -17.07 -49.08 50.10
C ASN U 93 -15.88 -48.23 49.64
N PRO U 94 -15.28 -47.46 50.57
CA PRO U 94 -14.13 -46.60 50.27
C PRO U 94 -12.92 -47.40 49.79
N GLY U 95 -12.80 -48.63 50.28
CA GLY U 95 -11.70 -49.53 49.89
C GLY U 95 -11.72 -49.88 48.41
N LEU U 96 -12.89 -49.79 47.79
CA LEU U 96 -13.08 -50.12 46.37
C LEU U 96 -12.94 -48.92 45.42
N ILE U 97 -13.02 -47.72 45.97
CA ILE U 97 -12.94 -46.48 45.19
C ILE U 97 -11.48 -46.07 44.91
N PRO U 98 -11.10 -45.97 43.63
CA PRO U 98 -9.75 -45.51 43.29
C PRO U 98 -9.46 -44.12 43.85
N ASP U 99 -8.30 -43.99 44.49
CA ASP U 99 -7.89 -42.74 45.16
C ASP U 99 -7.95 -41.52 44.25
N ALA U 100 -7.54 -41.72 42.99
CA ALA U 100 -7.53 -40.66 41.99
C ALA U 100 -8.90 -40.01 41.78
N ASP U 101 -9.97 -40.78 42.00
CA ASP U 101 -11.33 -40.33 41.69
C ASP U 101 -12.20 -40.05 42.91
N ALA U 102 -11.67 -40.28 44.10
CA ALA U 102 -12.45 -40.16 45.33
C ALA U 102 -12.99 -38.75 45.56
N VAL U 103 -12.08 -37.79 45.72
CA VAL U 103 -12.46 -36.41 45.99
C VAL U 103 -12.68 -35.65 44.69
N GLY U 104 -13.95 -35.58 44.29
CA GLY U 104 -14.37 -34.97 43.04
C GLY U 104 -15.80 -35.36 42.73
N VAL U 105 -16.33 -34.87 41.62
CA VAL U 105 -17.70 -35.19 41.23
C VAL U 105 -17.77 -36.58 40.59
N THR U 106 -18.82 -37.33 40.96
CA THR U 106 -19.06 -38.65 40.39
C THR U 106 -20.55 -38.87 40.16
N VAL U 107 -20.93 -40.06 39.70
CA VAL U 107 -22.33 -40.34 39.33
C VAL U 107 -22.96 -41.52 40.06
N VAL U 108 -24.19 -41.31 40.52
CA VAL U 108 -24.99 -42.35 41.15
C VAL U 108 -26.15 -42.69 40.23
N LEU U 109 -26.54 -43.97 40.20
CA LEU U 109 -27.56 -44.45 39.27
C LEU U 109 -28.65 -45.25 39.95
N ILE U 110 -29.90 -44.85 39.71
CA ILE U 110 -31.06 -45.64 40.15
C ILE U 110 -31.69 -46.34 38.94
N THR U 111 -31.61 -47.67 38.92
CA THR U 111 -32.18 -48.46 37.81
C THR U 111 -33.34 -49.36 38.26
N CYS U 112 -34.12 -49.82 37.29
CA CYS U 112 -35.21 -50.74 37.54
C CYS U 112 -35.40 -51.71 36.38
N THR U 113 -35.60 -52.99 36.71
CA THR U 113 -35.78 -54.03 35.71
C THR U 113 -37.06 -54.82 35.96
N TYR U 114 -37.74 -55.22 34.89
CA TYR U 114 -38.86 -56.16 34.97
C TYR U 114 -38.51 -57.43 34.21
N ARG U 115 -38.69 -58.58 34.86
CA ARG U 115 -38.36 -59.90 34.28
C ARG U 115 -36.91 -59.97 33.77
N GLY U 116 -36.01 -59.29 34.50
CA GLY U 116 -34.58 -59.25 34.17
C GLY U 116 -34.19 -58.27 33.08
N GLN U 117 -35.17 -57.48 32.61
CA GLN U 117 -34.95 -56.53 31.52
C GLN U 117 -35.01 -55.10 32.03
N GLU U 118 -33.88 -54.39 31.91
CA GLU U 118 -33.75 -53.00 32.41
C GLU U 118 -34.46 -52.02 31.49
N PHE U 119 -35.37 -51.24 32.08
CA PHE U 119 -36.17 -50.28 31.30
C PHE U 119 -35.86 -48.81 31.60
N ILE U 120 -35.40 -48.52 32.81
CA ILE U 120 -35.09 -47.14 33.22
C ILE U 120 -33.79 -47.02 34.03
N ARG U 121 -33.01 -45.99 33.73
CA ARG U 121 -31.78 -45.68 34.45
C ARG U 121 -31.70 -44.18 34.72
N VAL U 122 -31.73 -43.81 35.99
CA VAL U 122 -31.76 -42.41 36.42
C VAL U 122 -30.41 -42.02 37.05
N GLY U 123 -29.73 -41.07 36.41
CA GLY U 123 -28.41 -40.66 36.86
C GLY U 123 -28.38 -39.31 37.55
N TYR U 124 -27.65 -39.24 38.68
CA TYR U 124 -27.43 -37.98 39.39
C TYR U 124 -25.95 -37.65 39.46
N TYR U 125 -25.64 -36.36 39.40
CA TYR U 125 -24.28 -35.89 39.65
C TYR U 125 -24.09 -35.70 41.15
N VAL U 126 -22.99 -36.25 41.66
CA VAL U 126 -22.70 -36.22 43.10
C VAL U 126 -21.30 -35.70 43.34
N ASN U 127 -21.22 -34.53 43.95
CA ASN U 127 -19.92 -33.94 44.29
C ASN U 127 -19.42 -34.39 45.64
N ASN U 128 -18.18 -34.89 45.66
CA ASN U 128 -17.49 -35.21 46.89
C ASN U 128 -16.63 -34.03 47.29
N GLU U 129 -16.69 -33.67 48.58
CA GLU U 129 -15.93 -32.53 49.09
C GLU U 129 -15.70 -32.62 50.60
N TYR U 130 -14.55 -32.13 51.04
CA TYR U 130 -14.25 -31.97 52.46
C TYR U 130 -14.93 -30.72 53.02
N THR U 131 -15.53 -30.86 54.20
CA THR U 131 -16.19 -29.74 54.88
C THR U 131 -15.21 -28.86 55.65
N GLU U 132 -13.92 -29.22 55.62
CA GLU U 132 -12.86 -28.48 56.31
C GLU U 132 -11.97 -27.70 55.34
N THR U 133 -11.80 -26.41 55.63
CA THR U 133 -11.03 -25.50 54.79
C THR U 133 -9.57 -25.97 54.59
N GLU U 134 -8.94 -26.40 55.68
CA GLU U 134 -7.54 -26.79 55.65
C GLU U 134 -7.29 -28.13 54.94
N LEU U 135 -8.31 -28.98 54.92
CA LEU U 135 -8.25 -30.24 54.16
C LEU U 135 -8.32 -30.01 52.65
N ARG U 136 -9.07 -28.99 52.24
CA ARG U 136 -9.16 -28.60 50.83
C ARG U 136 -7.91 -27.82 50.41
N GLU U 137 -7.36 -27.04 51.35
CA GLU U 137 -6.10 -26.32 51.12
C GLU U 137 -4.91 -27.28 51.04
N ASN U 138 -4.86 -28.24 51.95
CA ASN U 138 -3.87 -29.31 51.92
C ASN U 138 -4.53 -30.70 51.88
N PRO U 139 -4.81 -31.21 50.68
CA PRO U 139 -5.46 -32.51 50.54
C PRO U 139 -4.54 -33.67 50.93
N PRO U 140 -5.09 -34.67 51.65
CA PRO U 140 -4.30 -35.84 52.07
C PRO U 140 -4.13 -36.86 50.94
N VAL U 141 -2.95 -37.47 50.85
CA VAL U 141 -2.61 -38.41 49.78
C VAL U 141 -3.60 -39.58 49.71
N LYS U 142 -3.96 -40.12 50.86
CA LYS U 142 -5.00 -41.15 50.96
C LYS U 142 -6.27 -40.52 51.53
N PRO U 143 -7.35 -40.48 50.72
CA PRO U 143 -8.65 -39.87 51.05
C PRO U 143 -9.16 -40.18 52.47
N ASP U 144 -9.73 -39.16 53.12
CA ASP U 144 -10.35 -39.30 54.45
C ASP U 144 -11.87 -39.26 54.33
N PHE U 145 -12.46 -40.45 54.25
CA PHE U 145 -13.89 -40.61 53.97
C PHE U 145 -14.82 -40.11 55.07
N SER U 146 -14.35 -40.15 56.32
CA SER U 146 -15.14 -39.69 57.46
C SER U 146 -15.41 -38.17 57.41
N LYS U 147 -14.57 -37.44 56.69
CA LYS U 147 -14.69 -35.98 56.58
C LYS U 147 -15.21 -35.52 55.22
N LEU U 148 -15.47 -36.47 54.34
CA LEU U 148 -16.08 -36.18 53.05
C LEU U 148 -17.60 -36.07 53.18
N GLN U 149 -18.14 -34.97 52.66
CA GLN U 149 -19.57 -34.79 52.52
C GLN U 149 -19.90 -34.87 51.04
N ARG U 150 -21.06 -35.45 50.71
CA ARG U 150 -21.46 -35.62 49.31
C ARG U 150 -22.72 -34.83 48.93
N ASN U 151 -22.58 -33.88 48.03
CA ASN U 151 -23.72 -33.10 47.54
C ASN U 151 -24.27 -33.63 46.22
N ILE U 152 -25.44 -34.24 46.29
CA ILE U 152 -26.13 -34.76 45.11
C ILE U 152 -26.83 -33.62 44.38
N LEU U 153 -26.52 -33.45 43.10
CA LEU U 153 -27.22 -32.50 42.23
C LEU U 153 -28.61 -33.06 41.91
N ALA U 154 -29.52 -32.92 42.88
CA ALA U 154 -30.88 -33.48 42.80
C ALA U 154 -31.78 -32.68 41.86
N SER U 155 -31.33 -31.47 41.49
CA SER U 155 -32.06 -30.59 40.61
C SER U 155 -31.95 -30.98 39.14
N ASN U 156 -30.83 -31.58 38.75
CA ASN U 156 -30.58 -31.94 37.35
C ASN U 156 -30.39 -33.45 37.09
N PRO U 157 -31.46 -34.26 37.24
CA PRO U 157 -31.30 -35.68 36.91
C PRO U 157 -31.49 -35.93 35.42
N ARG U 158 -30.82 -36.97 34.90
CA ARG U 158 -30.96 -37.34 33.48
C ARG U 158 -31.56 -38.74 33.36
N VAL U 159 -32.77 -38.82 32.83
CA VAL U 159 -33.53 -40.08 32.78
C VAL U 159 -33.38 -40.77 31.42
N THR U 160 -32.82 -41.98 31.44
CA THR U 160 -32.63 -42.79 30.23
C THR U 160 -33.56 -44.00 30.24
N ARG U 161 -34.38 -44.12 29.20
CA ARG U 161 -35.36 -45.20 29.08
C ARG U 161 -35.06 -46.11 27.89
N PHE U 162 -35.23 -47.42 28.10
CA PHE U 162 -35.00 -48.44 27.07
C PHE U 162 -36.32 -49.15 26.78
N HIS U 163 -36.38 -49.88 25.66
CA HIS U 163 -37.60 -50.61 25.26
C HIS U 163 -37.55 -52.08 25.60
N ILE U 164 -38.42 -52.50 26.52
CA ILE U 164 -38.50 -53.90 26.95
C ILE U 164 -39.90 -54.50 26.78
N ASN U 165 -39.97 -55.83 26.78
CA ASN U 165 -41.23 -56.56 26.66
C ASN U 165 -42.05 -56.47 27.94
N GLU V 60 -25.04 -23.95 11.91
CA GLU V 60 -25.68 -25.30 11.79
C GLU V 60 -24.68 -26.45 11.68
N LEU V 61 -23.54 -26.17 11.04
CA LEU V 61 -22.50 -27.16 10.73
C LEU V 61 -21.80 -27.76 11.95
N LEU V 62 -22.10 -29.03 12.23
CA LEU V 62 -21.38 -29.76 13.26
C LEU V 62 -20.36 -30.70 12.63
N ILE V 63 -20.83 -31.74 11.95
CA ILE V 63 -19.92 -32.65 11.25
C ILE V 63 -20.08 -32.56 9.73
N ARG V 64 -18.96 -32.65 9.02
CA ARG V 64 -18.96 -32.61 7.56
C ARG V 64 -19.31 -33.98 6.99
N LYS V 65 -20.12 -33.94 5.93
CA LYS V 65 -20.82 -35.13 5.43
C LYS V 65 -19.93 -36.22 4.83
N LEU V 66 -19.17 -35.87 3.79
CA LEU V 66 -18.31 -36.83 3.10
C LEU V 66 -17.45 -37.69 4.04
N PRO V 67 -16.73 -37.06 5.00
CA PRO V 67 -15.96 -37.87 5.95
C PRO V 67 -16.83 -38.81 6.79
N PHE V 68 -18.00 -38.33 7.24
CA PHE V 68 -18.92 -39.14 8.06
C PHE V 68 -19.47 -40.34 7.30
N GLN V 69 -19.76 -40.14 6.02
CA GLN V 69 -20.25 -41.20 5.16
C GLN V 69 -19.16 -42.27 4.93
N ARG V 70 -17.93 -41.81 4.71
CA ARG V 70 -16.79 -42.71 4.59
C ARG V 70 -16.62 -43.54 5.87
N LEU V 71 -16.75 -42.86 7.01
CA LEU V 71 -16.66 -43.52 8.31
C LEU V 71 -17.74 -44.59 8.48
N VAL V 72 -18.98 -44.25 8.11
CA VAL V 72 -20.10 -45.18 8.21
C VAL V 72 -19.88 -46.42 7.32
N ARG V 73 -19.34 -46.19 6.13
CA ARG V 73 -18.97 -47.28 5.22
C ARG V 73 -17.97 -48.24 5.86
N GLU V 74 -16.90 -47.69 6.42
CA GLU V 74 -15.86 -48.48 7.06
C GLU V 74 -16.36 -49.36 8.21
N ILE V 75 -17.29 -48.82 9.00
CA ILE V 75 -17.85 -49.54 10.13
C ILE V 75 -18.75 -50.68 9.65
N ALA V 76 -19.62 -50.38 8.70
CA ALA V 76 -20.51 -51.37 8.09
C ALA V 76 -19.74 -52.37 7.24
N GLN V 77 -18.59 -51.94 6.72
CA GLN V 77 -17.66 -52.78 5.97
C GLN V 77 -17.31 -54.05 6.74
N ASP V 78 -17.07 -53.90 8.03
CA ASP V 78 -16.62 -55.00 8.89
C ASP V 78 -17.71 -56.00 9.24
N PHE V 79 -18.97 -55.57 9.17
CA PHE V 79 -20.09 -56.47 9.46
C PHE V 79 -20.58 -57.23 8.22
N LYS V 80 -20.58 -56.57 7.06
CA LYS V 80 -20.99 -57.19 5.80
C LYS V 80 -20.49 -56.44 4.57
N THR V 81 -19.69 -57.13 3.77
CA THR V 81 -19.40 -56.64 2.43
C THR V 81 -20.71 -56.63 1.66
N ASP V 82 -20.81 -55.70 0.71
CA ASP V 82 -21.95 -55.57 -0.21
C ASP V 82 -23.27 -55.11 0.43
N LEU V 83 -23.18 -54.17 1.37
CA LEU V 83 -24.35 -53.45 1.84
C LEU V 83 -24.42 -52.12 1.10
N ARG V 84 -25.62 -51.70 0.73
CA ARG V 84 -25.84 -50.36 0.19
C ARG V 84 -26.58 -49.53 1.21
N PHE V 85 -26.32 -48.23 1.22
CA PHE V 85 -26.98 -47.32 2.14
C PHE V 85 -27.95 -46.38 1.44
N GLN V 86 -29.03 -46.00 2.12
CA GLN V 86 -29.87 -44.92 1.66
C GLN V 86 -29.31 -43.62 2.19
N SER V 87 -29.33 -42.58 1.36
CA SER V 87 -28.81 -41.27 1.76
C SER V 87 -29.57 -40.73 2.98
N SER V 88 -30.88 -40.98 3.02
CA SER V 88 -31.72 -40.59 4.14
C SER V 88 -31.38 -41.34 5.44
N ALA V 89 -30.76 -42.51 5.30
CA ALA V 89 -30.30 -43.30 6.43
C ALA V 89 -29.01 -42.73 7.02
N VAL V 90 -28.04 -42.44 6.15
CA VAL V 90 -26.77 -41.84 6.54
C VAL V 90 -27.00 -40.48 7.21
N MET V 91 -28.03 -39.77 6.76
CA MET V 91 -28.41 -38.48 7.35
C MET V 91 -29.09 -38.64 8.71
N ALA V 92 -29.85 -39.73 8.86
CA ALA V 92 -30.45 -40.07 10.15
C ALA V 92 -29.37 -40.48 11.14
N LEU V 93 -28.40 -41.25 10.66
CA LEU V 93 -27.23 -41.63 11.45
C LEU V 93 -26.42 -40.42 11.89
N GLN V 94 -26.22 -39.48 10.97
CA GLN V 94 -25.45 -38.28 11.25
C GLN V 94 -26.13 -37.40 12.30
N GLU V 95 -27.43 -37.13 12.11
CA GLU V 95 -28.19 -36.38 13.09
C GLU V 95 -28.19 -37.05 14.46
N ALA V 96 -28.27 -38.37 14.46
CA ALA V 96 -28.18 -39.16 15.68
C ALA V 96 -26.85 -38.95 16.37
N CYS V 97 -25.76 -39.11 15.61
CA CYS V 97 -24.40 -38.95 16.13
C CYS V 97 -24.13 -37.55 16.66
N GLU V 98 -24.59 -36.54 15.92
CA GLU V 98 -24.40 -35.15 16.27
C GLU V 98 -25.19 -34.74 17.52
N ALA V 99 -26.48 -35.09 17.55
CA ALA V 99 -27.33 -34.75 18.70
C ALA V 99 -26.98 -35.54 19.96
N TYR V 100 -26.42 -36.73 19.79
CA TYR V 100 -25.93 -37.55 20.90
C TYR V 100 -24.71 -36.92 21.56
N LEU V 101 -23.74 -36.52 20.73
CA LEU V 101 -22.50 -35.90 21.20
C LEU V 101 -22.74 -34.49 21.72
N VAL V 102 -23.61 -33.74 21.05
CA VAL V 102 -23.90 -32.35 21.46
C VAL V 102 -24.56 -32.29 22.84
N GLY V 103 -25.50 -33.19 23.09
CA GLY V 103 -26.13 -33.32 24.41
C GLY V 103 -25.16 -33.88 25.44
N LEU V 104 -24.18 -34.65 24.97
CA LEU V 104 -23.12 -35.20 25.80
C LEU V 104 -22.14 -34.11 26.24
N PHE V 105 -21.85 -33.16 25.35
CA PHE V 105 -21.00 -32.03 25.68
C PHE V 105 -21.68 -31.05 26.65
N GLU V 106 -23.01 -30.98 26.60
CA GLU V 106 -23.78 -30.20 27.57
C GLU V 106 -23.63 -30.79 28.96
N ASP V 107 -23.72 -32.12 29.04
CA ASP V 107 -23.50 -32.85 30.28
C ASP V 107 -22.05 -32.72 30.74
N THR V 108 -21.12 -32.78 29.79
CA THR V 108 -19.70 -32.62 30.07
C THR V 108 -19.43 -31.23 30.67
N ASN V 109 -20.19 -30.24 30.20
CA ASN V 109 -20.07 -28.87 30.70
C ASN V 109 -20.69 -28.67 32.08
N LEU V 110 -21.82 -29.34 32.32
CA LEU V 110 -22.47 -29.32 33.64
C LEU V 110 -21.61 -30.00 34.68
N CYS V 111 -20.89 -31.03 34.25
CA CYS V 111 -19.96 -31.79 35.10
C CYS V 111 -18.74 -30.95 35.52
N ALA V 112 -18.17 -30.21 34.56
CA ALA V 112 -17.04 -29.33 34.85
C ALA V 112 -17.44 -28.09 35.66
N ILE V 113 -18.65 -27.57 35.41
CA ILE V 113 -19.21 -26.46 36.18
C ILE V 113 -19.43 -26.89 37.64
N HIS V 114 -19.98 -28.09 37.83
CA HIS V 114 -20.23 -28.65 39.16
C HIS V 114 -18.96 -28.98 39.88
N ALA V 115 -17.90 -29.28 39.12
CA ALA V 115 -16.57 -29.53 39.67
C ALA V 115 -15.71 -28.26 39.67
N LYS V 116 -16.37 -27.11 39.50
CA LYS V 116 -15.73 -25.78 39.56
C LYS V 116 -14.47 -25.61 38.70
N ARG V 117 -14.55 -26.06 37.45
CA ARG V 117 -13.51 -25.85 36.44
C ARG V 117 -14.14 -25.31 35.16
N VAL V 118 -13.43 -24.45 34.44
CA VAL V 118 -13.92 -23.93 33.16
C VAL V 118 -13.44 -24.75 31.96
N THR V 119 -12.40 -25.54 32.16
CA THR V 119 -11.84 -26.40 31.11
C THR V 119 -12.25 -27.85 31.33
N ILE V 120 -12.84 -28.45 30.29
CA ILE V 120 -13.31 -29.84 30.37
C ILE V 120 -12.18 -30.84 30.11
N MET V 121 -12.25 -31.96 30.82
CA MET V 121 -11.21 -33.00 30.77
C MET V 121 -11.82 -34.33 30.31
N PRO V 122 -10.98 -35.24 29.75
CA PRO V 122 -11.45 -36.55 29.29
C PRO V 122 -12.32 -37.30 30.30
N LYS V 123 -12.10 -37.06 31.59
CA LYS V 123 -12.89 -37.69 32.63
C LYS V 123 -14.32 -37.13 32.71
N ASP V 124 -14.48 -35.85 32.37
CA ASP V 124 -15.79 -35.21 32.36
C ASP V 124 -16.71 -35.84 31.31
N ILE V 125 -16.14 -36.19 30.16
CA ILE V 125 -16.85 -36.89 29.07
C ILE V 125 -17.29 -38.28 29.53
N GLN V 126 -16.34 -39.02 30.12
CA GLN V 126 -16.58 -40.37 30.63
C GLN V 126 -17.66 -40.41 31.71
N LEU V 127 -17.66 -39.39 32.58
CA LEU V 127 -18.68 -39.23 33.61
C LEU V 127 -20.03 -38.94 33.01
N ALA V 128 -20.04 -38.08 31.99
CA ALA V 128 -21.25 -37.72 31.25
C ALA V 128 -21.89 -38.94 30.59
N ARG V 129 -21.05 -39.83 30.04
CA ARG V 129 -21.50 -41.06 29.42
C ARG V 129 -22.25 -41.96 30.38
N ARG V 130 -21.87 -41.93 31.65
CA ARG V 130 -22.43 -42.82 32.66
C ARG V 130 -23.76 -42.31 33.22
N ILE V 131 -23.89 -40.99 33.37
CA ILE V 131 -25.14 -40.36 33.82
C ILE V 131 -26.22 -40.41 32.72
N ARG V 132 -25.79 -40.49 31.46
CA ARG V 132 -26.69 -40.57 30.32
C ARG V 132 -27.21 -41.98 30.04
N GLY V 133 -26.73 -42.95 30.81
CA GLY V 133 -27.26 -44.31 30.76
C GLY V 133 -26.33 -45.40 30.28
N GLU V 134 -25.38 -45.06 29.40
CA GLU V 134 -24.53 -46.05 28.73
C GLU V 134 -23.57 -46.79 29.67
N ARG V 135 -23.54 -48.12 29.55
CA ARG V 135 -22.73 -48.97 30.44
C ARG V 135 -21.58 -49.69 29.73
N ASP W 25 -8.44 -45.28 10.44
CA ASP W 25 -8.32 -44.58 9.12
C ASP W 25 -9.38 -43.50 8.95
N ASN W 26 -10.63 -43.93 8.79
CA ASN W 26 -11.73 -43.01 8.55
C ASN W 26 -12.26 -42.31 9.79
N ILE W 27 -11.94 -42.87 10.96
CA ILE W 27 -12.28 -42.25 12.24
C ILE W 27 -11.59 -40.89 12.36
N GLN W 28 -10.41 -40.77 11.76
CA GLN W 28 -9.70 -39.50 11.63
C GLN W 28 -10.57 -38.47 10.91
N GLY W 29 -11.55 -38.99 10.15
CA GLY W 29 -12.55 -38.17 9.45
C GLY W 29 -13.29 -37.16 10.32
N ILE W 30 -13.67 -37.58 11.52
CA ILE W 30 -14.18 -36.65 12.52
C ILE W 30 -13.00 -35.83 13.06
N THR W 31 -12.92 -34.58 12.61
CA THR W 31 -11.74 -33.75 12.79
C THR W 31 -11.77 -32.94 14.07
N LYS W 32 -10.62 -32.35 14.41
CA LYS W 32 -10.53 -31.41 15.53
C LYS W 32 -11.47 -30.22 15.37
N PRO W 33 -11.50 -29.58 14.18
CA PRO W 33 -12.50 -28.55 13.90
C PRO W 33 -13.94 -29.04 14.11
N ALA W 34 -14.21 -30.28 13.70
CA ALA W 34 -15.54 -30.88 13.86
C ALA W 34 -15.92 -31.02 15.33
N ILE W 35 -14.98 -31.50 16.12
CA ILE W 35 -15.18 -31.70 17.56
C ILE W 35 -15.43 -30.35 18.26
N ARG W 36 -14.69 -29.32 17.85
CA ARG W 36 -14.84 -27.97 18.40
C ARG W 36 -16.23 -27.39 18.15
N ARG W 37 -16.74 -27.58 16.93
CA ARG W 37 -18.08 -27.11 16.55
C ARG W 37 -19.16 -27.81 17.38
N LEU W 38 -18.93 -29.10 17.63
CA LEU W 38 -19.79 -29.91 18.47
C LEU W 38 -19.76 -29.41 19.91
N ALA W 39 -18.55 -29.12 20.40
CA ALA W 39 -18.33 -28.65 21.76
C ALA W 39 -18.99 -27.29 22.01
N ARG W 40 -18.80 -26.37 21.07
CA ARG W 40 -19.37 -25.04 21.15
C ARG W 40 -20.90 -25.09 21.24
N ARG W 41 -21.51 -25.97 20.46
CA ARG W 41 -22.95 -26.21 20.49
C ARG W 41 -23.40 -26.74 21.85
N GLY W 42 -22.52 -27.49 22.50
CA GLY W 42 -22.76 -28.00 23.85
C GLY W 42 -22.62 -26.95 24.93
N GLY W 43 -22.12 -25.78 24.55
CA GLY W 43 -21.93 -24.66 25.47
C GLY W 43 -20.58 -24.69 26.18
N VAL W 44 -19.63 -25.43 25.64
CA VAL W 44 -18.29 -25.55 26.24
C VAL W 44 -17.43 -24.38 25.77
N LYS W 45 -16.72 -23.76 26.72
CA LYS W 45 -15.93 -22.55 26.46
C LYS W 45 -14.45 -22.84 26.29
N ARG W 46 -13.96 -23.87 26.97
CA ARG W 46 -12.56 -24.30 26.93
C ARG W 46 -12.48 -25.83 26.96
N ILE W 47 -11.54 -26.39 26.22
CA ILE W 47 -11.35 -27.85 26.17
C ILE W 47 -9.91 -28.27 26.47
N SER W 48 -9.73 -29.50 26.93
CA SER W 48 -8.39 -30.08 27.07
C SER W 48 -7.85 -30.44 25.69
N GLY W 49 -6.52 -30.44 25.57
CA GLY W 49 -5.86 -30.88 24.35
C GLY W 49 -6.09 -32.34 24.08
N LEU W 50 -6.39 -33.09 25.14
CA LEU W 50 -6.59 -34.54 25.05
C LEU W 50 -8.02 -34.96 24.68
N ILE W 51 -8.94 -33.99 24.59
CA ILE W 51 -10.36 -34.25 24.27
C ILE W 51 -10.54 -34.92 22.91
N TYR W 52 -9.79 -34.47 21.91
CA TYR W 52 -9.90 -34.96 20.54
C TYR W 52 -9.78 -36.48 20.44
N GLU W 53 -8.68 -37.03 20.96
CA GLU W 53 -8.46 -38.47 20.95
C GLU W 53 -9.59 -39.21 21.66
N GLU W 54 -10.03 -38.67 22.79
CA GLU W 54 -11.12 -39.27 23.56
C GLU W 54 -12.42 -39.31 22.77
N THR W 55 -12.80 -38.18 22.18
CA THR W 55 -14.09 -38.03 21.50
C THR W 55 -14.23 -38.96 20.28
N ARG W 56 -13.12 -39.13 19.54
CA ARG W 56 -13.07 -40.05 18.41
C ARG W 56 -13.43 -41.48 18.82
N GLY W 57 -12.79 -41.95 19.88
CA GLY W 57 -13.09 -43.26 20.46
C GLY W 57 -14.53 -43.39 20.95
N VAL W 58 -15.06 -42.32 21.53
CA VAL W 58 -16.43 -42.33 22.07
C VAL W 58 -17.49 -42.47 20.97
N LEU W 59 -17.30 -41.73 19.87
CA LEU W 59 -18.22 -41.78 18.74
C LEU W 59 -18.18 -43.13 18.02
N LYS W 60 -16.99 -43.71 17.90
CA LYS W 60 -16.82 -45.02 17.29
C LYS W 60 -17.59 -46.09 18.05
N VAL W 61 -17.51 -46.07 19.38
CA VAL W 61 -18.35 -46.94 20.22
C VAL W 61 -19.81 -46.77 19.81
N PHE W 62 -20.28 -45.52 19.81
CA PHE W 62 -21.67 -45.20 19.51
C PHE W 62 -22.13 -45.64 18.12
N LEU W 63 -21.32 -45.35 17.10
CA LEU W 63 -21.66 -45.71 15.72
C LEU W 63 -21.67 -47.22 15.48
N GLU W 64 -20.61 -47.89 15.93
CA GLU W 64 -20.50 -49.34 15.77
C GLU W 64 -21.69 -50.07 16.36
N ASN W 65 -22.15 -49.60 17.52
CA ASN W 65 -23.33 -50.17 18.19
C ASN W 65 -24.63 -49.98 17.40
N VAL W 66 -24.85 -48.77 16.89
CA VAL W 66 -26.07 -48.44 16.14
C VAL W 66 -26.10 -49.15 14.79
N ILE W 67 -24.99 -49.06 14.05
CA ILE W 67 -24.87 -49.69 12.73
C ILE W 67 -25.00 -51.21 12.83
N ARG W 68 -24.34 -51.82 13.82
CA ARG W 68 -24.43 -53.26 14.08
C ARG W 68 -25.88 -53.70 14.22
N ASP W 69 -26.66 -52.94 14.98
CA ASP W 69 -28.09 -53.21 15.16
C ASP W 69 -28.87 -52.99 13.86
N ALA W 70 -28.59 -51.88 13.18
CA ALA W 70 -29.28 -51.52 11.94
C ALA W 70 -29.08 -52.56 10.83
N VAL W 71 -27.87 -53.07 10.71
CA VAL W 71 -27.55 -54.13 9.74
C VAL W 71 -28.29 -55.43 10.09
N THR W 72 -28.38 -55.75 11.38
CA THR W 72 -29.12 -56.91 11.85
C THR W 72 -30.57 -56.88 11.36
N TYR W 73 -31.22 -55.73 11.50
CA TYR W 73 -32.55 -55.49 10.95
C TYR W 73 -32.60 -55.75 9.44
N THR W 74 -31.66 -55.17 8.72
CA THR W 74 -31.57 -55.32 7.26
C THR W 74 -31.43 -56.79 6.84
N GLU W 75 -30.57 -57.53 7.53
CA GLU W 75 -30.36 -58.96 7.27
C GLU W 75 -31.63 -59.77 7.53
N HIS W 76 -32.39 -59.36 8.55
CA HIS W 76 -33.63 -60.04 8.92
C HIS W 76 -34.83 -59.61 8.10
N ALA W 77 -34.69 -58.55 7.32
CA ALA W 77 -35.72 -58.17 6.34
C ALA W 77 -35.39 -58.78 4.98
N LYS W 78 -34.31 -59.56 4.96
CA LYS W 78 -33.73 -60.17 3.74
C LYS W 78 -33.45 -59.14 2.65
N ARG W 79 -32.81 -58.05 3.04
CA ARG W 79 -32.45 -56.96 2.15
C ARG W 79 -30.94 -56.76 2.14
N LYS W 80 -30.44 -56.02 1.16
CA LYS W 80 -29.02 -55.64 1.14
C LYS W 80 -28.86 -54.12 1.06
N THR W 81 -29.91 -53.42 1.44
CA THR W 81 -29.91 -51.97 1.52
C THR W 81 -30.47 -51.56 2.87
N VAL W 82 -29.68 -50.80 3.62
CA VAL W 82 -30.11 -50.26 4.90
C VAL W 82 -30.96 -49.02 4.61
N THR W 83 -32.12 -48.95 5.24
CA THR W 83 -33.05 -47.84 5.04
C THR W 83 -33.00 -46.88 6.22
N ALA W 84 -33.75 -45.78 6.12
CA ALA W 84 -33.85 -44.81 7.20
C ALA W 84 -34.53 -45.40 8.43
N MET W 85 -35.49 -46.29 8.23
CA MET W 85 -36.24 -46.91 9.33
C MET W 85 -35.47 -47.99 10.08
N ASP W 86 -34.47 -48.59 9.42
CA ASP W 86 -33.58 -49.57 10.06
C ASP W 86 -32.71 -48.89 11.10
N VAL W 87 -32.28 -47.68 10.77
CA VAL W 87 -31.51 -46.84 11.67
C VAL W 87 -32.41 -46.35 12.82
N VAL W 88 -33.60 -45.87 12.48
CA VAL W 88 -34.57 -45.40 13.48
C VAL W 88 -34.89 -46.48 14.51
N TYR W 89 -35.07 -47.73 14.06
CA TYR W 89 -35.30 -48.87 14.95
C TYR W 89 -34.10 -49.13 15.85
N ALA W 90 -32.91 -49.17 15.24
CA ALA W 90 -31.64 -49.38 15.94
C ALA W 90 -31.34 -48.32 17.00
N LEU W 91 -31.88 -47.12 16.79
CA LEU W 91 -31.69 -45.99 17.71
C LEU W 91 -32.66 -46.01 18.89
N LYS W 92 -33.79 -46.71 18.72
CA LYS W 92 -34.71 -46.96 19.83
C LYS W 92 -34.06 -47.91 20.83
N ARG W 93 -33.13 -48.71 20.32
CA ARG W 93 -32.45 -49.73 21.10
C ARG W 93 -31.32 -49.18 21.97
N GLN W 94 -30.85 -47.97 21.63
CA GLN W 94 -29.77 -47.34 22.40
C GLN W 94 -30.27 -46.69 23.68
N GLY W 95 -31.49 -46.16 23.65
CA GLY W 95 -32.08 -45.52 24.83
C GLY W 95 -32.35 -44.06 24.61
N ARG W 96 -33.31 -43.51 25.37
CA ARG W 96 -33.71 -42.11 25.23
C ARG W 96 -33.45 -41.33 26.51
N THR W 97 -32.44 -40.45 26.46
CA THR W 97 -32.07 -39.63 27.60
C THR W 97 -32.80 -38.28 27.54
N LEU W 98 -33.37 -37.88 28.67
CA LEU W 98 -34.15 -36.65 28.74
C LEU W 98 -33.95 -35.96 30.09
N TYR W 99 -34.03 -34.64 30.10
CA TYR W 99 -33.78 -33.85 31.31
C TYR W 99 -35.05 -33.66 32.13
N GLY W 100 -35.25 -34.54 33.12
CA GLY W 100 -36.41 -34.47 34.01
C GLY W 100 -37.44 -35.56 33.77
N PHE W 101 -38.66 -35.33 34.25
CA PHE W 101 -39.75 -36.28 34.11
C PHE W 101 -40.93 -35.67 33.37
N ASP X 7 -6.52 -25.22 32.77
CA ASP X 7 -5.45 -25.69 31.86
C ASP X 7 -6.02 -26.30 30.59
N GLY X 8 -5.99 -25.55 29.49
CA GLY X 8 -6.49 -26.05 28.20
C GLY X 8 -6.55 -25.06 27.05
N GLU X 9 -7.16 -25.50 25.95
CA GLU X 9 -7.31 -24.68 24.74
C GLU X 9 -8.56 -23.82 24.78
N GLU X 10 -8.44 -22.60 24.26
CA GLU X 10 -9.56 -21.67 24.18
C GLU X 10 -10.38 -21.94 22.91
N LEU X 11 -11.70 -21.70 23.00
CA LEU X 11 -12.63 -22.06 21.93
C LEU X 11 -13.38 -20.87 21.34
N ILE X 12 -13.30 -19.71 22.00
CA ILE X 12 -14.00 -18.49 21.56
C ILE X 12 -12.99 -17.36 21.29
N GLY X 13 -13.20 -16.63 20.20
CA GLY X 13 -12.35 -15.47 19.86
C GLY X 13 -11.82 -15.49 18.43
N ASP X 14 -10.55 -15.16 18.27
CA ASP X 14 -9.88 -15.16 16.96
C ASP X 14 -9.73 -16.58 16.41
N GLY X 15 -10.23 -16.79 15.20
CA GLY X 15 -10.18 -18.10 14.54
C GLY X 15 -11.46 -18.90 14.68
N MET X 16 -12.50 -18.27 15.23
CA MET X 16 -13.81 -18.91 15.43
C MET X 16 -14.53 -19.19 14.11
N GLU X 17 -14.77 -18.13 13.33
CA GLU X 17 -15.47 -18.27 12.06
C GLU X 17 -14.63 -19.02 11.01
N ARG X 18 -13.34 -19.21 11.31
CA ARG X 18 -12.45 -20.04 10.51
C ARG X 18 -12.87 -21.52 10.50
N ASP X 19 -13.48 -21.97 11.59
CA ASP X 19 -14.03 -23.33 11.71
C ASP X 19 -15.39 -23.51 11.04
N TYR X 20 -16.10 -22.41 10.82
CA TYR X 20 -17.50 -22.46 10.36
C TYR X 20 -17.70 -22.14 8.87
N ARG X 21 -16.60 -22.05 8.13
CA ARG X 21 -16.64 -21.79 6.68
C ARG X 21 -17.08 -23.02 5.89
N ALA X 22 -18.05 -22.85 5.00
CA ALA X 22 -18.57 -23.95 4.17
C ALA X 22 -17.55 -24.45 3.14
N ILE X 23 -17.39 -25.76 3.07
CA ILE X 23 -16.56 -26.38 2.04
C ILE X 23 -17.46 -27.28 1.19
N PRO X 24 -17.92 -26.77 0.03
CA PRO X 24 -18.85 -27.47 -0.85
C PRO X 24 -18.41 -28.90 -1.17
N GLU X 25 -17.09 -29.11 -1.28
CA GLU X 25 -16.52 -30.41 -1.67
C GLU X 25 -16.62 -31.47 -0.56
N LEU X 26 -17.09 -31.06 0.61
CA LEU X 26 -17.26 -31.96 1.75
C LEU X 26 -18.66 -31.83 2.35
N ASP X 27 -19.36 -30.74 2.04
CA ASP X 27 -20.66 -30.43 2.63
C ASP X 27 -21.84 -31.20 2.03
N ALA X 28 -21.57 -32.19 1.18
CA ALA X 28 -22.60 -33.02 0.57
C ALA X 28 -22.16 -34.48 0.44
N TYR X 29 -23.10 -35.40 0.60
CA TYR X 29 -22.81 -36.84 0.57
C TYR X 29 -22.34 -37.34 -0.79
N GLU X 30 -21.46 -38.34 -0.77
CA GLU X 30 -20.93 -38.97 -1.98
C GLU X 30 -21.91 -39.97 -2.57
N ALA X 31 -21.89 -40.11 -3.89
CA ALA X 31 -22.77 -41.03 -4.61
C ALA X 31 -22.41 -42.49 -4.37
N GLU X 32 -21.14 -42.83 -4.49
CA GLU X 32 -20.70 -44.22 -4.34
C GLU X 32 -20.92 -44.70 -2.91
N GLY X 33 -21.24 -45.98 -2.77
CA GLY X 33 -21.54 -46.57 -1.48
C GLY X 33 -23.01 -46.48 -1.13
N LEU X 34 -23.77 -45.72 -1.91
CA LEU X 34 -25.20 -45.54 -1.67
C LEU X 34 -26.09 -46.41 -2.57
N ALA X 35 -27.39 -46.40 -2.27
CA ALA X 35 -28.40 -47.08 -3.06
C ALA X 35 -28.44 -46.46 -4.45
N LEU X 36 -28.49 -47.31 -5.47
CA LEU X 36 -28.36 -46.89 -6.87
C LEU X 36 -29.50 -46.02 -7.38
N ASP X 37 -30.68 -46.14 -6.76
CA ASP X 37 -31.84 -45.34 -7.13
C ASP X 37 -32.85 -45.23 -6.00
N ASP X 38 -34.03 -44.67 -6.28
CA ASP X 38 -35.05 -44.48 -5.26
C ASP X 38 -36.17 -45.51 -5.33
N GLU X 39 -35.80 -46.79 -5.38
CA GLU X 39 -36.77 -47.88 -5.48
C GLU X 39 -37.59 -48.05 -4.20
N ASP X 40 -38.79 -48.57 -4.34
CA ASP X 40 -39.69 -48.81 -3.21
C ASP X 40 -39.21 -49.94 -2.30
N VAL X 41 -38.24 -49.63 -1.44
CA VAL X 41 -37.78 -50.59 -0.45
C VAL X 41 -38.76 -50.60 0.72
N GLU X 42 -39.31 -51.77 1.00
CA GLU X 42 -40.31 -51.94 2.07
C GLU X 42 -39.67 -52.37 3.37
N GLU X 43 -40.17 -51.80 4.46
CA GLU X 43 -39.57 -51.96 5.79
C GLU X 43 -39.86 -53.31 6.41
N LEU X 44 -39.17 -53.60 7.51
CA LEU X 44 -39.37 -54.84 8.26
C LEU X 44 -40.82 -55.01 8.66
N THR X 45 -41.31 -56.24 8.57
CA THR X 45 -42.62 -56.58 9.06
C THR X 45 -42.56 -56.68 10.58
N ALA X 46 -43.72 -56.86 11.23
CA ALA X 46 -43.78 -57.02 12.68
C ALA X 46 -42.94 -58.20 13.18
N SER X 47 -43.08 -59.35 12.49
CA SER X 47 -42.36 -60.57 12.85
C SER X 47 -40.85 -60.46 12.62
N GLN X 48 -40.48 -59.87 11.48
CA GLN X 48 -39.07 -59.66 11.12
C GLN X 48 -38.33 -58.79 12.13
N ARG X 49 -39.03 -57.77 12.63
CA ARG X 49 -38.48 -56.85 13.63
C ARG X 49 -38.12 -57.58 14.92
N GLU X 50 -39.03 -58.43 15.39
CA GLU X 50 -38.80 -59.20 16.62
C GLU X 50 -37.74 -60.28 16.42
N ALA X 51 -37.87 -61.05 15.33
CA ALA X 51 -36.89 -62.09 14.98
C ALA X 51 -35.47 -61.55 14.94
N ALA X 52 -35.34 -60.29 14.51
CA ALA X 52 -34.07 -59.58 14.59
C ALA X 52 -33.71 -59.27 16.04
N GLU X 53 -34.64 -58.63 16.76
CA GLU X 53 -34.41 -58.20 18.14
C GLU X 53 -34.04 -59.33 19.10
N ARG X 54 -34.61 -60.51 18.87
CA ARG X 54 -34.28 -61.69 19.68
C ARG X 54 -32.86 -62.20 19.41
N ALA X 55 -32.46 -62.19 18.14
CA ALA X 55 -31.13 -62.65 17.72
C ALA X 55 -29.99 -61.80 18.30
N MET X 56 -30.27 -60.53 18.58
CA MET X 56 -29.26 -59.59 19.10
C MET X 56 -28.92 -59.88 20.57
N ARG X 57 -29.88 -60.45 21.29
CA ARG X 57 -29.65 -60.88 22.68
C ARG X 57 -28.64 -62.01 22.78
N GLN X 58 -28.42 -62.71 21.66
CA GLN X 58 -27.37 -63.73 21.55
C GLN X 58 -25.99 -63.15 21.84
N ARG X 59 -25.60 -62.14 21.07
CA ARG X 59 -24.33 -61.44 21.29
C ARG X 59 -24.38 -60.59 22.57
N ASP X 60 -25.58 -60.15 22.95
CA ASP X 60 -25.78 -59.27 24.10
C ASP X 60 -25.39 -59.92 25.43
N ARG X 61 -26.18 -60.88 25.87
CA ARG X 61 -26.00 -61.52 27.17
C ARG X 61 -24.89 -62.57 27.18
N GLU X 62 -24.57 -63.10 26.00
CA GLU X 62 -23.47 -64.05 25.85
C GLU X 62 -22.13 -63.46 26.28
#